data_8R05
#
_entry.id   8R05
#
_cell.length_a   96.070
_cell.length_b   177.940
_cell.length_c   102.840
_cell.angle_alpha   90.00
_cell.angle_beta   112.16
_cell.angle_gamma   90.00
#
_symmetry.space_group_name_H-M   'P 1 21 1'
#
loop_
_entity.id
_entity.type
_entity.pdbx_description
1 polymer 'ATP-dependent Clp protease proteolytic subunit'
2 non-polymer 'Cystargolide A (bound)'
3 water water
#
_entity_poly.entity_id   1
_entity_poly.type   'polypeptide(L)'
_entity_poly.pdbx_seq_one_letter_code
;GSSYSDKRDQYAPHMALVPMVVEQTTRGERSYDIYSRLLKERIIFLTGQVEDHMANLVAAQMLFLEAENPEKDIFLYINS
PGGVITAGMSIYDTMQFIKPDVSTICMGQACSMGAFLLTAGAKGKRICLPNSRVMIHQPLGGFQGQATDIEIHAQEILKV
KSRMNELMAKHTGRPIEEIAKDTERDRFLSADEAVEYGLVDKIFTHRD
;
_entity_poly.pdbx_strand_id   A,B,C,D,E,F,G,H,I,J,K,L,M,N
#
# COMPACT_ATOMS: atom_id res chain seq x y z
N LEU A 17 -14.32 -16.64 19.97
CA LEU A 17 -14.53 -16.82 21.44
C LEU A 17 -14.13 -18.23 21.84
N VAL A 18 -13.96 -18.49 23.15
CA VAL A 18 -13.82 -19.86 23.73
C VAL A 18 -14.75 -19.97 24.93
N PRO A 19 -15.73 -20.90 24.92
CA PRO A 19 -16.69 -21.03 26.02
C PRO A 19 -16.05 -21.69 27.24
N MET A 20 -16.39 -21.18 28.44
CA MET A 20 -15.86 -21.65 29.75
C MET A 20 -16.87 -22.58 30.40
N VAL A 21 -16.39 -23.50 31.25
CA VAL A 21 -17.24 -24.34 32.15
C VAL A 21 -16.79 -24.06 33.58
N VAL A 22 -17.74 -23.88 34.50
CA VAL A 22 -17.49 -23.61 35.95
C VAL A 22 -17.66 -24.92 36.73
N GLU A 23 -16.61 -25.33 37.44
CA GLU A 23 -16.65 -26.43 38.43
C GLU A 23 -16.71 -25.80 39.83
N GLN A 24 -17.73 -26.16 40.62
CA GLN A 24 -17.89 -25.67 42.02
C GLN A 24 -16.92 -26.46 42.92
N THR A 25 -16.26 -25.76 43.85
CA THR A 25 -15.32 -26.33 44.85
C THR A 25 -15.85 -25.97 46.25
N THR A 26 -15.13 -26.36 47.31
CA THR A 26 -15.44 -26.00 48.72
C THR A 26 -15.35 -24.47 48.88
N ARG A 27 -14.41 -23.83 48.16
CA ARG A 27 -14.14 -22.38 48.21
C ARG A 27 -14.74 -21.70 46.97
N GLY A 28 -16.04 -21.91 46.73
CA GLY A 28 -16.81 -21.27 45.65
C GLY A 28 -16.73 -22.03 44.34
N GLU A 29 -15.87 -21.56 43.42
CA GLU A 29 -15.86 -21.97 41.98
C GLU A 29 -14.44 -21.92 41.40
N ARG A 30 -14.22 -22.68 40.32
CA ARG A 30 -13.08 -22.51 39.38
C ARG A 30 -13.62 -22.67 37.94
N SER A 31 -12.83 -22.32 36.93
CA SER A 31 -13.25 -22.24 35.51
C SER A 31 -12.25 -22.96 34.59
N TYR A 32 -12.78 -23.77 33.65
CA TYR A 32 -12.03 -24.42 32.55
C TYR A 32 -12.56 -23.88 31.21
N ASP A 33 -11.66 -23.66 30.24
CA ASP A 33 -12.03 -23.50 28.80
C ASP A 33 -12.37 -24.89 28.27
N ILE A 34 -13.16 -24.96 27.19
CA ILE A 34 -13.75 -26.24 26.66
C ILE A 34 -12.62 -27.21 26.29
N TYR A 35 -11.51 -26.71 25.74
CA TYR A 35 -10.37 -27.53 25.25
C TYR A 35 -9.60 -28.12 26.43
N SER A 36 -9.38 -27.33 27.48
CA SER A 36 -8.75 -27.77 28.76
C SER A 36 -9.61 -28.84 29.42
N ARG A 37 -10.93 -28.70 29.33
CA ARG A 37 -11.93 -29.63 29.93
C ARG A 37 -11.84 -30.98 29.22
N LEU A 38 -11.78 -30.98 27.88
CA LEU A 38 -11.72 -32.21 27.03
C LEU A 38 -10.34 -32.85 27.14
N LEU A 39 -9.30 -32.09 27.51
CA LEU A 39 -7.93 -32.61 27.73
C LEU A 39 -7.93 -33.57 28.94
N LYS A 40 -8.83 -33.36 29.90
CA LYS A 40 -9.02 -34.26 31.08
C LYS A 40 -9.63 -35.60 30.63
N GLU A 41 -10.34 -35.61 29.50
CA GLU A 41 -10.87 -36.84 28.86
C GLU A 41 -9.82 -37.42 27.89
N ARG A 42 -8.59 -36.87 27.92
CA ARG A 42 -7.41 -37.31 27.12
C ARG A 42 -7.66 -37.06 25.63
N ILE A 43 -8.29 -35.94 25.28
CA ILE A 43 -8.60 -35.53 23.88
C ILE A 43 -7.74 -34.32 23.52
N ILE A 44 -6.90 -34.45 22.48
CA ILE A 44 -6.10 -33.36 21.88
C ILE A 44 -6.67 -33.04 20.50
N PHE A 45 -6.65 -31.77 20.09
CA PHE A 45 -7.09 -31.28 18.76
C PHE A 45 -5.88 -30.78 17.98
N LEU A 46 -5.70 -31.30 16.76
CA LEU A 46 -4.76 -30.78 15.72
C LEU A 46 -5.59 -30.17 14.59
N THR A 47 -5.73 -28.84 14.58
CA THR A 47 -6.65 -28.09 13.68
C THR A 47 -5.85 -27.06 12.87
N GLY A 48 -6.16 -26.94 11.58
CA GLY A 48 -5.57 -25.93 10.67
C GLY A 48 -4.18 -26.29 10.21
N GLN A 49 -3.40 -25.29 9.81
CA GLN A 49 -2.04 -25.45 9.19
C GLN A 49 -1.05 -25.95 10.25
N VAL A 50 -0.26 -26.96 9.89
CA VAL A 50 0.83 -27.54 10.75
C VAL A 50 2.04 -26.61 10.67
N GLU A 51 2.40 -25.98 11.80
CA GLU A 51 3.62 -25.13 11.95
C GLU A 51 4.17 -25.32 13.36
N ASP A 52 5.39 -24.84 13.61
CA ASP A 52 6.21 -25.17 14.80
C ASP A 52 5.38 -25.02 16.09
N HIS A 53 4.74 -23.86 16.26
CA HIS A 53 4.10 -23.42 17.54
C HIS A 53 2.89 -24.29 17.87
N MET A 54 1.91 -24.39 16.96
CA MET A 54 0.67 -25.20 17.17
C MET A 54 1.03 -26.68 17.34
N ALA A 55 2.11 -27.14 16.68
CA ALA A 55 2.62 -28.54 16.74
C ALA A 55 3.27 -28.78 18.09
N ASN A 56 4.07 -27.84 18.57
CA ASN A 56 4.72 -27.87 19.90
C ASN A 56 3.65 -28.02 21.00
N LEU A 57 2.53 -27.31 20.85
CA LEU A 57 1.36 -27.33 21.78
C LEU A 57 0.76 -28.74 21.81
N VAL A 58 0.68 -29.41 20.65
CA VAL A 58 0.15 -30.80 20.53
C VAL A 58 1.10 -31.76 21.27
N ALA A 59 2.40 -31.65 21.01
CA ALA A 59 3.47 -32.48 21.64
C ALA A 59 3.44 -32.30 23.16
N ALA A 60 3.34 -31.05 23.62
CA ALA A 60 3.26 -30.66 25.05
C ALA A 60 2.06 -31.35 25.72
N GLN A 61 0.90 -31.35 25.06
CA GLN A 61 -0.35 -32.01 25.54
C GLN A 61 -0.09 -33.52 25.69
N MET A 62 0.62 -34.13 24.73
CA MET A 62 0.93 -35.58 24.70
C MET A 62 1.87 -35.92 25.88
N LEU A 63 2.93 -35.14 26.08
CA LEU A 63 3.91 -35.31 27.19
C LEU A 63 3.21 -35.15 28.54
N PHE A 64 2.25 -34.22 28.63
CA PHE A 64 1.42 -33.99 29.84
C PHE A 64 0.56 -35.21 30.12
N LEU A 65 -0.17 -35.70 29.12
CA LEU A 65 -1.13 -36.84 29.25
C LEU A 65 -0.38 -38.13 29.57
N GLU A 66 0.89 -38.25 29.16
CA GLU A 66 1.77 -39.41 29.51
C GLU A 66 2.08 -39.36 31.01
N ALA A 67 2.54 -38.20 31.50
CA ALA A 67 2.92 -37.97 32.92
C ALA A 67 1.71 -38.24 33.83
N GLU A 68 0.51 -37.84 33.39
CA GLU A 68 -0.76 -38.01 34.16
C GLU A 68 -1.10 -39.51 34.27
N ASN A 69 -0.99 -40.25 33.16
CA ASN A 69 -1.31 -41.71 33.09
C ASN A 69 -0.66 -42.28 31.84
N PRO A 70 0.46 -43.03 31.95
CA PRO A 70 1.19 -43.54 30.79
C PRO A 70 0.64 -44.83 30.16
N GLU A 71 -0.52 -45.32 30.60
CA GLU A 71 -1.12 -46.61 30.14
C GLU A 71 -2.48 -46.39 29.45
N LYS A 72 -3.18 -45.27 29.72
CA LYS A 72 -4.48 -44.93 29.08
C LYS A 72 -4.23 -44.33 27.69
N ASP A 73 -5.16 -44.58 26.75
CA ASP A 73 -5.10 -44.11 25.35
C ASP A 73 -5.19 -42.57 25.30
N ILE A 74 -4.61 -41.98 24.25
CA ILE A 74 -4.75 -40.54 23.88
C ILE A 74 -5.51 -40.46 22.55
N PHE A 75 -6.54 -39.62 22.47
CA PHE A 75 -7.37 -39.41 21.26
C PHE A 75 -6.97 -38.09 20.60
N LEU A 76 -6.31 -38.17 19.44
CA LEU A 76 -5.87 -37.00 18.62
C LEU A 76 -6.85 -36.81 17.46
N TYR A 77 -7.75 -35.83 17.57
CA TYR A 77 -8.69 -35.40 16.50
C TYR A 77 -7.93 -34.54 15.49
N ILE A 78 -7.91 -34.94 14.22
CA ILE A 78 -7.16 -34.26 13.13
C ILE A 78 -8.14 -33.65 12.13
N ASN A 79 -8.06 -32.33 11.94
CA ASN A 79 -8.71 -31.56 10.84
C ASN A 79 -7.70 -30.56 10.30
N SER A 80 -6.87 -30.98 9.34
CA SER A 80 -5.70 -30.20 8.84
C SER A 80 -5.51 -30.41 7.33
N PRO A 81 -5.20 -29.34 6.57
CA PRO A 81 -4.73 -29.47 5.19
C PRO A 81 -3.23 -29.77 5.09
N GLY A 82 -2.53 -29.79 6.23
CA GLY A 82 -1.08 -30.07 6.30
C GLY A 82 -0.31 -28.82 6.71
N GLY A 83 0.97 -28.73 6.30
CA GLY A 83 1.84 -27.58 6.59
C GLY A 83 3.32 -27.96 6.57
N VAL A 84 4.09 -27.49 7.54
CA VAL A 84 5.57 -27.68 7.61
C VAL A 84 5.85 -29.13 8.05
N ILE A 85 6.72 -29.82 7.33
CA ILE A 85 7.01 -31.28 7.52
C ILE A 85 7.73 -31.50 8.85
N THR A 86 8.79 -30.73 9.12
CA THR A 86 9.61 -30.85 10.37
C THR A 86 8.70 -30.62 11.59
N ALA A 87 7.77 -29.67 11.50
CA ALA A 87 6.76 -29.38 12.56
C ALA A 87 5.91 -30.63 12.80
N GLY A 88 5.43 -31.26 11.74
CA GLY A 88 4.63 -32.50 11.80
C GLY A 88 5.44 -33.67 12.34
N MET A 89 6.73 -33.74 12.00
CA MET A 89 7.65 -34.85 12.42
C MET A 89 8.02 -34.69 13.90
N SER A 90 7.91 -33.49 14.46
CA SER A 90 8.03 -33.24 15.92
C SER A 90 6.87 -33.92 16.65
N ILE A 91 5.67 -33.92 16.05
CA ILE A 91 4.45 -34.60 16.58
C ILE A 91 4.60 -36.12 16.40
N TYR A 92 5.05 -36.56 15.21
CA TYR A 92 5.20 -38.00 14.85
C TYR A 92 6.14 -38.68 15.85
N ASP A 93 7.34 -38.14 16.06
CA ASP A 93 8.38 -38.71 16.95
C ASP A 93 7.88 -38.72 18.41
N THR A 94 7.11 -37.70 18.82
CA THR A 94 6.50 -37.63 20.17
C THR A 94 5.53 -38.81 20.33
N MET A 95 4.65 -39.02 19.33
CA MET A 95 3.63 -40.10 19.31
C MET A 95 4.30 -41.46 19.51
N GLN A 96 5.36 -41.74 18.73
CA GLN A 96 6.08 -43.04 18.73
C GLN A 96 6.83 -43.21 20.07
N PHE A 97 7.35 -42.12 20.65
CA PHE A 97 8.21 -42.14 21.86
C PHE A 97 7.37 -42.45 23.10
N ILE A 98 6.26 -41.72 23.30
CA ILE A 98 5.41 -41.82 24.53
C ILE A 98 4.83 -43.24 24.63
N LYS A 99 4.67 -43.74 25.86
CA LYS A 99 4.14 -45.09 26.16
C LYS A 99 2.70 -45.20 25.65
N PRO A 100 1.80 -44.26 25.99
CA PRO A 100 0.39 -44.37 25.59
C PRO A 100 0.19 -44.54 24.08
N ASP A 101 -0.78 -45.39 23.70
CA ASP A 101 -1.30 -45.50 22.31
C ASP A 101 -1.97 -44.18 21.93
N VAL A 102 -1.60 -43.61 20.79
CA VAL A 102 -2.26 -42.39 20.22
C VAL A 102 -3.23 -42.83 19.13
N SER A 103 -4.53 -42.88 19.46
CA SER A 103 -5.66 -43.13 18.52
C SER A 103 -5.94 -41.86 17.73
N THR A 104 -5.79 -41.90 16.40
CA THR A 104 -6.02 -40.76 15.48
C THR A 104 -7.42 -40.87 14.86
N ILE A 105 -8.22 -39.81 14.97
CA ILE A 105 -9.59 -39.69 14.38
C ILE A 105 -9.59 -38.52 13.40
N CYS A 106 -10.00 -38.75 12.15
CA CYS A 106 -10.06 -37.72 11.09
C CYS A 106 -11.42 -37.01 11.13
N MET A 107 -11.40 -35.69 11.36
CA MET A 107 -12.57 -34.77 11.31
C MET A 107 -12.43 -33.88 10.07
N GLY A 108 -13.47 -33.81 9.23
CA GLY A 108 -13.50 -32.92 8.05
C GLY A 108 -12.52 -33.36 6.98
N GLN A 109 -11.22 -33.18 7.21
CA GLN A 109 -10.15 -33.61 6.27
C GLN A 109 -8.82 -33.82 6.99
N ALA A 110 -7.96 -34.67 6.41
CA ALA A 110 -6.55 -34.90 6.81
C ALA A 110 -5.70 -35.03 5.52
N CYS A 111 -5.18 -33.90 5.03
CA CYS A 111 -4.39 -33.81 3.77
C CYS A 111 -2.91 -33.65 4.08
N SER A 112 -2.06 -34.12 3.18
CA SER A 112 -0.65 -33.91 3.33
C SER A 112 -0.17 -34.44 4.64
N MET A 113 0.57 -33.61 5.38
CA MET A 113 1.06 -34.00 6.69
C MET A 113 -0.10 -34.40 7.61
N GLY A 114 -1.30 -33.87 7.37
CA GLY A 114 -2.54 -34.28 8.06
C GLY A 114 -2.79 -35.76 7.90
N ALA A 115 -2.67 -36.28 6.67
CA ALA A 115 -2.85 -37.71 6.31
C ALA A 115 -1.72 -38.55 6.91
N PHE A 116 -0.51 -37.99 6.97
CA PHE A 116 0.71 -38.68 7.48
C PHE A 116 0.58 -38.94 9.00
N LEU A 117 0.08 -37.97 9.76
CA LEU A 117 -0.09 -38.08 11.24
C LEU A 117 -1.32 -38.93 11.54
N LEU A 118 -2.30 -38.96 10.64
CA LEU A 118 -3.51 -39.84 10.75
C LEU A 118 -3.08 -41.31 10.68
N THR A 119 -2.19 -41.64 9.73
CA THR A 119 -1.73 -43.03 9.46
C THR A 119 -0.67 -43.45 10.48
N ALA A 120 -0.07 -42.50 11.20
CA ALA A 120 1.00 -42.72 12.20
C ALA A 120 0.44 -43.15 13.56
N GLY A 121 -0.89 -43.21 13.70
CA GLY A 121 -1.58 -43.64 14.94
C GLY A 121 -1.28 -45.09 15.28
N ALA A 122 -1.57 -45.51 16.51
CA ALA A 122 -1.44 -46.90 16.98
C ALA A 122 -2.28 -47.82 16.08
N LYS A 123 -1.71 -48.94 15.65
CA LYS A 123 -2.36 -49.90 14.71
C LYS A 123 -3.65 -50.43 15.34
N GLY A 124 -4.77 -50.33 14.62
CA GLY A 124 -6.11 -50.76 15.06
C GLY A 124 -6.93 -49.61 15.63
N LYS A 125 -6.33 -48.43 15.83
CA LYS A 125 -6.98 -47.26 16.50
C LYS A 125 -6.87 -46.01 15.62
N ARG A 126 -6.67 -46.18 14.30
CA ARG A 126 -6.70 -45.10 13.29
C ARG A 126 -8.09 -45.07 12.66
N ILE A 127 -8.83 -43.96 12.84
CA ILE A 127 -10.29 -43.84 12.57
C ILE A 127 -10.53 -42.67 11.60
N CYS A 128 -11.37 -42.90 10.58
CA CYS A 128 -12.03 -41.84 9.77
C CYS A 128 -13.50 -41.78 10.14
N LEU A 129 -14.06 -40.56 10.24
CA LEU A 129 -15.54 -40.36 10.27
C LEU A 129 -16.04 -40.47 8.84
N PRO A 130 -17.33 -40.83 8.62
CA PRO A 130 -17.78 -41.32 7.33
C PRO A 130 -17.46 -40.39 6.15
N ASN A 131 -17.66 -39.08 6.34
CA ASN A 131 -17.62 -38.06 5.26
C ASN A 131 -16.31 -37.24 5.33
N SER A 132 -15.36 -37.66 6.17
CA SER A 132 -14.01 -37.06 6.27
C SER A 132 -13.23 -37.39 4.99
N ARG A 133 -12.38 -36.47 4.53
CA ARG A 133 -11.59 -36.60 3.29
C ARG A 133 -10.10 -36.74 3.63
N VAL A 134 -9.40 -37.66 2.97
CA VAL A 134 -7.93 -37.88 3.12
C VAL A 134 -7.26 -37.63 1.76
N MET A 135 -6.15 -36.91 1.75
CA MET A 135 -5.35 -36.63 0.52
C MET A 135 -3.85 -36.76 0.85
N ILE A 136 -3.09 -37.39 -0.05
CA ILE A 136 -1.62 -37.62 0.08
C ILE A 136 -0.92 -37.13 -1.18
N HIS A 137 0.25 -36.50 -1.04
CA HIS A 137 1.14 -36.13 -2.17
C HIS A 137 2.57 -35.88 -1.65
N GLN A 138 3.53 -35.86 -2.57
CA GLN A 138 4.98 -35.73 -2.30
C GLN A 138 5.27 -34.36 -1.68
N PRO A 139 6.42 -34.18 -1.00
CA PRO A 139 6.77 -32.90 -0.40
C PRO A 139 6.89 -31.74 -1.41
N LEU A 140 6.56 -30.53 -0.96
CA LEU A 140 6.84 -29.25 -1.67
C LEU A 140 8.09 -28.62 -1.05
N GLY A 141 8.69 -27.66 -1.76
CA GLY A 141 9.88 -26.92 -1.31
C GLY A 141 10.18 -25.76 -2.24
N GLY A 142 11.27 -25.04 -1.99
CA GLY A 142 11.69 -23.90 -2.83
C GLY A 142 12.86 -23.16 -2.25
N PHE A 143 14.01 -23.20 -2.92
CA PHE A 143 15.23 -22.45 -2.57
C PHE A 143 15.54 -21.45 -3.69
N GLN A 144 16.32 -20.42 -3.37
CA GLN A 144 16.94 -19.48 -4.35
C GLN A 144 18.34 -19.13 -3.85
N GLY A 145 19.29 -18.96 -4.77
CA GLY A 145 20.70 -18.61 -4.46
C GLY A 145 21.67 -19.30 -5.40
N GLN A 146 22.93 -19.41 -4.99
CA GLN A 146 24.04 -19.99 -5.79
C GLN A 146 23.67 -21.42 -6.21
N ALA A 147 24.11 -21.83 -7.40
CA ALA A 147 23.87 -23.17 -7.98
C ALA A 147 24.29 -24.26 -6.97
N THR A 148 25.47 -24.10 -6.36
CA THR A 148 26.04 -25.05 -5.35
C THR A 148 25.03 -25.28 -4.22
N ASP A 149 24.44 -24.19 -3.70
CA ASP A 149 23.46 -24.22 -2.58
C ASP A 149 22.16 -24.88 -3.05
N ILE A 150 21.72 -24.57 -4.27
CA ILE A 150 20.52 -25.18 -4.92
C ILE A 150 20.68 -26.70 -4.93
N GLU A 151 21.86 -27.18 -5.36
CA GLU A 151 22.20 -28.63 -5.44
C GLU A 151 22.00 -29.27 -4.05
N ILE A 152 22.58 -28.68 -3.01
CA ILE A 152 22.54 -29.18 -1.60
C ILE A 152 21.08 -29.29 -1.16
N HIS A 153 20.28 -28.24 -1.35
CA HIS A 153 18.86 -28.16 -0.91
C HIS A 153 18.01 -29.13 -1.74
N ALA A 154 18.38 -29.37 -2.99
CA ALA A 154 17.72 -30.33 -3.92
C ALA A 154 18.01 -31.77 -3.46
N GLN A 155 19.23 -32.04 -3.00
CA GLN A 155 19.61 -33.37 -2.45
C GLN A 155 18.84 -33.62 -1.15
N GLU A 156 18.65 -32.58 -0.34
CA GLU A 156 17.96 -32.66 0.98
C GLU A 156 16.47 -33.01 0.76
N ILE A 157 15.79 -32.31 -0.15
CA ILE A 157 14.34 -32.53 -0.46
C ILE A 157 14.13 -33.99 -0.90
N LEU A 158 15.05 -34.53 -1.73
CA LEU A 158 14.98 -35.94 -2.21
C LEU A 158 15.09 -36.91 -1.03
N LYS A 159 16.06 -36.67 -0.14
CA LYS A 159 16.31 -37.51 1.07
C LYS A 159 15.06 -37.51 1.96
N VAL A 160 14.40 -36.35 2.11
CA VAL A 160 13.17 -36.19 2.93
C VAL A 160 12.03 -36.95 2.25
N LYS A 161 11.90 -36.82 0.92
CA LYS A 161 10.84 -37.49 0.11
C LYS A 161 10.95 -39.01 0.27
N SER A 162 12.18 -39.56 0.20
CA SER A 162 12.48 -41.00 0.38
C SER A 162 12.03 -41.45 1.78
N ARG A 163 12.45 -40.72 2.82
CA ARG A 163 12.17 -41.01 4.25
C ARG A 163 10.66 -41.02 4.50
N MET A 164 9.93 -40.04 3.93
CA MET A 164 8.45 -39.88 4.10
C MET A 164 7.72 -41.03 3.42
N ASN A 165 8.21 -41.49 2.26
CA ASN A 165 7.65 -42.64 1.51
C ASN A 165 7.87 -43.92 2.32
N GLU A 166 9.08 -44.09 2.89
CA GLU A 166 9.48 -45.26 3.72
C GLU A 166 8.51 -45.41 4.90
N LEU A 167 8.23 -44.31 5.61
CA LEU A 167 7.36 -44.29 6.81
C LEU A 167 5.90 -44.54 6.39
N MET A 168 5.46 -43.94 5.27
CA MET A 168 4.10 -44.13 4.71
C MET A 168 3.90 -45.62 4.36
N ALA A 169 4.92 -46.25 3.77
CA ALA A 169 4.94 -47.68 3.40
C ALA A 169 4.76 -48.54 4.67
N LYS A 170 5.58 -48.28 5.69
CA LYS A 170 5.60 -49.00 6.99
C LYS A 170 4.21 -48.96 7.64
N HIS A 171 3.58 -47.78 7.68
CA HIS A 171 2.32 -47.54 8.43
C HIS A 171 1.10 -48.05 7.64
N THR A 172 1.16 -48.03 6.30
CA THR A 172 0.06 -48.47 5.40
C THR A 172 0.21 -49.96 5.05
N GLY A 173 1.43 -50.50 5.11
CA GLY A 173 1.73 -51.90 4.74
C GLY A 173 1.85 -52.10 3.25
N ARG A 174 1.73 -51.02 2.46
CA ARG A 174 1.94 -51.02 0.99
C ARG A 174 3.43 -50.86 0.70
N PRO A 175 3.95 -51.38 -0.44
CA PRO A 175 5.37 -51.24 -0.77
C PRO A 175 5.72 -49.79 -1.15
N ILE A 176 6.96 -49.37 -0.86
CA ILE A 176 7.47 -47.98 -1.03
C ILE A 176 7.28 -47.52 -2.49
N GLU A 177 7.45 -48.42 -3.46
CA GLU A 177 7.33 -48.14 -4.91
C GLU A 177 5.91 -47.65 -5.23
N GLU A 178 4.90 -48.27 -4.60
CA GLU A 178 3.46 -47.96 -4.86
C GLU A 178 3.11 -46.62 -4.20
N ILE A 179 3.62 -46.35 -3.00
CA ILE A 179 3.45 -45.08 -2.26
C ILE A 179 4.02 -43.94 -3.12
N ALA A 180 5.18 -44.17 -3.74
CA ALA A 180 5.92 -43.18 -4.57
C ALA A 180 5.10 -42.83 -5.83
N LYS A 181 4.65 -43.85 -6.57
CA LYS A 181 3.80 -43.69 -7.78
C LYS A 181 2.54 -42.87 -7.44
N ASP A 182 1.89 -43.21 -6.32
CA ASP A 182 0.54 -42.70 -5.95
C ASP A 182 0.62 -41.28 -5.40
N THR A 183 1.79 -40.81 -4.96
CA THR A 183 1.98 -39.48 -4.30
C THR A 183 2.76 -38.52 -5.21
N GLU A 184 3.05 -38.92 -6.46
CA GLU A 184 3.68 -38.03 -7.47
C GLU A 184 2.76 -36.83 -7.73
N ARG A 185 1.46 -37.08 -7.80
CA ARG A 185 0.40 -36.04 -7.91
C ARG A 185 -0.66 -36.27 -6.83
N ASP A 186 -1.43 -35.22 -6.51
CA ASP A 186 -2.47 -35.21 -5.45
C ASP A 186 -3.37 -36.44 -5.64
N ARG A 187 -3.52 -37.25 -4.59
CA ARG A 187 -4.37 -38.47 -4.56
C ARG A 187 -5.42 -38.29 -3.45
N PHE A 188 -6.69 -38.11 -3.83
CA PHE A 188 -7.84 -37.95 -2.91
C PHE A 188 -8.46 -39.31 -2.61
N LEU A 189 -8.75 -39.60 -1.34
CA LEU A 189 -9.41 -40.85 -0.88
C LEU A 189 -10.63 -40.50 -0.03
N SER A 190 -11.73 -41.23 -0.22
CA SER A 190 -12.90 -41.26 0.70
C SER A 190 -12.54 -42.11 1.93
N ALA A 191 -13.35 -42.07 2.98
CA ALA A 191 -13.17 -42.85 4.22
C ALA A 191 -12.98 -44.33 3.87
N ASP A 192 -13.82 -44.87 2.98
CA ASP A 192 -13.77 -46.28 2.52
C ASP A 192 -12.42 -46.55 1.84
N GLU A 193 -11.99 -45.66 0.94
CA GLU A 193 -10.73 -45.80 0.16
C GLU A 193 -9.52 -45.72 1.08
N ALA A 194 -9.61 -44.96 2.18
CA ALA A 194 -8.53 -44.78 3.19
C ALA A 194 -8.33 -46.08 3.97
N VAL A 195 -9.41 -46.81 4.27
CA VAL A 195 -9.40 -48.15 4.93
C VAL A 195 -8.76 -49.16 3.97
N GLU A 196 -9.21 -49.19 2.72
CA GLU A 196 -8.73 -50.09 1.64
C GLU A 196 -7.23 -49.84 1.38
N TYR A 197 -6.79 -48.58 1.37
CA TYR A 197 -5.39 -48.18 1.12
C TYR A 197 -4.54 -48.51 2.36
N GLY A 198 -5.16 -48.53 3.54
CA GLY A 198 -4.52 -48.90 4.83
C GLY A 198 -3.98 -47.69 5.58
N LEU A 199 -4.45 -46.49 5.24
CA LEU A 199 -4.10 -45.22 5.94
C LEU A 199 -4.77 -45.22 7.33
N VAL A 200 -6.03 -45.67 7.41
CA VAL A 200 -6.79 -45.85 8.68
C VAL A 200 -7.28 -47.31 8.73
N ASP A 201 -7.80 -47.73 9.89
CA ASP A 201 -8.16 -49.14 10.20
C ASP A 201 -9.67 -49.33 10.06
N LYS A 202 -10.48 -48.38 10.52
CA LYS A 202 -11.95 -48.53 10.65
C LYS A 202 -12.64 -47.17 10.47
N ILE A 203 -13.98 -47.19 10.34
CA ILE A 203 -14.86 -46.00 10.18
C ILE A 203 -15.86 -45.97 11.33
N PHE A 204 -15.94 -44.86 12.06
CA PHE A 204 -16.92 -44.61 13.15
C PHE A 204 -18.07 -43.75 12.60
N THR A 205 -19.30 -44.25 12.67
CA THR A 205 -20.55 -43.57 12.21
C THR A 205 -21.36 -43.13 13.43
N HIS A 206 -21.75 -44.07 14.29
CA HIS A 206 -22.47 -43.84 15.56
C HIS A 206 -21.68 -44.48 16.72
N ARG A 207 -21.93 -44.04 17.96
CA ARG A 207 -21.26 -44.59 19.18
C ARG A 207 -21.97 -45.90 19.57
N LEU B 17 -5.24 -20.90 21.72
CA LEU B 17 -5.01 -20.68 23.19
C LEU B 17 -4.18 -21.83 23.76
N VAL B 18 -3.51 -21.58 24.89
CA VAL B 18 -2.71 -22.59 25.66
C VAL B 18 -3.62 -23.17 26.75
N PRO B 19 -3.92 -24.49 26.73
CA PRO B 19 -4.80 -25.09 27.74
C PRO B 19 -4.20 -25.07 29.16
N MET B 20 -5.06 -25.20 30.17
CA MET B 20 -4.70 -25.08 31.61
C MET B 20 -5.08 -26.37 32.35
N VAL B 21 -4.47 -26.59 33.52
CA VAL B 21 -4.68 -27.79 34.40
C VAL B 21 -4.65 -27.31 35.86
N VAL B 22 -5.39 -28.00 36.75
CA VAL B 22 -5.60 -27.61 38.17
C VAL B 22 -4.79 -28.54 39.09
N TYR B 32 -2.32 -23.64 36.39
CA TYR B 32 -1.12 -23.97 35.57
C TYR B 32 -1.51 -24.13 34.10
N ASP B 33 -0.82 -23.43 33.18
CA ASP B 33 -0.87 -23.72 31.73
C ASP B 33 0.01 -24.95 31.48
N ILE B 34 -0.13 -25.60 30.33
CA ILE B 34 0.53 -26.90 30.02
C ILE B 34 2.06 -26.74 30.11
N TYR B 35 2.60 -25.59 29.72
CA TYR B 35 4.05 -25.30 29.71
C TYR B 35 4.56 -25.16 31.15
N SER B 36 3.80 -24.50 32.03
CA SER B 36 4.09 -24.36 33.49
C SER B 36 4.02 -25.73 34.16
N ARG B 37 3.08 -26.58 33.72
CA ARG B 37 2.83 -27.93 34.30
C ARG B 37 4.01 -28.85 33.96
N LEU B 38 4.51 -28.78 32.72
CA LEU B 38 5.68 -29.59 32.24
C LEU B 38 6.98 -28.99 32.80
N LEU B 39 6.96 -27.74 33.28
CA LEU B 39 8.12 -27.11 33.95
C LEU B 39 8.36 -27.77 35.31
N LYS B 40 7.31 -28.33 35.93
CA LYS B 40 7.41 -29.16 37.17
C LYS B 40 8.23 -30.42 36.86
N GLU B 41 8.03 -31.02 35.68
CA GLU B 41 8.77 -32.23 35.22
C GLU B 41 10.18 -31.82 34.77
N ARG B 42 10.52 -30.53 34.87
CA ARG B 42 11.85 -29.94 34.51
C ARG B 42 12.05 -29.99 32.99
N ILE B 43 10.99 -29.67 32.23
CA ILE B 43 10.99 -29.62 30.73
C ILE B 43 10.87 -28.16 30.29
N ILE B 44 11.77 -27.72 29.40
CA ILE B 44 11.73 -26.39 28.72
C ILE B 44 11.68 -26.63 27.21
N PHE B 45 10.85 -25.86 26.49
CA PHE B 45 10.70 -25.93 25.02
C PHE B 45 11.37 -24.71 24.38
N LEU B 46 12.25 -24.97 23.41
CA LEU B 46 12.81 -23.95 22.47
C LEU B 46 12.21 -24.22 21.09
N THR B 47 11.25 -23.37 20.67
CA THR B 47 10.41 -23.56 19.46
C THR B 47 10.47 -22.30 18.59
N GLY B 48 10.72 -22.47 17.28
CA GLY B 48 10.68 -21.39 16.28
C GLY B 48 11.98 -20.60 16.24
N GLN B 49 11.96 -19.40 15.65
CA GLN B 49 13.16 -18.57 15.41
C GLN B 49 13.74 -18.10 16.75
N VAL B 50 15.06 -18.21 16.89
CA VAL B 50 15.83 -17.71 18.08
C VAL B 50 15.95 -16.18 17.97
N GLU B 51 15.31 -15.46 18.88
CA GLU B 51 15.43 -13.98 19.04
C GLU B 51 15.45 -13.65 20.54
N ASP B 52 15.70 -12.38 20.89
CA ASP B 52 16.04 -11.93 22.27
C ASP B 52 14.97 -12.40 23.26
N HIS B 53 13.68 -12.20 22.98
CA HIS B 53 12.56 -12.36 23.94
C HIS B 53 12.28 -13.84 24.24
N MET B 54 12.17 -14.69 23.21
CA MET B 54 11.91 -16.16 23.39
C MET B 54 13.13 -16.84 24.04
N ALA B 55 14.34 -16.33 23.76
CA ALA B 55 15.62 -16.85 24.34
C ALA B 55 15.71 -16.46 25.81
N ASN B 56 15.35 -15.21 26.13
CA ASN B 56 15.29 -14.67 27.51
C ASN B 56 14.35 -15.56 28.36
N LEU B 57 13.26 -16.04 27.76
CA LEU B 57 12.24 -16.90 28.44
C LEU B 57 12.86 -18.26 28.77
N VAL B 58 13.66 -18.82 27.86
CA VAL B 58 14.36 -20.12 28.05
C VAL B 58 15.37 -19.99 29.21
N ALA B 59 16.19 -18.93 29.19
CA ALA B 59 17.23 -18.64 30.20
C ALA B 59 16.58 -18.43 31.58
N ALA B 60 15.43 -17.75 31.61
CA ALA B 60 14.63 -17.49 32.83
C ALA B 60 14.17 -18.83 33.43
N GLN B 61 13.58 -19.70 32.60
CA GLN B 61 13.10 -21.05 32.99
C GLN B 61 14.27 -21.89 33.54
N MET B 62 15.46 -21.74 32.98
CA MET B 62 16.69 -22.49 33.39
C MET B 62 17.14 -22.01 34.78
N LEU B 63 17.14 -20.69 35.03
CA LEU B 63 17.51 -20.10 36.34
C LEU B 63 16.50 -20.53 37.41
N PHE B 64 15.20 -20.57 37.05
CA PHE B 64 14.09 -20.98 37.95
C PHE B 64 14.30 -22.42 38.40
N LEU B 65 14.51 -23.35 37.45
CA LEU B 65 14.64 -24.80 37.70
C LEU B 65 15.90 -25.09 38.53
N GLU B 66 16.96 -24.29 38.35
CA GLU B 66 18.21 -24.39 39.16
C GLU B 66 17.91 -24.05 40.62
N ALA B 67 17.20 -22.94 40.86
CA ALA B 67 16.79 -22.44 42.19
C ALA B 67 15.87 -23.47 42.88
N GLU B 68 14.98 -24.11 42.10
CA GLU B 68 14.04 -25.16 42.59
C GLU B 68 14.83 -26.39 43.06
N ASN B 69 15.82 -26.82 42.28
CA ASN B 69 16.67 -28.01 42.57
C ASN B 69 17.92 -27.97 41.72
N PRO B 70 19.10 -27.60 42.28
CA PRO B 70 20.32 -27.42 41.48
C PRO B 70 21.09 -28.70 41.12
N GLU B 71 20.55 -29.89 41.46
CA GLU B 71 21.21 -31.20 41.20
C GLU B 71 20.49 -31.98 40.09
N LYS B 72 19.15 -31.90 40.03
CA LYS B 72 18.32 -32.68 39.06
C LYS B 72 18.52 -32.12 37.64
N ASP B 73 18.45 -33.00 36.64
CA ASP B 73 18.68 -32.68 35.19
C ASP B 73 17.53 -31.80 34.67
N ILE B 74 17.85 -30.95 33.69
CA ILE B 74 16.87 -30.13 32.91
C ILE B 74 16.80 -30.69 31.49
N PHE B 75 15.58 -30.90 30.97
CA PHE B 75 15.31 -31.41 29.60
C PHE B 75 14.89 -30.24 28.70
N LEU B 76 15.71 -29.89 27.72
CA LEU B 76 15.45 -28.82 26.73
C LEU B 76 15.08 -29.47 25.38
N TYR B 77 13.80 -29.39 25.00
CA TYR B 77 13.28 -29.87 23.69
C TYR B 77 13.47 -28.78 22.63
N ILE B 78 14.29 -29.05 21.60
CA ILE B 78 14.68 -28.06 20.54
C ILE B 78 13.94 -28.38 19.24
N ASN B 79 13.13 -27.44 18.75
CA ASN B 79 12.54 -27.43 17.39
C ASN B 79 12.72 -26.03 16.79
N SER B 80 13.88 -25.74 16.19
CA SER B 80 14.29 -24.38 15.77
C SER B 80 15.04 -24.42 14.45
N PRO B 81 14.76 -23.48 13.51
CA PRO B 81 15.57 -23.31 12.30
C PRO B 81 16.80 -22.41 12.52
N GLY B 82 16.92 -21.84 13.73
CA GLY B 82 18.01 -20.93 14.11
C GLY B 82 17.50 -19.53 14.36
N GLY B 83 18.38 -18.52 14.26
CA GLY B 83 18.03 -17.10 14.42
C GLY B 83 19.25 -16.27 14.83
N VAL B 84 19.05 -15.33 15.77
CA VAL B 84 20.09 -14.35 16.20
C VAL B 84 21.10 -15.08 17.10
N ILE B 85 22.39 -14.95 16.78
CA ILE B 85 23.52 -15.66 17.48
C ILE B 85 23.59 -15.18 18.93
N THR B 86 23.61 -13.88 19.17
CA THR B 86 23.74 -13.27 20.54
C THR B 86 22.58 -13.75 21.42
N ALA B 87 21.35 -13.83 20.86
CA ALA B 87 20.16 -14.35 21.56
C ALA B 87 20.38 -15.82 21.95
N GLY B 88 20.97 -16.61 21.03
CA GLY B 88 21.32 -18.03 21.29
C GLY B 88 22.45 -18.17 22.28
N MET B 89 23.43 -17.26 22.27
CA MET B 89 24.60 -17.28 23.20
C MET B 89 24.16 -16.90 24.62
N SER B 90 22.99 -16.27 24.76
CA SER B 90 22.36 -15.98 26.08
C SER B 90 21.88 -17.30 26.71
N ILE B 91 21.33 -18.22 25.89
CA ILE B 91 20.88 -19.57 26.35
C ILE B 91 22.12 -20.43 26.64
N TYR B 92 23.07 -20.49 25.70
CA TYR B 92 24.31 -21.30 25.80
C TYR B 92 25.01 -21.02 27.13
N ASP B 93 25.31 -19.75 27.39
CA ASP B 93 26.05 -19.28 28.59
C ASP B 93 25.26 -19.63 29.86
N THR B 94 23.92 -19.53 29.80
CA THR B 94 23.01 -19.90 30.92
C THR B 94 23.07 -21.41 31.14
N MET B 95 23.12 -22.21 30.07
CA MET B 95 23.23 -23.69 30.13
C MET B 95 24.52 -24.08 30.87
N GLN B 96 25.65 -23.50 30.48
CA GLN B 96 26.99 -23.82 31.05
C GLN B 96 27.06 -23.34 32.51
N PHE B 97 26.50 -22.16 32.80
CA PHE B 97 26.62 -21.47 34.12
C PHE B 97 25.89 -22.27 35.21
N ILE B 98 24.62 -22.59 35.00
CA ILE B 98 23.75 -23.26 36.02
C ILE B 98 24.37 -24.61 36.40
N LYS B 99 24.21 -25.02 37.65
CA LYS B 99 24.78 -26.28 38.22
C LYS B 99 24.16 -27.49 37.51
N PRO B 100 22.82 -27.56 37.33
CA PRO B 100 22.20 -28.73 36.71
C PRO B 100 22.72 -29.03 35.29
N ASP B 101 22.82 -30.32 34.95
CA ASP B 101 23.03 -30.80 33.57
C ASP B 101 21.81 -30.41 32.75
N VAL B 102 22.03 -29.94 31.52
CA VAL B 102 20.96 -29.63 30.53
C VAL B 102 21.00 -30.71 29.45
N SER B 103 20.01 -31.62 29.46
CA SER B 103 19.79 -32.67 28.43
C SER B 103 19.01 -32.04 27.27
N THR B 104 19.58 -32.05 26.06
CA THR B 104 18.98 -31.49 24.82
C THR B 104 18.38 -32.63 24.00
N ILE B 105 17.09 -32.50 23.65
CA ILE B 105 16.33 -33.45 22.78
C ILE B 105 15.87 -32.71 21.52
N CYS B 106 16.33 -33.14 20.35
CA CYS B 106 15.93 -32.59 19.02
C CYS B 106 14.64 -33.27 18.55
N MET B 107 13.54 -32.49 18.46
CA MET B 107 12.26 -32.90 17.83
C MET B 107 11.99 -32.00 16.62
N GLY B 108 11.55 -32.58 15.50
CA GLY B 108 11.31 -31.87 14.23
C GLY B 108 12.61 -31.53 13.53
N GLN B 109 13.31 -30.48 13.99
CA GLN B 109 14.62 -30.07 13.42
C GLN B 109 15.40 -29.20 14.43
N ALA B 110 16.73 -29.16 14.27
CA ALA B 110 17.65 -28.23 14.94
C ALA B 110 18.67 -27.75 13.90
N CYS B 111 18.46 -26.57 13.34
CA CYS B 111 19.35 -26.06 12.26
C CYS B 111 20.05 -24.79 12.71
N SER B 112 21.26 -24.56 12.21
CA SER B 112 22.01 -23.33 12.49
C SER B 112 22.25 -23.19 13.99
N MET B 113 21.75 -22.11 14.58
CA MET B 113 21.89 -21.85 16.04
C MET B 113 21.19 -22.96 16.83
N GLY B 114 20.07 -23.49 16.35
CA GLY B 114 19.37 -24.59 17.03
C GLY B 114 20.27 -25.80 17.16
N ALA B 115 21.03 -26.10 16.11
CA ALA B 115 22.00 -27.23 16.10
C ALA B 115 23.09 -26.97 17.14
N PHE B 116 23.52 -25.72 17.25
CA PHE B 116 24.62 -25.25 18.16
C PHE B 116 24.22 -25.48 19.62
N LEU B 117 22.96 -25.19 19.96
CA LEU B 117 22.42 -25.36 21.34
C LEU B 117 22.18 -26.84 21.62
N LEU B 118 21.78 -27.62 20.61
CA LEU B 118 21.61 -29.09 20.71
C LEU B 118 22.94 -29.72 21.16
N THR B 119 24.04 -29.38 20.46
CA THR B 119 25.39 -29.94 20.70
C THR B 119 25.98 -29.38 22.01
N ALA B 120 25.43 -28.28 22.53
CA ALA B 120 25.91 -27.58 23.74
C ALA B 120 25.35 -28.24 25.01
N GLY B 121 24.45 -29.23 24.87
CA GLY B 121 23.91 -30.01 26.00
C GLY B 121 25.00 -30.81 26.70
N ALA B 122 24.73 -31.27 27.92
CA ALA B 122 25.66 -32.08 28.76
C ALA B 122 26.03 -33.37 28.01
N LYS B 123 27.33 -33.69 27.97
CA LYS B 123 27.87 -34.88 27.26
C LYS B 123 27.18 -36.14 27.79
N GLY B 124 26.64 -36.96 26.89
CA GLY B 124 25.93 -38.21 27.20
C GLY B 124 24.42 -38.03 27.25
N LYS B 125 23.94 -36.77 27.19
CA LYS B 125 22.50 -36.42 27.36
C LYS B 125 22.02 -35.54 26.20
N ARG B 126 22.75 -35.53 25.07
CA ARG B 126 22.33 -34.86 23.81
C ARG B 126 21.67 -35.89 22.91
N ILE B 127 20.36 -35.73 22.64
CA ILE B 127 19.48 -36.77 22.03
C ILE B 127 18.84 -36.22 20.75
N CYS B 128 18.76 -37.06 19.72
CA CYS B 128 17.92 -36.87 18.51
C CYS B 128 16.79 -37.90 18.51
N LEU B 129 15.56 -37.49 18.19
CA LEU B 129 14.45 -38.42 17.88
C LEU B 129 14.66 -38.95 16.47
N PRO B 130 14.10 -40.12 16.11
CA PRO B 130 14.53 -40.86 14.92
C PRO B 130 14.49 -40.06 13.61
N ASN B 131 13.43 -39.26 13.40
CA ASN B 131 13.14 -38.54 12.14
C ASN B 131 13.38 -37.02 12.32
N SER B 132 14.12 -36.62 13.36
CA SER B 132 14.60 -35.23 13.55
C SER B 132 15.73 -34.97 12.56
N ARG B 133 15.84 -33.73 12.04
CA ARG B 133 16.88 -33.33 11.07
C ARG B 133 17.77 -32.27 11.73
N VAL B 134 19.07 -32.36 11.50
CA VAL B 134 20.10 -31.41 12.02
C VAL B 134 20.81 -30.79 10.82
N MET B 135 21.07 -29.48 10.88
CA MET B 135 21.80 -28.74 9.81
C MET B 135 22.72 -27.70 10.46
N ILE B 136 23.96 -27.60 9.97
CA ILE B 136 25.00 -26.66 10.46
C ILE B 136 25.51 -25.84 9.27
N HIS B 137 25.77 -24.54 9.48
CA HIS B 137 26.43 -23.66 8.48
C HIS B 137 26.96 -22.41 9.17
N GLN B 138 27.88 -21.71 8.50
CA GLN B 138 28.60 -20.52 9.03
C GLN B 138 27.62 -19.39 9.31
N PRO B 139 28.00 -18.38 10.14
CA PRO B 139 27.14 -17.24 10.41
C PRO B 139 26.77 -16.40 9.16
N LEU B 140 25.63 -15.72 9.24
CA LEU B 140 25.18 -14.68 8.28
C LEU B 140 25.37 -13.30 8.93
N GLY B 141 25.63 -12.28 8.11
CA GLY B 141 25.80 -10.88 8.57
C GLY B 141 25.37 -9.91 7.50
N GLY B 142 25.53 -8.61 7.75
CA GLY B 142 25.20 -7.56 6.77
C GLY B 142 25.25 -6.18 7.38
N PHE B 143 26.22 -5.36 6.95
CA PHE B 143 26.35 -3.93 7.33
C PHE B 143 26.33 -3.08 6.05
N GLN B 144 25.95 -1.80 6.19
CA GLN B 144 26.05 -0.76 5.14
C GLN B 144 26.50 0.55 5.79
N GLY B 145 27.38 1.30 5.11
CA GLY B 145 27.90 2.59 5.59
C GLY B 145 29.30 2.88 5.04
N GLN B 146 30.05 3.74 5.74
CA GLN B 146 31.43 4.15 5.37
C GLN B 146 32.33 2.91 5.38
N ALA B 147 33.33 2.88 4.49
CA ALA B 147 34.29 1.76 4.29
C ALA B 147 34.96 1.38 5.61
N THR B 148 35.29 2.38 6.45
CA THR B 148 35.96 2.20 7.76
C THR B 148 35.08 1.35 8.69
N ASP B 149 33.78 1.64 8.75
CA ASP B 149 32.79 0.93 9.60
C ASP B 149 32.61 -0.51 9.08
N ILE B 150 32.52 -0.67 7.76
CA ILE B 150 32.39 -1.99 7.07
C ILE B 150 33.55 -2.89 7.49
N GLU B 151 34.76 -2.32 7.58
CA GLU B 151 36.00 -3.04 7.98
C GLU B 151 35.87 -3.50 9.44
N ILE B 152 35.33 -2.65 10.31
CA ILE B 152 35.16 -2.93 11.78
C ILE B 152 34.15 -4.07 11.96
N HIS B 153 33.05 -4.07 11.20
CA HIS B 153 31.95 -5.06 11.30
C HIS B 153 32.34 -6.38 10.63
N ALA B 154 33.17 -6.34 9.59
CA ALA B 154 33.71 -7.53 8.89
C ALA B 154 34.61 -8.31 9.85
N GLN B 155 35.56 -7.62 10.49
CA GLN B 155 36.49 -8.18 11.51
C GLN B 155 35.68 -8.84 12.63
N GLU B 156 34.62 -8.17 13.10
CA GLU B 156 33.73 -8.68 14.18
C GLU B 156 33.09 -9.99 13.73
N ILE B 157 32.57 -10.06 12.51
CA ILE B 157 31.86 -11.25 11.94
C ILE B 157 32.86 -12.42 11.83
N LEU B 158 34.12 -12.14 11.47
CA LEU B 158 35.20 -13.16 11.37
C LEU B 158 35.53 -13.70 12.77
N LYS B 159 35.61 -12.82 13.78
CA LYS B 159 35.90 -13.20 15.19
C LYS B 159 34.80 -14.13 15.71
N VAL B 160 33.53 -13.76 15.49
CA VAL B 160 32.35 -14.56 15.91
C VAL B 160 32.41 -15.92 15.21
N LYS B 161 32.62 -15.94 13.88
CA LYS B 161 32.71 -17.19 13.07
C LYS B 161 33.76 -18.14 13.69
N SER B 162 34.97 -17.63 13.95
CA SER B 162 36.09 -18.38 14.57
C SER B 162 35.65 -18.95 15.91
N ARG B 163 35.05 -18.11 16.77
CA ARG B 163 34.59 -18.48 18.14
C ARG B 163 33.56 -19.60 18.03
N MET B 164 32.56 -19.45 17.16
CA MET B 164 31.45 -20.42 16.98
C MET B 164 32.01 -21.77 16.53
N ASN B 165 33.04 -21.76 15.67
CA ASN B 165 33.73 -22.96 15.15
C ASN B 165 34.51 -23.65 16.29
N GLU B 166 35.23 -22.86 17.10
CA GLU B 166 35.99 -23.35 18.29
C GLU B 166 35.04 -24.12 19.23
N LEU B 167 33.89 -23.52 19.56
CA LEU B 167 32.90 -24.09 20.51
C LEU B 167 32.24 -25.32 19.89
N MET B 168 31.99 -25.32 18.58
CA MET B 168 31.45 -26.49 17.84
C MET B 168 32.47 -27.63 17.89
N ALA B 169 33.76 -27.32 17.71
CA ALA B 169 34.89 -28.28 17.76
C ALA B 169 34.95 -28.93 19.16
N LYS B 170 34.87 -28.12 20.21
CA LYS B 170 34.92 -28.58 21.63
C LYS B 170 33.79 -29.58 21.91
N HIS B 171 32.55 -29.24 21.50
CA HIS B 171 31.32 -29.99 21.86
C HIS B 171 31.17 -31.25 21.01
N THR B 172 31.71 -31.27 19.78
CA THR B 172 31.68 -32.42 18.85
C THR B 172 32.90 -33.32 19.06
N GLY B 173 34.07 -32.70 19.30
CA GLY B 173 35.36 -33.39 19.43
C GLY B 173 36.11 -33.44 18.11
N ARG B 174 35.52 -32.89 17.04
CA ARG B 174 36.12 -32.79 15.69
C ARG B 174 37.02 -31.57 15.64
N PRO B 175 38.16 -31.61 14.89
CA PRO B 175 39.09 -30.48 14.86
C PRO B 175 38.46 -29.26 14.17
N ILE B 176 38.84 -28.06 14.61
CA ILE B 176 38.26 -26.75 14.19
C ILE B 176 38.32 -26.65 12.65
N GLU B 177 39.39 -27.13 12.04
CA GLU B 177 39.64 -27.06 10.57
C GLU B 177 38.53 -27.81 9.83
N GLU B 178 38.12 -28.98 10.36
CA GLU B 178 37.08 -29.85 9.76
C GLU B 178 35.71 -29.18 9.89
N ILE B 179 35.39 -28.63 11.06
CA ILE B 179 34.12 -27.88 11.34
C ILE B 179 34.01 -26.71 10.35
N ALA B 180 35.13 -26.01 10.10
CA ALA B 180 35.20 -24.83 9.20
C ALA B 180 34.80 -25.24 7.77
N LYS B 181 35.47 -26.26 7.21
CA LYS B 181 35.17 -26.82 5.86
C LYS B 181 33.69 -27.20 5.75
N ASP B 182 33.17 -27.93 6.74
CA ASP B 182 31.84 -28.59 6.71
C ASP B 182 30.71 -27.56 6.83
N THR B 183 30.99 -26.36 7.36
CA THR B 183 29.99 -25.30 7.62
C THR B 183 30.16 -24.13 6.64
N GLU B 184 31.09 -24.23 5.67
CA GLU B 184 31.25 -23.22 4.59
C GLU B 184 29.93 -23.08 3.83
N ARG B 185 29.26 -24.21 3.58
CA ARG B 185 27.91 -24.28 2.98
C ARG B 185 27.00 -25.15 3.87
N ASP B 186 25.69 -25.09 3.64
CA ASP B 186 24.67 -25.87 4.39
C ASP B 186 25.07 -27.35 4.38
N ARG B 187 25.07 -27.97 5.56
CA ARG B 187 25.37 -29.42 5.76
C ARG B 187 24.23 -30.03 6.56
N PHE B 188 23.38 -30.82 5.90
CA PHE B 188 22.22 -31.53 6.50
C PHE B 188 22.68 -32.91 7.00
N LEU B 189 22.27 -33.28 8.22
CA LEU B 189 22.56 -34.60 8.85
C LEU B 189 21.24 -35.23 9.31
N SER B 190 21.10 -36.54 9.10
CA SER B 190 20.06 -37.38 9.75
C SER B 190 20.40 -37.56 11.23
N ALA B 191 19.49 -38.15 12.01
CA ALA B 191 19.71 -38.51 13.43
C ALA B 191 20.98 -39.36 13.56
N ASP B 192 21.10 -40.41 12.73
CA ASP B 192 22.27 -41.34 12.70
C ASP B 192 23.55 -40.57 12.37
N GLU B 193 23.49 -39.67 11.39
CA GLU B 193 24.66 -38.86 10.93
C GLU B 193 25.09 -37.89 12.04
N ALA B 194 24.12 -37.35 12.80
CA ALA B 194 24.34 -36.42 13.92
C ALA B 194 25.11 -37.13 15.05
N VAL B 195 24.82 -38.42 15.28
CA VAL B 195 25.54 -39.29 16.27
C VAL B 195 26.97 -39.51 15.77
N GLU B 196 27.13 -39.86 14.48
CA GLU B 196 28.43 -40.16 13.84
C GLU B 196 29.32 -38.90 13.83
N TYR B 197 28.73 -37.71 13.67
CA TYR B 197 29.45 -36.41 13.60
C TYR B 197 29.88 -36.00 15.02
N GLY B 198 29.07 -36.31 16.03
CA GLY B 198 29.32 -35.99 17.46
C GLY B 198 28.49 -34.82 17.95
N LEU B 199 27.47 -34.41 17.19
CA LEU B 199 26.53 -33.32 17.55
C LEU B 199 25.61 -33.80 18.68
N VAL B 200 25.14 -35.04 18.61
CA VAL B 200 24.32 -35.71 19.67
C VAL B 200 24.98 -37.04 20.03
N ASP B 201 24.54 -37.68 21.12
CA ASP B 201 25.18 -38.86 21.76
C ASP B 201 24.41 -40.15 21.43
N LYS B 202 23.08 -40.07 21.30
CA LYS B 202 22.19 -41.25 21.17
C LYS B 202 20.86 -40.86 20.52
N ILE B 203 20.08 -41.87 20.11
CA ILE B 203 18.73 -41.72 19.48
C ILE B 203 17.69 -42.43 20.36
N PHE B 204 16.66 -41.69 20.81
CA PHE B 204 15.49 -42.20 21.57
C PHE B 204 14.36 -42.48 20.59
N THR B 205 13.78 -43.69 20.62
CA THR B 205 12.68 -44.13 19.72
C THR B 205 11.39 -44.33 20.54
N HIS B 206 11.42 -45.23 21.54
CA HIS B 206 10.27 -45.57 22.43
C HIS B 206 10.63 -45.25 23.88
N ALA C 16 1.68 -13.02 28.40
CA ALA C 16 2.52 -13.45 29.57
C ALA C 16 2.73 -14.96 29.51
N LEU C 17 3.97 -15.42 29.73
CA LEU C 17 4.44 -16.78 29.33
C LEU C 17 4.81 -17.61 30.58
N VAL C 18 4.36 -18.87 30.59
CA VAL C 18 4.42 -19.86 31.71
C VAL C 18 3.85 -19.23 32.99
N PRO C 19 2.52 -18.91 33.02
CA PRO C 19 1.83 -18.55 34.26
C PRO C 19 1.25 -19.76 35.02
N MET C 20 0.87 -19.55 36.28
CA MET C 20 0.23 -20.58 37.16
C MET C 20 -1.05 -19.99 37.79
N TYR C 32 0.84 -14.97 36.94
CA TYR C 32 2.13 -15.08 37.68
C TYR C 32 3.12 -15.87 36.82
N ASP C 33 3.84 -15.16 35.95
CA ASP C 33 4.75 -15.75 34.92
C ASP C 33 6.11 -16.04 35.55
N ILE C 34 7.06 -16.54 34.75
CA ILE C 34 8.45 -16.87 35.17
C ILE C 34 9.16 -15.59 35.65
N TYR C 35 8.90 -14.44 35.00
CA TYR C 35 9.55 -13.14 35.29
C TYR C 35 9.10 -12.64 36.67
N SER C 36 7.81 -12.78 36.99
CA SER C 36 7.22 -12.45 38.32
C SER C 36 7.86 -13.35 39.39
N ARG C 37 8.09 -14.62 39.08
CA ARG C 37 8.66 -15.62 40.01
C ARG C 37 10.12 -15.24 40.32
N LEU C 38 10.89 -14.84 39.30
CA LEU C 38 12.32 -14.45 39.45
C LEU C 38 12.43 -13.06 40.07
N LEU C 39 11.36 -12.25 40.01
CA LEU C 39 11.32 -10.91 40.65
C LEU C 39 11.37 -11.07 42.17
N LYS C 40 10.86 -12.17 42.72
CA LYS C 40 10.92 -12.50 44.17
C LYS C 40 12.38 -12.79 44.56
N GLU C 41 13.18 -13.33 43.64
CA GLU C 41 14.63 -13.59 43.82
C GLU C 41 15.43 -12.30 43.55
N ARG C 42 14.73 -11.16 43.38
CA ARG C 42 15.30 -9.81 43.13
C ARG C 42 16.08 -9.81 41.81
N ILE C 43 15.53 -10.45 40.77
CA ILE C 43 16.11 -10.49 39.40
C ILE C 43 15.20 -9.67 38.47
N ILE C 44 15.79 -8.72 37.74
CA ILE C 44 15.11 -7.88 36.72
C ILE C 44 15.81 -8.12 35.37
N PHE C 45 15.03 -8.20 34.29
CA PHE C 45 15.52 -8.44 32.90
C PHE C 45 15.31 -7.17 32.07
N LEU C 46 16.40 -6.65 31.51
CA LEU C 46 16.40 -5.58 30.48
C LEU C 46 16.69 -6.25 29.13
N THR C 47 15.65 -6.47 28.32
CA THR C 47 15.70 -7.29 27.08
C THR C 47 15.21 -6.47 25.89
N GLY C 48 16.01 -6.41 24.82
CA GLY C 48 15.64 -5.78 23.54
C GLY C 48 15.95 -4.30 23.54
N GLN C 49 15.35 -3.55 22.61
CA GLN C 49 15.60 -2.10 22.38
C GLN C 49 15.13 -1.30 23.59
N VAL C 50 15.95 -0.32 24.00
CA VAL C 50 15.66 0.61 25.14
C VAL C 50 14.76 1.74 24.64
N GLU C 51 13.56 1.85 25.21
CA GLU C 51 12.57 2.92 24.93
C GLU C 51 11.78 3.18 26.20
N ASP C 52 10.96 4.23 26.22
CA ASP C 52 10.33 4.81 27.44
C ASP C 52 9.59 3.74 28.23
N HIS C 53 8.70 2.98 27.58
CA HIS C 53 7.74 2.07 28.25
C HIS C 53 8.47 0.90 28.94
N MET C 54 9.38 0.21 28.24
CA MET C 54 10.16 -0.91 28.81
C MET C 54 11.11 -0.38 29.88
N ALA C 55 11.68 0.81 29.68
CA ALA C 55 12.61 1.48 30.63
C ALA C 55 11.87 1.85 31.92
N ASN C 56 10.62 2.32 31.80
CA ASN C 56 9.72 2.62 32.95
C ASN C 56 9.48 1.34 33.75
N LEU C 57 9.27 0.20 33.07
CA LEU C 57 8.97 -1.11 33.70
C LEU C 57 10.17 -1.57 34.54
N VAL C 58 11.39 -1.37 34.05
CA VAL C 58 12.66 -1.72 34.75
C VAL C 58 12.76 -0.88 36.03
N ALA C 59 12.68 0.45 35.90
CA ALA C 59 12.76 1.43 37.02
C ALA C 59 11.69 1.09 38.06
N ALA C 60 10.46 0.80 37.61
CA ALA C 60 9.30 0.44 38.46
C ALA C 60 9.66 -0.76 39.34
N GLN C 61 10.19 -1.83 38.71
CA GLN C 61 10.65 -3.06 39.38
C GLN C 61 11.74 -2.71 40.42
N MET C 62 12.67 -1.82 40.05
CA MET C 62 13.79 -1.38 40.94
C MET C 62 13.24 -0.65 42.17
N LEU C 63 12.24 0.21 41.99
CA LEU C 63 11.57 0.97 43.09
C LEU C 63 10.83 0.00 44.01
N PHE C 64 10.13 -0.98 43.42
CA PHE C 64 9.37 -2.03 44.17
C PHE C 64 10.33 -2.81 45.06
N LEU C 65 11.44 -3.32 44.50
CA LEU C 65 12.43 -4.18 45.20
C LEU C 65 13.10 -3.39 46.34
N GLU C 66 13.32 -2.09 46.14
CA GLU C 66 13.85 -1.18 47.19
C GLU C 66 12.86 -1.11 48.35
N ALA C 67 11.57 -0.89 48.04
CA ALA C 67 10.46 -0.80 49.02
C ALA C 67 10.33 -2.11 49.80
N GLU C 68 10.56 -3.25 49.12
CA GLU C 68 10.51 -4.61 49.73
C GLU C 68 11.67 -4.78 50.72
N ASN C 69 12.88 -4.38 50.32
CA ASN C 69 14.11 -4.51 51.16
C ASN C 69 15.21 -3.61 50.56
N PRO C 70 15.51 -2.45 51.19
CA PRO C 70 16.45 -1.48 50.62
C PRO C 70 17.94 -1.81 50.85
N GLU C 71 18.24 -2.98 51.44
CA GLU C 71 19.62 -3.40 51.81
C GLU C 71 20.10 -4.56 50.92
N LYS C 72 19.21 -5.46 50.52
CA LYS C 72 19.55 -6.63 49.66
C LYS C 72 19.82 -6.16 48.23
N ASP C 73 20.79 -6.79 47.55
CA ASP C 73 21.22 -6.46 46.17
C ASP C 73 20.07 -6.74 45.18
N ILE C 74 20.12 -6.08 44.02
CA ILE C 74 19.23 -6.32 42.85
C ILE C 74 20.10 -6.78 41.68
N PHE C 75 19.67 -7.82 40.96
CA PHE C 75 20.39 -8.42 39.81
C PHE C 75 19.67 -8.02 38.52
N LEU C 76 20.28 -7.09 37.77
CA LEU C 76 19.78 -6.62 36.45
C LEU C 76 20.51 -7.39 35.35
N TYR C 77 19.82 -8.33 34.71
CA TYR C 77 20.29 -9.06 33.50
C TYR C 77 20.04 -8.17 32.28
N ILE C 78 21.10 -7.86 31.54
CA ILE C 78 21.06 -6.95 30.34
C ILE C 78 21.36 -7.78 29.10
N ASN C 79 20.40 -7.87 28.18
CA ASN C 79 20.56 -8.38 26.80
C ASN C 79 19.89 -7.38 25.85
N SER C 80 20.63 -6.38 25.38
CA SER C 80 20.09 -5.20 24.65
C SER C 80 21.10 -4.66 23.63
N PRO C 81 20.65 -4.31 22.41
CA PRO C 81 21.49 -3.62 21.42
C PRO C 81 21.55 -2.10 21.66
N GLY C 82 20.74 -1.59 22.60
CA GLY C 82 20.68 -0.18 22.99
C GLY C 82 19.31 0.42 22.66
N GLY C 83 19.26 1.74 22.45
CA GLY C 83 18.02 2.46 22.11
C GLY C 83 18.08 3.92 22.53
N VAL C 84 16.95 4.46 22.99
CA VAL C 84 16.77 5.91 23.29
C VAL C 84 17.55 6.25 24.57
N ILE C 85 18.50 7.19 24.49
CA ILE C 85 19.43 7.57 25.59
C ILE C 85 18.61 8.00 26.82
N THR C 86 17.68 8.95 26.66
CA THR C 86 16.87 9.51 27.77
C THR C 86 16.16 8.37 28.52
N ALA C 87 15.62 7.39 27.78
CA ALA C 87 14.94 6.20 28.35
C ALA C 87 15.94 5.40 29.19
N GLY C 88 17.16 5.22 28.68
CA GLY C 88 18.26 4.54 29.38
C GLY C 88 18.73 5.31 30.60
N MET C 89 18.80 6.64 30.50
CA MET C 89 19.27 7.52 31.61
C MET C 89 18.23 7.50 32.76
N SER C 90 16.95 7.28 32.45
CA SER C 90 15.88 7.09 33.46
C SER C 90 16.21 5.87 34.33
N ILE C 91 16.72 4.79 33.71
CA ILE C 91 17.13 3.54 34.41
C ILE C 91 18.42 3.81 35.20
N TYR C 92 19.41 4.47 34.57
CA TYR C 92 20.72 4.82 35.16
C TYR C 92 20.50 5.60 36.47
N ASP C 93 19.69 6.66 36.43
CA ASP C 93 19.46 7.57 37.58
C ASP C 93 18.69 6.82 38.68
N THR C 94 17.75 5.94 38.31
CA THR C 94 17.01 5.06 39.26
C THR C 94 18.01 4.13 39.95
N MET C 95 18.88 3.48 39.18
CA MET C 95 19.96 2.59 39.67
C MET C 95 20.79 3.30 40.74
N GLN C 96 21.26 4.53 40.45
CA GLN C 96 22.15 5.32 41.33
C GLN C 96 21.35 5.83 42.55
N PHE C 97 20.08 6.18 42.37
CA PHE C 97 19.22 6.82 43.41
C PHE C 97 18.87 5.81 44.52
N ILE C 98 18.41 4.61 44.14
CA ILE C 98 17.92 3.58 45.10
C ILE C 98 19.08 3.13 45.99
N LYS C 99 18.77 2.76 47.23
CA LYS C 99 19.77 2.35 48.27
C LYS C 99 20.44 1.04 47.87
N PRO C 100 19.67 0.01 47.44
CA PRO C 100 20.27 -1.27 47.04
C PRO C 100 21.34 -1.12 45.94
N ASP C 101 22.44 -1.87 46.07
CA ASP C 101 23.44 -2.05 44.99
C ASP C 101 22.76 -2.81 43.84
N VAL C 102 22.94 -2.35 42.60
CA VAL C 102 22.41 -3.02 41.38
C VAL C 102 23.59 -3.75 40.70
N SER C 103 23.58 -5.08 40.76
CA SER C 103 24.53 -5.96 40.03
C SER C 103 24.04 -6.11 38.59
N THR C 104 24.91 -5.82 37.62
CA THR C 104 24.59 -5.89 36.17
C THR C 104 25.29 -7.13 35.56
N ILE C 105 24.51 -8.08 35.05
CA ILE C 105 25.00 -9.30 34.33
C ILE C 105 24.66 -9.14 32.84
N CYS C 106 25.66 -9.30 31.96
CA CYS C 106 25.50 -9.23 30.49
C CYS C 106 25.20 -10.63 29.92
N MET C 107 23.97 -10.82 29.43
CA MET C 107 23.52 -12.00 28.64
C MET C 107 23.58 -11.64 27.15
N GLY C 108 24.06 -12.56 26.31
CA GLY C 108 24.06 -12.41 24.84
C GLY C 108 24.88 -11.22 24.38
N GLN C 109 24.36 -10.01 24.52
CA GLN C 109 25.07 -8.75 24.16
C GLN C 109 24.59 -7.59 25.03
N ALA C 110 25.49 -6.62 25.26
CA ALA C 110 25.21 -5.27 25.79
C ALA C 110 25.92 -4.25 24.89
N CYS C 111 25.18 -3.60 23.99
CA CYS C 111 25.77 -2.63 23.03
C CYS C 111 25.13 -1.26 23.20
N SER C 112 25.86 -0.21 22.84
CA SER C 112 25.35 1.16 22.88
C SER C 112 24.91 1.50 24.30
N MET C 113 23.62 1.82 24.46
CA MET C 113 23.02 2.13 25.78
C MET C 113 23.06 0.90 26.70
N GLY C 114 23.01 -0.32 26.15
CA GLY C 114 23.14 -1.55 26.94
C GLY C 114 24.50 -1.64 27.62
N ALA C 115 25.56 -1.28 26.92
CA ALA C 115 26.93 -1.28 27.49
C ALA C 115 27.05 -0.22 28.58
N PHE C 116 26.40 0.93 28.40
CA PHE C 116 26.39 2.08 29.35
C PHE C 116 25.75 1.63 30.66
N LEU C 117 24.58 0.98 30.61
CA LEU C 117 23.83 0.51 31.80
C LEU C 117 24.57 -0.64 32.47
N LEU C 118 25.23 -1.51 31.68
CA LEU C 118 26.07 -2.62 32.19
C LEU C 118 27.19 -2.04 33.07
N THR C 119 27.93 -1.05 32.57
CA THR C 119 29.09 -0.43 33.26
C THR C 119 28.63 0.45 34.43
N ALA C 120 27.33 0.78 34.49
CA ALA C 120 26.73 1.66 35.52
C ALA C 120 26.37 0.86 36.79
N GLY C 121 26.61 -0.46 36.81
CA GLY C 121 26.34 -1.33 37.98
C GLY C 121 27.27 -1.03 39.14
N ALA C 122 26.93 -1.51 40.33
CA ALA C 122 27.73 -1.34 41.57
C ALA C 122 29.13 -1.91 41.36
N LYS C 123 30.17 -1.21 41.85
CA LYS C 123 31.59 -1.58 41.66
C LYS C 123 31.85 -2.93 42.32
N GLY C 124 32.45 -3.86 41.57
CA GLY C 124 32.74 -5.25 42.00
C GLY C 124 31.60 -6.21 41.68
N LYS C 125 30.48 -5.71 41.13
CA LYS C 125 29.24 -6.51 40.88
C LYS C 125 28.77 -6.35 39.43
N ARG C 126 29.65 -5.89 38.53
CA ARG C 126 29.39 -5.81 37.07
C ARG C 126 29.99 -7.06 36.41
N ILE C 127 29.14 -7.91 35.82
CA ILE C 127 29.48 -9.28 35.36
C ILE C 127 29.16 -9.43 33.88
N CYS C 128 30.08 -10.06 33.13
CA CYS C 128 29.87 -10.60 31.76
C CYS C 128 29.81 -12.13 31.83
N LEU C 129 28.88 -12.76 31.11
CA LEU C 129 28.93 -14.22 30.84
C LEU C 129 29.98 -14.45 29.75
N PRO C 130 30.60 -15.65 29.69
CA PRO C 130 31.84 -15.83 28.94
C PRO C 130 31.77 -15.34 27.48
N ASN C 131 30.70 -15.72 26.78
CA ASN C 131 30.55 -15.52 25.31
C ASN C 131 29.57 -14.39 25.01
N SER C 132 29.32 -13.50 25.98
CA SER C 132 28.54 -12.26 25.79
C SER C 132 29.40 -11.25 25.04
N ARG C 133 28.77 -10.37 24.24
CA ARG C 133 29.45 -9.33 23.43
C ARG C 133 29.09 -7.95 23.96
N VAL C 134 30.09 -7.08 24.15
CA VAL C 134 29.91 -5.66 24.55
C VAL C 134 30.42 -4.76 23.41
N MET C 135 29.67 -3.70 23.10
CA MET C 135 30.00 -2.72 22.03
C MET C 135 29.63 -1.31 22.49
N ILE C 136 30.56 -0.36 22.31
CA ILE C 136 30.39 1.08 22.71
C ILE C 136 30.63 1.95 21.48
N HIS C 137 29.86 3.04 21.33
CA HIS C 137 30.03 4.06 20.27
C HIS C 137 29.26 5.34 20.64
N GLN C 138 29.64 6.46 20.03
CA GLN C 138 29.10 7.82 20.31
C GLN C 138 27.62 7.85 19.99
N PRO C 139 26.85 8.80 20.57
CA PRO C 139 25.41 8.91 20.31
C PRO C 139 25.07 9.17 18.83
N LEU C 140 23.88 8.73 18.42
CA LEU C 140 23.25 9.03 17.12
C LEU C 140 22.16 10.09 17.34
N GLY C 141 21.80 10.82 16.29
CA GLY C 141 20.75 11.86 16.33
C GLY C 141 20.25 12.18 14.93
N GLY C 142 19.25 13.06 14.84
CA GLY C 142 18.66 13.51 13.57
C GLY C 142 17.65 14.63 13.79
N PHE C 143 17.92 15.81 13.23
CA PHE C 143 16.96 16.93 13.14
C PHE C 143 16.88 17.44 11.70
N GLN C 144 15.70 17.93 11.32
CA GLN C 144 15.46 18.72 10.08
C GLN C 144 14.66 19.97 10.45
N GLY C 145 14.86 21.07 9.71
CA GLY C 145 14.19 22.36 9.93
C GLY C 145 15.12 23.53 9.68
N GLN C 146 14.82 24.68 10.29
CA GLN C 146 15.57 25.95 10.11
C GLN C 146 17.01 25.76 10.62
N ALA C 147 17.97 26.41 9.96
CA ALA C 147 19.42 26.36 10.28
C ALA C 147 19.66 26.79 11.74
N THR C 148 18.86 27.72 12.26
CA THR C 148 18.90 28.19 13.67
C THR C 148 18.57 27.01 14.60
N ASP C 149 17.50 26.28 14.30
CA ASP C 149 17.01 25.12 15.10
C ASP C 149 18.02 23.97 15.02
N ILE C 150 18.64 23.78 13.86
CA ILE C 150 19.70 22.76 13.60
C ILE C 150 20.89 23.04 14.53
N GLU C 151 21.27 24.32 14.68
CA GLU C 151 22.42 24.75 15.53
C GLU C 151 22.12 24.40 16.99
N ILE C 152 20.89 24.65 17.45
CA ILE C 152 20.44 24.37 18.86
C ILE C 152 20.54 22.87 19.13
N HIS C 153 20.01 22.03 18.23
CA HIS C 153 19.97 20.55 18.38
C HIS C 153 21.37 19.96 18.25
N ALA C 154 22.22 20.56 17.41
CA ALA C 154 23.66 20.20 17.23
C ALA C 154 24.43 20.49 18.52
N GLN C 155 24.17 21.63 19.18
CA GLN C 155 24.80 22.01 20.48
C GLN C 155 24.35 21.02 21.56
N GLU C 156 23.07 20.63 21.57
CA GLU C 156 22.47 19.71 22.56
C GLU C 156 23.13 18.32 22.45
N ILE C 157 23.26 17.79 21.23
CA ILE C 157 23.84 16.43 20.98
C ILE C 157 25.31 16.41 21.43
N LEU C 158 26.05 17.52 21.23
CA LEU C 158 27.46 17.65 21.71
C LEU C 158 27.51 17.56 23.24
N LYS C 159 26.61 18.28 23.93
CA LYS C 159 26.55 18.31 25.41
C LYS C 159 26.24 16.91 25.95
N VAL C 160 25.30 16.19 25.33
CA VAL C 160 24.91 14.81 25.72
C VAL C 160 26.12 13.88 25.49
N LYS C 161 26.76 13.97 24.33
CA LYS C 161 27.97 13.18 23.98
C LYS C 161 29.05 13.37 25.06
N SER C 162 29.33 14.62 25.44
CA SER C 162 30.33 14.99 26.48
C SER C 162 29.93 14.36 27.82
N ARG C 163 28.65 14.47 28.20
CA ARG C 163 28.08 13.96 29.48
C ARG C 163 28.22 12.43 29.52
N MET C 164 27.84 11.75 28.43
CA MET C 164 27.92 10.27 28.31
C MET C 164 29.37 9.82 28.47
N ASN C 165 30.31 10.50 27.81
CA ASN C 165 31.78 10.22 27.86
C ASN C 165 32.28 10.38 29.30
N GLU C 166 31.86 11.43 29.99
CA GLU C 166 32.25 11.74 31.40
C GLU C 166 31.82 10.59 32.31
N LEU C 167 30.56 10.16 32.22
CA LEU C 167 29.97 9.09 33.07
C LEU C 167 30.66 7.75 32.77
N MET C 168 30.99 7.49 31.51
CA MET C 168 31.74 6.28 31.07
C MET C 168 33.16 6.31 31.65
N ALA C 169 33.81 7.49 31.61
CA ALA C 169 35.17 7.73 32.16
C ALA C 169 35.17 7.46 33.68
N LYS C 170 34.09 7.83 34.37
CA LYS C 170 33.91 7.67 35.84
C LYS C 170 33.73 6.19 36.19
N HIS C 171 32.94 5.44 35.41
CA HIS C 171 32.54 4.03 35.69
C HIS C 171 33.64 3.05 35.26
N THR C 172 34.44 3.39 34.25
CA THR C 172 35.53 2.53 33.72
C THR C 172 36.85 2.84 34.44
N GLY C 173 37.07 4.10 34.83
CA GLY C 173 38.32 4.58 35.45
C GLY C 173 39.33 5.04 34.41
N ARG C 174 38.96 4.97 33.13
CA ARG C 174 39.78 5.45 31.99
C ARG C 174 39.55 6.95 31.82
N PRO C 175 40.55 7.72 31.33
CA PRO C 175 40.38 9.17 31.12
C PRO C 175 39.39 9.45 29.99
N ILE C 176 38.69 10.59 30.05
CA ILE C 176 37.63 11.00 29.09
C ILE C 176 38.21 11.08 27.67
N GLU C 177 39.48 11.47 27.52
CA GLU C 177 40.16 11.63 26.21
C GLU C 177 40.21 10.30 25.47
N GLU C 178 40.35 9.18 26.21
CA GLU C 178 40.48 7.80 25.65
C GLU C 178 39.07 7.26 25.31
N ILE C 179 38.11 7.42 26.22
CA ILE C 179 36.69 7.01 26.03
C ILE C 179 36.15 7.67 24.76
N ALA C 180 36.50 8.93 24.52
CA ALA C 180 36.10 9.72 23.34
C ALA C 180 36.67 9.08 22.06
N LYS C 181 38.01 8.99 21.96
CA LYS C 181 38.73 8.38 20.81
C LYS C 181 38.14 7.01 20.47
N ASP C 182 37.91 6.17 21.50
CA ASP C 182 37.56 4.74 21.36
C ASP C 182 36.07 4.56 21.02
N THR C 183 35.26 5.63 21.11
CA THR C 183 33.79 5.58 20.81
C THR C 183 33.47 6.41 19.56
N GLU C 184 34.46 6.99 18.89
CA GLU C 184 34.27 7.76 17.61
C GLU C 184 33.65 6.82 16.57
N ARG C 185 34.06 5.54 16.56
CA ARG C 185 33.47 4.47 15.71
C ARG C 185 33.15 3.26 16.61
N ASP C 186 32.27 2.38 16.12
CA ASP C 186 31.82 1.15 16.83
C ASP C 186 33.06 0.38 17.30
N ARG C 187 33.14 0.08 18.60
CA ARG C 187 34.25 -0.67 19.25
C ARG C 187 33.68 -1.92 19.93
N PHE C 188 33.88 -3.09 19.33
CA PHE C 188 33.43 -4.41 19.85
C PHE C 188 34.46 -4.94 20.85
N LEU C 189 33.99 -5.44 22.00
CA LEU C 189 34.83 -6.06 23.06
C LEU C 189 34.27 -7.44 23.43
N SER C 190 35.14 -8.44 23.52
CA SER C 190 34.84 -9.75 24.16
C SER C 190 34.67 -9.53 25.67
N ALA C 191 34.16 -10.53 26.40
CA ALA C 191 34.00 -10.49 27.86
C ALA C 191 35.36 -10.17 28.51
N ASP C 192 36.43 -10.85 28.07
CA ASP C 192 37.82 -10.66 28.56
C ASP C 192 38.24 -9.20 28.36
N GLU C 193 38.01 -8.65 27.15
CA GLU C 193 38.38 -7.26 26.78
C GLU C 193 37.55 -6.26 27.63
N ALA C 194 36.29 -6.58 27.92
CA ALA C 194 35.38 -5.74 28.73
C ALA C 194 35.89 -5.65 30.18
N VAL C 195 36.47 -6.74 30.70
CA VAL C 195 37.11 -6.76 32.06
C VAL C 195 38.37 -5.89 32.01
N GLU C 196 39.18 -6.02 30.95
CA GLU C 196 40.46 -5.27 30.75
C GLU C 196 40.17 -3.77 30.62
N TYR C 197 39.11 -3.39 29.90
CA TYR C 197 38.74 -1.98 29.62
C TYR C 197 38.21 -1.32 30.91
N GLY C 198 37.50 -2.10 31.74
CA GLY C 198 36.92 -1.64 33.02
C GLY C 198 35.40 -1.47 32.94
N LEU C 199 34.79 -1.91 31.84
CA LEU C 199 33.31 -1.86 31.65
C LEU C 199 32.63 -2.81 32.65
N VAL C 200 33.22 -3.99 32.86
CA VAL C 200 32.77 -4.99 33.87
C VAL C 200 33.96 -5.35 34.76
N ASP C 201 33.70 -6.06 35.86
CA ASP C 201 34.71 -6.38 36.92
C ASP C 201 35.20 -7.83 36.77
N LYS C 202 34.29 -8.77 36.51
CA LYS C 202 34.59 -10.22 36.48
C LYS C 202 33.71 -10.95 35.47
N ILE C 203 34.07 -12.20 35.16
CA ILE C 203 33.30 -13.12 34.26
C ILE C 203 32.81 -14.31 35.11
N PHE C 204 31.55 -14.72 34.91
CA PHE C 204 30.87 -15.86 35.58
C PHE C 204 30.66 -16.98 34.56
N THR C 205 31.35 -18.12 34.72
CA THR C 205 31.33 -19.28 33.79
C THR C 205 30.45 -20.39 34.37
N HIS C 206 30.76 -20.85 35.59
CA HIS C 206 30.00 -21.88 36.35
C HIS C 206 29.78 -21.40 37.78
N ARG C 207 28.71 -21.88 38.44
CA ARG C 207 28.36 -21.52 39.84
C ARG C 207 29.15 -22.41 40.80
N LEU D 17 4.14 -7.18 28.82
CA LEU D 17 4.84 -7.76 30.02
C LEU D 17 4.66 -6.81 31.21
N VAL D 18 3.85 -7.20 32.19
CA VAL D 18 3.65 -6.46 33.48
C VAL D 18 3.77 -7.46 34.62
N PRO D 19 4.86 -7.41 35.42
CA PRO D 19 5.11 -8.42 36.45
C PRO D 19 4.17 -8.33 37.65
N MET D 20 3.79 -9.49 38.21
CA MET D 20 2.84 -9.63 39.35
C MET D 20 3.61 -9.92 40.64
N VAL D 21 2.91 -9.94 41.78
CA VAL D 21 3.46 -10.32 43.12
C VAL D 21 2.36 -11.06 43.90
N TYR D 32 -1.39 -8.46 42.93
CA TYR D 32 -1.00 -7.07 42.53
C TYR D 32 -0.05 -7.12 41.33
N ASP D 33 -0.28 -6.25 40.33
CA ASP D 33 0.73 -5.88 39.31
C ASP D 33 1.66 -4.83 39.94
N ILE D 34 2.84 -4.63 39.35
CA ILE D 34 3.93 -3.80 39.95
C ILE D 34 3.47 -2.34 40.09
N TYR D 35 2.68 -1.85 39.14
CA TYR D 35 2.19 -0.44 39.08
C TYR D 35 1.10 -0.24 40.14
N SER D 36 0.17 -1.20 40.28
CA SER D 36 -0.91 -1.20 41.30
C SER D 36 -0.29 -1.19 42.71
N ARG D 37 0.85 -1.86 42.87
CA ARG D 37 1.58 -2.00 44.17
C ARG D 37 2.26 -0.67 44.52
N LEU D 38 2.81 0.04 43.53
CA LEU D 38 3.47 1.36 43.72
C LEU D 38 2.41 2.46 43.86
N LEU D 39 1.17 2.21 43.42
CA LEU D 39 0.03 3.17 43.57
C LEU D 39 -0.38 3.22 45.04
N LYS D 40 -0.30 2.09 45.76
CA LYS D 40 -0.51 2.02 47.25
C LYS D 40 0.50 2.95 47.94
N GLU D 41 1.73 3.03 47.44
CA GLU D 41 2.81 3.92 47.95
C GLU D 41 2.62 5.34 47.40
N ARG D 42 1.46 5.62 46.77
CA ARG D 42 1.04 6.96 46.27
C ARG D 42 2.01 7.44 45.18
N ILE D 43 2.48 6.53 44.33
CA ILE D 43 3.37 6.83 43.17
C ILE D 43 2.55 6.67 41.88
N ILE D 44 2.52 7.70 41.04
CA ILE D 44 1.90 7.66 39.68
C ILE D 44 3.01 7.89 38.64
N PHE D 45 2.93 7.20 37.50
CA PHE D 45 3.88 7.32 36.37
C PHE D 45 3.20 7.99 35.18
N LEU D 46 3.81 9.05 34.66
CA LEU D 46 3.44 9.72 33.38
C LEU D 46 4.56 9.44 32.37
N THR D 47 4.34 8.48 31.46
CA THR D 47 5.36 7.93 30.53
C THR D 47 4.90 8.12 29.08
N GLY D 48 5.79 8.63 28.23
CA GLY D 48 5.59 8.73 26.77
C GLY D 48 4.73 9.93 26.41
N GLN D 49 4.15 9.93 25.21
CA GLN D 49 3.40 11.08 24.64
C GLN D 49 2.14 11.33 25.47
N VAL D 50 1.87 12.60 25.80
CA VAL D 50 0.67 13.04 26.55
C VAL D 50 -0.51 13.10 25.57
N GLU D 51 -1.60 12.38 25.88
CA GLU D 51 -2.85 12.34 25.08
C GLU D 51 -4.03 12.03 26.01
N ASP D 52 -5.27 12.20 25.52
CA ASP D 52 -6.50 12.20 26.33
C ASP D 52 -6.57 10.98 27.26
N HIS D 53 -6.29 9.78 26.75
CA HIS D 53 -6.57 8.49 27.45
C HIS D 53 -5.56 8.25 28.58
N MET D 54 -4.25 8.36 28.31
CA MET D 54 -3.18 8.17 29.34
C MET D 54 -3.26 9.30 30.37
N ALA D 55 -3.62 10.52 29.95
CA ALA D 55 -3.78 11.71 30.82
C ALA D 55 -4.98 11.52 31.75
N ASN D 56 -6.09 10.98 31.22
CA ASN D 56 -7.32 10.68 31.99
C ASN D 56 -7.00 9.66 33.08
N LEU D 57 -6.13 8.69 32.77
CA LEU D 57 -5.70 7.61 33.70
C LEU D 57 -4.93 8.24 34.87
N VAL D 58 -4.00 9.17 34.58
CA VAL D 58 -3.18 9.90 35.59
C VAL D 58 -4.11 10.69 36.52
N ALA D 59 -5.04 11.46 35.94
CA ALA D 59 -6.04 12.28 36.66
C ALA D 59 -6.89 11.38 37.56
N ALA D 60 -7.29 10.21 37.05
CA ALA D 60 -8.14 9.22 37.76
C ALA D 60 -7.37 8.68 38.97
N GLN D 61 -6.06 8.43 38.83
CA GLN D 61 -5.19 7.93 39.92
C GLN D 61 -5.06 9.01 41.00
N MET D 62 -4.90 10.28 40.59
CA MET D 62 -4.76 11.44 41.50
C MET D 62 -6.06 11.61 42.31
N LEU D 63 -7.23 11.52 41.66
CA LEU D 63 -8.56 11.66 42.32
C LEU D 63 -8.75 10.52 43.34
N PHE D 64 -8.34 9.30 42.98
CA PHE D 64 -8.46 8.08 43.83
C PHE D 64 -7.61 8.23 45.09
N LEU D 65 -6.33 8.61 44.93
CA LEU D 65 -5.35 8.77 46.04
C LEU D 65 -5.84 9.86 47.01
N GLU D 66 -6.45 10.93 46.48
CA GLU D 66 -7.02 12.03 47.30
C GLU D 66 -8.14 11.48 48.19
N ALA D 67 -9.05 10.68 47.62
CA ALA D 67 -10.20 10.06 48.33
C ALA D 67 -9.68 9.13 49.43
N GLU D 68 -8.60 8.39 49.16
CA GLU D 68 -7.96 7.43 50.10
C GLU D 68 -7.32 8.19 51.28
N ASN D 69 -6.63 9.30 50.99
CA ASN D 69 -5.96 10.14 52.02
C ASN D 69 -5.67 11.51 51.44
N PRO D 70 -6.50 12.54 51.76
CA PRO D 70 -6.31 13.88 51.21
C PRO D 70 -5.18 14.69 51.87
N GLU D 71 -4.35 14.07 52.71
CA GLU D 71 -3.30 14.76 53.51
C GLU D 71 -1.94 14.07 53.39
N LYS D 72 -1.76 13.15 52.44
CA LYS D 72 -0.46 12.50 52.14
C LYS D 72 0.01 12.90 50.73
N ASP D 73 1.30 13.18 50.57
CA ASP D 73 1.94 13.55 49.28
C ASP D 73 1.62 12.50 48.22
N ILE D 74 1.45 12.94 46.97
CA ILE D 74 1.42 12.10 45.74
C ILE D 74 2.72 12.35 44.97
N PHE D 75 3.34 11.29 44.46
CA PHE D 75 4.63 11.34 43.71
C PHE D 75 4.37 11.00 42.23
N LEU D 76 4.46 12.00 41.36
CA LEU D 76 4.27 11.86 39.89
C LEU D 76 5.65 11.77 39.21
N TYR D 77 6.04 10.57 38.79
CA TYR D 77 7.27 10.31 37.99
C TYR D 77 6.98 10.68 36.53
N ILE D 78 7.74 11.63 35.98
CA ILE D 78 7.56 12.19 34.61
C ILE D 78 8.74 11.76 33.72
N ASN D 79 8.46 10.99 32.68
CA ASN D 79 9.37 10.75 31.52
C ASN D 79 8.53 10.91 30.25
N SER D 80 8.55 12.10 29.65
CA SER D 80 7.64 12.48 28.54
C SER D 80 8.32 13.51 27.62
N PRO D 81 8.19 13.37 26.28
CA PRO D 81 8.57 14.43 25.35
C PRO D 81 7.46 15.47 25.17
N GLY D 82 6.31 15.26 25.83
CA GLY D 82 5.13 16.16 25.80
C GLY D 82 3.96 15.53 25.08
N GLY D 83 3.18 16.34 24.35
CA GLY D 83 2.01 15.89 23.58
C GLY D 83 0.89 16.92 23.58
N VAL D 84 -0.36 16.46 23.61
CA VAL D 84 -1.59 17.31 23.45
C VAL D 84 -1.73 18.18 24.71
N ILE D 85 -1.87 19.50 24.52
CA ILE D 85 -1.88 20.53 25.62
C ILE D 85 -3.15 20.36 26.47
N THR D 86 -4.33 20.25 25.85
CA THR D 86 -5.63 20.09 26.56
C THR D 86 -5.56 18.85 27.45
N ALA D 87 -4.98 17.75 26.95
CA ALA D 87 -4.76 16.49 27.71
C ALA D 87 -3.87 16.77 28.93
N GLY D 88 -2.77 17.49 28.71
CA GLY D 88 -1.82 17.90 29.78
C GLY D 88 -2.47 18.84 30.79
N MET D 89 -3.37 19.72 30.33
CA MET D 89 -4.06 20.73 31.20
C MET D 89 -5.14 20.05 32.04
N SER D 90 -5.64 18.87 31.60
CA SER D 90 -6.57 18.04 32.40
C SER D 90 -5.85 17.51 33.65
N ILE D 91 -4.57 17.17 33.53
CA ILE D 91 -3.70 16.73 34.67
C ILE D 91 -3.39 17.95 35.55
N TYR D 92 -2.92 19.04 34.93
CA TYR D 92 -2.52 20.30 35.63
C TYR D 92 -3.65 20.75 36.55
N ASP D 93 -4.86 20.91 36.02
CA ASP D 93 -6.02 21.41 36.77
C ASP D 93 -6.37 20.43 37.90
N THR D 94 -6.23 19.11 37.66
CA THR D 94 -6.45 18.05 38.67
C THR D 94 -5.40 18.21 39.78
N MET D 95 -4.12 18.34 39.40
CA MET D 95 -2.98 18.54 40.34
C MET D 95 -3.31 19.70 41.30
N GLN D 96 -3.66 20.87 40.76
CA GLN D 96 -3.95 22.10 41.53
C GLN D 96 -5.20 21.90 42.39
N PHE D 97 -6.23 21.23 41.86
CA PHE D 97 -7.57 21.12 42.49
C PHE D 97 -7.51 20.27 43.76
N ILE D 98 -6.90 19.08 43.69
CA ILE D 98 -6.89 18.08 44.81
C ILE D 98 -6.11 18.68 45.98
N LYS D 99 -6.49 18.31 47.21
CA LYS D 99 -5.87 18.83 48.46
C LYS D 99 -4.41 18.39 48.54
N PRO D 100 -4.10 17.08 48.43
CA PRO D 100 -2.72 16.62 48.57
C PRO D 100 -1.74 17.41 47.70
N ASP D 101 -0.54 17.69 48.24
CA ASP D 101 0.64 18.11 47.45
C ASP D 101 0.96 17.03 46.42
N VAL D 102 1.22 17.44 45.17
CA VAL D 102 1.73 16.55 44.09
C VAL D 102 3.20 16.89 43.84
N SER D 103 4.12 16.07 44.35
CA SER D 103 5.57 16.13 44.08
C SER D 103 5.84 15.55 42.69
N THR D 104 6.57 16.28 41.85
CA THR D 104 6.98 15.87 40.47
C THR D 104 8.45 15.49 40.47
N ILE D 105 8.79 14.31 39.91
CA ILE D 105 10.18 13.80 39.75
C ILE D 105 10.42 13.54 38.25
N CYS D 106 11.43 14.19 37.68
CA CYS D 106 11.81 14.05 36.24
C CYS D 106 12.78 12.87 36.09
N MET D 107 12.30 11.78 35.49
CA MET D 107 13.10 10.60 35.02
C MET D 107 13.37 10.75 33.52
N GLY D 108 14.62 10.55 33.09
CA GLY D 108 15.00 10.56 31.67
C GLY D 108 14.86 11.94 31.06
N GLN D 109 13.63 12.40 30.81
CA GLN D 109 13.37 13.75 30.25
C GLN D 109 11.95 14.23 30.57
N ALA D 110 11.81 15.55 30.58
CA ALA D 110 10.52 16.27 30.65
C ALA D 110 10.61 17.37 29.60
N CYS D 111 9.90 17.24 28.49
CA CYS D 111 9.99 18.26 27.42
C CYS D 111 8.60 18.75 27.06
N SER D 112 8.51 19.97 26.55
CA SER D 112 7.28 20.53 26.06
C SER D 112 6.31 20.48 27.23
N MET D 113 5.19 19.78 27.04
CA MET D 113 4.16 19.61 28.09
C MET D 113 4.74 18.88 29.31
N GLY D 114 5.70 17.98 29.15
CA GLY D 114 6.31 17.34 30.32
C GLY D 114 7.00 18.34 31.24
N ALA D 115 7.78 19.29 30.70
CA ALA D 115 8.45 20.33 31.51
C ALA D 115 7.40 21.20 32.21
N PHE D 116 6.24 21.42 31.57
CA PHE D 116 5.13 22.24 32.12
C PHE D 116 4.54 21.57 33.36
N LEU D 117 4.26 20.26 33.28
CA LEU D 117 3.66 19.48 34.39
C LEU D 117 4.69 19.27 35.51
N LEU D 118 5.97 19.14 35.17
CA LEU D 118 7.09 19.03 36.12
C LEU D 118 7.12 20.28 37.02
N THR D 119 7.10 21.47 36.41
CA THR D 119 7.22 22.79 37.09
C THR D 119 5.92 23.12 37.84
N ALA D 120 4.82 22.42 37.54
CA ALA D 120 3.48 22.63 38.14
C ALA D 120 3.37 21.91 39.49
N GLY D 121 4.36 21.10 39.86
CA GLY D 121 4.41 20.40 41.16
C GLY D 121 4.42 21.37 42.33
N ALA D 122 4.09 20.88 43.53
CA ALA D 122 4.08 21.67 44.79
C ALA D 122 5.47 22.27 45.02
N LYS D 123 5.54 23.55 45.41
CA LYS D 123 6.80 24.29 45.63
C LYS D 123 7.62 23.57 46.69
N GLY D 124 8.93 23.42 46.46
CA GLY D 124 9.88 22.71 47.34
C GLY D 124 9.96 21.22 47.05
N LYS D 125 9.06 20.67 46.22
CA LYS D 125 8.94 19.20 45.96
C LYS D 125 8.99 18.90 44.46
N ARG D 126 9.51 19.82 43.64
CA ARG D 126 9.78 19.61 42.19
C ARG D 126 11.24 19.17 42.04
N ILE D 127 11.47 17.96 41.52
CA ILE D 127 12.76 17.23 41.60
C ILE D 127 13.19 16.78 40.19
N CYS D 128 14.46 17.03 39.85
CA CYS D 128 15.18 16.41 38.70
C CYS D 128 16.18 15.39 39.24
N LEU D 129 16.25 14.21 38.60
CA LEU D 129 17.38 13.27 38.78
C LEU D 129 18.59 13.84 38.03
N PRO D 130 19.84 13.49 38.41
CA PRO D 130 21.03 14.25 37.98
C PRO D 130 21.22 14.36 36.47
N ASN D 131 20.93 13.29 35.72
CA ASN D 131 21.20 13.19 34.26
C ASN D 131 19.92 13.33 33.45
N SER D 132 18.79 13.64 34.09
CA SER D 132 17.51 13.95 33.42
C SER D 132 17.66 15.23 32.58
N ARG D 133 16.88 15.35 31.52
CA ARG D 133 16.90 16.50 30.58
C ARG D 133 15.54 17.20 30.59
N VAL D 134 15.55 18.54 30.65
CA VAL D 134 14.32 19.39 30.56
C VAL D 134 14.44 20.27 29.31
N MET D 135 13.33 20.44 28.59
CA MET D 135 13.27 21.28 27.36
C MET D 135 11.90 21.98 27.31
N ILE D 136 11.92 23.29 27.04
CA ILE D 136 10.70 24.15 26.96
C ILE D 136 10.68 24.85 25.60
N HIS D 137 9.50 25.01 25.01
CA HIS D 137 9.29 25.77 23.75
C HIS D 137 7.80 26.09 23.58
N GLN D 138 7.50 27.08 22.72
CA GLN D 138 6.14 27.61 22.45
C GLN D 138 5.27 26.52 21.82
N PRO D 139 3.94 26.60 21.98
CA PRO D 139 3.02 25.61 21.42
C PRO D 139 3.12 25.43 19.90
N LEU D 140 2.80 24.23 19.41
CA LEU D 140 2.68 23.89 17.97
C LEU D 140 1.20 23.75 17.64
N GLY D 141 0.82 23.99 16.38
CA GLY D 141 -0.57 23.88 15.90
C GLY D 141 -0.62 23.74 14.41
N GLY D 142 -1.81 23.89 13.82
CA GLY D 142 -2.00 23.85 12.36
C GLY D 142 -3.44 23.62 11.98
N PHE D 143 -4.05 24.59 11.30
CA PHE D 143 -5.42 24.50 10.72
C PHE D 143 -5.31 24.56 9.19
N GLN D 144 -6.35 24.08 8.50
CA GLN D 144 -6.58 24.26 7.04
C GLN D 144 -8.06 24.52 6.81
N GLY D 145 -8.38 25.34 5.80
CA GLY D 145 -9.76 25.70 5.42
C GLY D 145 -9.84 27.16 5.01
N GLN D 146 -11.01 27.78 5.20
CA GLN D 146 -11.29 29.18 4.80
C GLN D 146 -10.43 30.13 5.64
N ALA D 147 -10.08 31.29 5.08
CA ALA D 147 -9.22 32.32 5.71
C ALA D 147 -9.87 32.82 7.01
N THR D 148 -11.20 33.01 7.02
CA THR D 148 -11.99 33.43 8.22
C THR D 148 -11.75 32.43 9.37
N ASP D 149 -11.84 31.13 9.09
CA ASP D 149 -11.63 30.04 10.08
C ASP D 149 -10.15 30.02 10.52
N ILE D 150 -9.22 30.20 9.56
CA ILE D 150 -7.75 30.24 9.84
C ILE D 150 -7.47 31.36 10.84
N GLU D 151 -8.14 32.50 10.71
CA GLU D 151 -7.97 33.68 11.60
C GLU D 151 -8.42 33.31 13.02
N ILE D 152 -9.56 32.64 13.15
CA ILE D 152 -10.17 32.23 14.46
C ILE D 152 -9.19 31.31 15.21
N HIS D 153 -8.67 30.29 14.52
CA HIS D 153 -7.74 29.27 15.09
C HIS D 153 -6.39 29.92 15.44
N ALA D 154 -5.91 30.85 14.60
CA ALA D 154 -4.65 31.59 14.81
C ALA D 154 -4.75 32.39 16.12
N GLN D 155 -5.87 33.09 16.33
CA GLN D 155 -6.16 33.88 17.56
C GLN D 155 -6.21 32.95 18.77
N GLU D 156 -6.88 31.79 18.64
CA GLU D 156 -7.02 30.79 19.72
C GLU D 156 -5.62 30.32 20.15
N ILE D 157 -4.75 30.00 19.17
CA ILE D 157 -3.36 29.51 19.41
C ILE D 157 -2.56 30.58 20.15
N LEU D 158 -2.76 31.86 19.80
CA LEU D 158 -2.10 33.02 20.49
C LEU D 158 -2.59 33.10 21.95
N LYS D 159 -3.89 32.91 22.19
CA LYS D 159 -4.51 32.99 23.54
C LYS D 159 -3.93 31.88 24.43
N VAL D 160 -3.82 30.66 23.90
CA VAL D 160 -3.21 29.49 24.61
C VAL D 160 -1.73 29.78 24.88
N LYS D 161 -1.01 30.33 23.88
CA LYS D 161 0.44 30.65 24.03
C LYS D 161 0.62 31.61 25.22
N SER D 162 -0.14 32.70 25.25
CA SER D 162 -0.14 33.72 26.34
C SER D 162 -0.39 33.05 27.69
N ARG D 163 -1.43 32.21 27.77
CA ARG D 163 -1.88 31.52 29.01
C ARG D 163 -0.77 30.59 29.51
N MET D 164 -0.15 29.81 28.62
CA MET D 164 0.92 28.83 28.97
C MET D 164 2.16 29.58 29.46
N ASN D 165 2.47 30.74 28.86
CA ASN D 165 3.59 31.61 29.28
C ASN D 165 3.32 32.17 30.69
N GLU D 166 2.08 32.64 30.94
CA GLU D 166 1.64 33.19 32.25
C GLU D 166 1.85 32.14 33.35
N LEU D 167 1.38 30.92 33.11
CA LEU D 167 1.41 29.81 34.12
C LEU D 167 2.87 29.38 34.36
N MET D 168 3.69 29.34 33.31
CA MET D 168 5.15 29.03 33.39
C MET D 168 5.84 30.12 34.24
N ALA D 169 5.51 31.40 34.01
CA ALA D 169 6.04 32.57 34.75
C ALA D 169 5.70 32.43 36.23
N LYS D 170 4.44 32.10 36.55
CA LYS D 170 3.93 31.91 37.93
C LYS D 170 4.77 30.85 38.65
N HIS D 171 4.95 29.67 38.03
CA HIS D 171 5.58 28.48 38.64
C HIS D 171 7.11 28.63 38.72
N THR D 172 7.73 29.38 37.79
CA THR D 172 9.20 29.58 37.72
C THR D 172 9.61 30.84 38.49
N GLY D 173 8.69 31.80 38.66
CA GLY D 173 8.96 33.09 39.32
C GLY D 173 9.69 34.06 38.39
N ARG D 174 9.89 33.68 37.13
CA ARG D 174 10.53 34.55 36.10
C ARG D 174 9.44 35.38 35.44
N PRO D 175 9.75 36.62 34.97
CA PRO D 175 8.75 37.47 34.33
C PRO D 175 8.29 36.89 32.99
N ILE D 176 7.03 37.11 32.63
CA ILE D 176 6.36 36.53 31.42
C ILE D 176 7.18 36.88 30.17
N GLU D 177 7.74 38.10 30.11
CA GLU D 177 8.52 38.61 28.95
C GLU D 177 9.74 37.72 28.71
N GLU D 178 10.35 37.20 29.78
CA GLU D 178 11.57 36.34 29.72
C GLU D 178 11.18 34.93 29.29
N ILE D 179 10.06 34.40 29.82
CA ILE D 179 9.50 33.05 29.48
C ILE D 179 9.18 33.01 27.98
N ALA D 180 8.56 34.08 27.47
CA ALA D 180 8.19 34.25 26.04
C ALA D 180 9.44 34.22 25.16
N LYS D 181 10.44 35.06 25.47
CA LYS D 181 11.70 35.22 24.69
C LYS D 181 12.46 33.89 24.67
N ASP D 182 12.47 33.16 25.79
CA ASP D 182 13.29 31.95 26.00
C ASP D 182 12.64 30.71 25.35
N THR D 183 11.32 30.76 25.07
CA THR D 183 10.54 29.61 24.54
C THR D 183 10.19 29.80 23.06
N GLU D 184 10.64 30.90 22.44
CA GLU D 184 10.43 31.17 20.99
C GLU D 184 11.03 30.03 20.18
N ARG D 185 12.19 29.51 20.61
CA ARG D 185 12.86 28.32 20.02
C ARG D 185 13.18 27.32 21.14
N ASP D 186 13.47 26.07 20.77
CA ASP D 186 13.78 24.96 21.71
C ASP D 186 14.91 25.42 22.64
N ARG D 187 14.68 25.30 23.95
CA ARG D 187 15.65 25.66 25.03
C ARG D 187 15.86 24.43 25.90
N PHE D 188 17.01 23.77 25.75
CA PHE D 188 17.42 22.57 26.53
C PHE D 188 18.09 23.03 27.83
N LEU D 189 17.70 22.41 28.95
CA LEU D 189 18.30 22.66 30.30
C LEU D 189 18.76 21.34 30.91
N SER D 190 19.96 21.33 31.49
CA SER D 190 20.47 20.28 32.41
C SER D 190 19.70 20.37 33.74
N ALA D 191 19.85 19.37 34.60
CA ALA D 191 19.24 19.34 35.96
C ALA D 191 19.61 20.63 36.70
N ASP D 192 20.90 21.00 36.69
CA ASP D 192 21.44 22.22 37.35
C ASP D 192 20.76 23.46 36.76
N GLU D 193 20.67 23.56 35.43
CA GLU D 193 20.10 24.72 34.70
C GLU D 193 18.60 24.85 35.02
N ALA D 194 17.91 23.72 35.18
CA ALA D 194 16.47 23.63 35.52
C ALA D 194 16.20 24.15 36.95
N VAL D 195 17.14 23.95 37.87
CA VAL D 195 17.07 24.49 39.26
C VAL D 195 17.31 26.01 39.21
N GLU D 196 18.32 26.45 38.47
CA GLU D 196 18.72 27.89 38.33
C GLU D 196 17.60 28.68 37.64
N TYR D 197 16.92 28.09 36.66
CA TYR D 197 15.81 28.73 35.90
C TYR D 197 14.55 28.79 36.76
N GLY D 198 14.36 27.80 37.64
CA GLY D 198 13.22 27.73 38.58
C GLY D 198 12.13 26.77 38.10
N LEU D 199 12.47 25.84 37.22
CA LEU D 199 11.54 24.80 36.72
C LEU D 199 11.37 23.73 37.80
N VAL D 200 12.46 23.33 38.45
CA VAL D 200 12.47 22.39 39.61
C VAL D 200 13.17 23.08 40.78
N ASP D 201 13.06 22.51 41.98
CA ASP D 201 13.53 23.10 43.26
C ASP D 201 14.92 22.56 43.61
N LYS D 202 15.12 21.24 43.47
CA LYS D 202 16.33 20.52 43.94
C LYS D 202 16.64 19.35 43.01
N ILE D 203 17.79 18.70 43.24
CA ILE D 203 18.26 17.48 42.52
C ILE D 203 18.44 16.36 43.55
N PHE D 204 17.91 15.17 43.25
CA PHE D 204 18.08 13.92 44.03
C PHE D 204 19.09 13.03 43.30
N THR D 205 20.14 12.59 44.00
CA THR D 205 21.21 11.69 43.48
C THR D 205 21.11 10.33 44.18
N HIS D 206 21.21 10.30 45.51
CA HIS D 206 21.06 9.11 46.39
C HIS D 206 19.99 9.39 47.45
N ARG D 207 19.38 8.34 48.02
CA ARG D 207 18.37 8.44 49.10
C ARG D 207 19.09 8.62 50.43
N LEU E 17 -2.05 -0.12 30.12
CA LEU E 17 -2.48 -0.83 31.37
C LEU E 17 -3.35 0.11 32.22
N VAL E 18 -4.37 -0.46 32.87
CA VAL E 18 -5.25 0.24 33.85
C VAL E 18 -4.97 -0.36 35.23
N PRO E 19 -4.51 0.44 36.22
CA PRO E 19 -4.06 -0.10 37.50
C PRO E 19 -5.22 -0.58 38.41
N MET E 20 -4.92 -1.51 39.30
CA MET E 20 -5.87 -2.11 40.28
C MET E 20 -5.64 -1.48 41.66
N VAL E 21 -6.59 -1.71 42.60
CA VAL E 21 -6.54 -1.17 43.98
C VAL E 21 -6.97 -2.27 44.97
N TYR E 32 -10.59 -4.25 42.38
CA TYR E 32 -11.18 -3.16 41.54
C TYR E 32 -10.12 -2.60 40.57
N ASP E 33 -10.55 -2.24 39.36
CA ASP E 33 -9.79 -1.36 38.44
C ASP E 33 -10.12 0.10 38.80
N ILE E 34 -9.21 1.03 38.52
CA ILE E 34 -9.28 2.44 39.00
C ILE E 34 -10.62 3.07 38.61
N TYR E 35 -11.12 2.78 37.40
CA TYR E 35 -12.38 3.36 36.86
C TYR E 35 -13.60 2.75 37.56
N SER E 36 -13.57 1.43 37.83
CA SER E 36 -14.62 0.70 38.59
C SER E 36 -14.67 1.21 40.04
N ARG E 37 -13.52 1.59 40.60
CA ARG E 37 -13.38 2.09 41.99
C ARG E 37 -14.02 3.48 42.11
N LEU E 38 -13.75 4.35 41.13
CA LEU E 38 -14.31 5.73 41.09
C LEU E 38 -15.80 5.68 40.75
N LEU E 39 -16.27 4.63 40.08
CA LEU E 39 -17.71 4.42 39.76
C LEU E 39 -18.52 4.20 41.05
N LYS E 40 -17.91 3.59 42.08
CA LYS E 40 -18.52 3.45 43.43
C LYS E 40 -18.73 4.83 44.06
N GLU E 41 -17.84 5.79 43.76
CA GLU E 41 -17.95 7.21 44.22
C GLU E 41 -18.89 7.99 43.29
N ARG E 42 -19.56 7.30 42.35
CA ARG E 42 -20.57 7.85 41.39
C ARG E 42 -19.89 8.80 40.39
N ILE E 43 -18.67 8.47 39.98
CA ILE E 43 -17.87 9.25 38.98
C ILE E 43 -17.84 8.45 37.67
N ILE E 44 -18.27 9.08 36.57
CA ILE E 44 -18.18 8.55 35.18
C ILE E 44 -17.25 9.46 34.39
N PHE E 45 -16.41 8.88 33.51
CA PHE E 45 -15.49 9.62 32.61
C PHE E 45 -15.98 9.50 31.17
N LEU E 46 -16.17 10.65 30.50
CA LEU E 46 -16.40 10.75 29.03
C LEU E 46 -15.14 11.35 28.41
N THR E 47 -14.34 10.50 27.75
CA THR E 47 -12.96 10.83 27.29
C THR E 47 -12.83 10.50 25.80
N GLY E 48 -12.36 11.47 24.99
CA GLY E 48 -12.06 11.30 23.56
C GLY E 48 -13.30 11.46 22.68
N GLN E 49 -13.23 10.94 21.45
CA GLN E 49 -14.28 11.12 20.42
C GLN E 49 -15.58 10.43 20.87
N VAL E 50 -16.71 11.14 20.75
CA VAL E 50 -18.07 10.61 21.05
C VAL E 50 -18.51 9.74 19.87
N GLU E 51 -18.72 8.44 20.10
CA GLU E 51 -19.27 7.48 19.13
C GLU E 51 -20.16 6.49 19.88
N ASP E 52 -20.95 5.68 19.17
CA ASP E 52 -22.10 4.90 19.71
C ASP E 52 -21.68 4.08 20.93
N HIS E 53 -20.56 3.36 20.85
CA HIS E 53 -20.13 2.34 21.86
C HIS E 53 -19.70 3.02 23.16
N MET E 54 -18.72 3.92 23.12
CA MET E 54 -18.23 4.65 24.32
C MET E 54 -19.38 5.47 24.94
N ALA E 55 -20.32 5.95 24.11
CA ALA E 55 -21.52 6.72 24.53
C ALA E 55 -22.50 5.79 25.24
N ASN E 56 -22.70 4.58 24.72
CA ASN E 56 -23.58 3.55 25.32
C ASN E 56 -23.04 3.16 26.70
N LEU E 57 -21.72 3.09 26.85
CA LEU E 57 -21.01 2.72 28.11
C LEU E 57 -21.28 3.79 29.17
N VAL E 58 -21.34 5.07 28.78
CA VAL E 58 -21.63 6.21 29.69
C VAL E 58 -23.08 6.11 30.18
N ALA E 59 -24.03 5.92 29.25
CA ALA E 59 -25.48 5.78 29.53
C ALA E 59 -25.73 4.59 30.46
N ALA E 60 -25.07 3.46 30.20
CA ALA E 60 -25.13 2.22 31.01
C ALA E 60 -24.71 2.52 32.45
N GLN E 61 -23.61 3.24 32.63
CA GLN E 61 -23.06 3.63 33.96
C GLN E 61 -24.07 4.51 34.70
N MET E 62 -24.72 5.43 33.98
CA MET E 62 -25.75 6.36 34.54
C MET E 62 -26.97 5.56 35.01
N LEU E 63 -27.49 4.67 34.17
CA LEU E 63 -28.64 3.78 34.50
C LEU E 63 -28.31 2.92 35.72
N PHE E 64 -27.08 2.38 35.78
CA PHE E 64 -26.57 1.56 36.91
C PHE E 64 -26.61 2.38 38.20
N LEU E 65 -26.00 3.56 38.19
CA LEU E 65 -25.86 4.45 39.38
C LEU E 65 -27.25 4.90 39.87
N GLU E 66 -28.22 5.05 38.96
CA GLU E 66 -29.63 5.35 39.30
C GLU E 66 -30.25 4.17 40.08
N ALA E 67 -30.00 2.94 39.61
CA ALA E 67 -30.50 1.68 40.22
C ALA E 67 -29.90 1.51 41.61
N GLU E 68 -28.59 1.80 41.76
CA GLU E 68 -27.85 1.74 43.06
C GLU E 68 -28.51 2.71 44.05
N ASN E 69 -28.69 3.97 43.65
CA ASN E 69 -29.25 5.06 44.48
C ASN E 69 -29.81 6.15 43.56
N PRO E 70 -31.15 6.29 43.44
CA PRO E 70 -31.74 7.29 42.54
C PRO E 70 -31.76 8.74 43.08
N GLU E 71 -31.22 8.98 44.28
CA GLU E 71 -31.31 10.29 44.98
C GLU E 71 -29.94 10.97 45.12
N LYS E 72 -28.82 10.24 44.92
CA LYS E 72 -27.46 10.81 45.05
C LYS E 72 -26.97 11.29 43.67
N ASP E 73 -26.24 12.41 43.66
CA ASP E 73 -25.69 13.07 42.44
C ASP E 73 -24.74 12.12 41.70
N ILE E 74 -24.74 12.22 40.36
CA ILE E 74 -23.75 11.55 39.45
C ILE E 74 -22.84 12.65 38.90
N PHE E 75 -21.53 12.41 38.92
CA PHE E 75 -20.48 13.35 38.42
C PHE E 75 -19.95 12.82 37.09
N LEU E 76 -20.16 13.58 36.01
CA LEU E 76 -19.67 13.26 34.64
C LEU E 76 -18.50 14.17 34.29
N TYR E 77 -17.27 13.64 34.32
CA TYR E 77 -16.03 14.32 33.91
C TYR E 77 -15.91 14.24 32.39
N ILE E 78 -15.88 15.40 31.71
CA ILE E 78 -15.89 15.51 30.22
C ILE E 78 -14.53 16.05 29.74
N ASN E 79 -13.85 15.27 28.89
CA ASN E 79 -12.64 15.68 28.13
C ASN E 79 -12.78 15.14 26.71
N SER E 80 -13.48 15.87 25.84
CA SER E 80 -13.94 15.41 24.50
C SER E 80 -13.84 16.54 23.49
N PRO E 81 -13.27 16.28 22.28
CA PRO E 81 -13.34 17.23 21.18
C PRO E 81 -14.69 17.18 20.44
N GLY E 82 -15.55 16.22 20.82
CA GLY E 82 -16.89 16.00 20.24
C GLY E 82 -16.96 14.68 19.49
N GLY E 83 -17.89 14.57 18.54
CA GLY E 83 -18.05 13.37 17.69
C GLY E 83 -19.45 13.26 17.12
N VAL E 84 -20.02 12.06 17.13
CA VAL E 84 -21.35 11.74 16.50
C VAL E 84 -22.45 12.34 17.37
N ILE E 85 -23.36 13.11 16.77
CA ILE E 85 -24.46 13.83 17.49
C ILE E 85 -25.41 12.81 18.12
N THR E 86 -25.92 11.84 17.35
CA THR E 86 -26.93 10.85 17.83
C THR E 86 -26.37 10.09 19.05
N ALA E 87 -25.07 9.79 19.05
CA ALA E 87 -24.37 9.10 20.16
C ALA E 87 -24.42 9.98 21.41
N GLY E 88 -24.08 11.26 21.28
CA GLY E 88 -24.15 12.25 22.37
C GLY E 88 -25.58 12.47 22.84
N MET E 89 -26.58 12.38 21.95
CA MET E 89 -28.01 12.58 22.30
C MET E 89 -28.53 11.37 23.07
N SER E 90 -27.91 10.19 22.91
CA SER E 90 -28.20 8.97 23.71
C SER E 90 -27.79 9.22 25.17
N ILE E 91 -26.66 9.91 25.38
CA ILE E 91 -26.20 10.36 26.73
C ILE E 91 -27.15 11.45 27.25
N TYR E 92 -27.41 12.49 26.44
CA TYR E 92 -28.23 13.67 26.82
C TYR E 92 -29.60 13.23 27.33
N ASP E 93 -30.31 12.39 26.56
CA ASP E 93 -31.68 11.94 26.87
C ASP E 93 -31.68 11.02 28.11
N THR E 94 -30.60 10.28 28.34
CA THR E 94 -30.39 9.45 29.57
C THR E 94 -30.24 10.39 30.78
N MET E 95 -29.37 11.40 30.67
CA MET E 95 -29.09 12.40 31.74
C MET E 95 -30.39 13.03 32.22
N GLN E 96 -31.27 13.42 31.30
CA GLN E 96 -32.57 14.10 31.60
C GLN E 96 -33.54 13.10 32.25
N PHE E 97 -33.60 11.87 31.73
CA PHE E 97 -34.60 10.83 32.09
C PHE E 97 -34.36 10.33 33.52
N ILE E 98 -33.13 9.98 33.86
CA ILE E 98 -32.76 9.42 35.20
C ILE E 98 -33.08 10.46 36.27
N LYS E 99 -33.49 9.99 37.46
CA LYS E 99 -33.87 10.85 38.62
C LYS E 99 -32.67 11.63 39.13
N PRO E 100 -31.49 10.99 39.35
CA PRO E 100 -30.32 11.71 39.86
C PRO E 100 -29.92 12.91 39.01
N ASP E 101 -29.59 14.03 39.66
CA ASP E 101 -28.89 15.18 39.04
C ASP E 101 -27.54 14.69 38.50
N VAL E 102 -27.22 15.04 37.26
CA VAL E 102 -25.89 14.77 36.63
C VAL E 102 -25.09 16.08 36.64
N SER E 103 -24.13 16.18 37.56
CA SER E 103 -23.11 17.27 37.60
C SER E 103 -22.07 17.00 36.50
N THR E 104 -21.82 18.00 35.64
CA THR E 104 -20.80 17.94 34.57
C THR E 104 -19.58 18.76 35.01
N ILE E 105 -18.38 18.17 34.87
CA ILE E 105 -17.07 18.84 35.14
C ILE E 105 -16.23 18.77 33.87
N CYS E 106 -15.76 19.91 33.37
CA CYS E 106 -14.90 20.00 32.16
C CYS E 106 -13.43 19.88 32.55
N MET E 107 -12.78 18.80 32.10
CA MET E 107 -11.32 18.54 32.19
C MET E 107 -10.71 18.75 30.80
N GLY E 108 -9.58 19.46 30.71
CA GLY E 108 -8.84 19.68 29.45
C GLY E 108 -9.65 20.50 28.45
N GLN E 109 -10.68 19.92 27.84
CA GLN E 109 -11.58 20.64 26.90
C GLN E 109 -12.96 19.96 26.83
N ALA E 110 -13.96 20.72 26.36
CA ALA E 110 -15.31 20.25 25.98
C ALA E 110 -15.73 20.99 24.71
N CYS E 111 -15.51 20.38 23.55
CA CYS E 111 -15.78 21.02 22.24
C CYS E 111 -16.91 20.31 21.50
N SER E 112 -17.65 21.07 20.70
CA SER E 112 -18.71 20.52 19.88
C SER E 112 -19.69 19.82 20.78
N MET E 113 -19.92 18.53 20.54
CA MET E 113 -20.86 17.70 21.33
C MET E 113 -20.39 17.59 22.79
N GLY E 114 -19.09 17.61 23.06
CA GLY E 114 -18.62 17.60 24.45
C GLY E 114 -19.11 18.84 25.18
N ALA E 115 -19.07 20.00 24.53
CA ALA E 115 -19.54 21.27 25.12
C ALA E 115 -21.05 21.20 25.34
N PHE E 116 -21.77 20.56 24.43
CA PHE E 116 -23.23 20.42 24.52
C PHE E 116 -23.64 19.61 25.76
N LEU E 117 -22.97 18.49 26.00
CA LEU E 117 -23.23 17.60 27.16
C LEU E 117 -22.81 18.28 28.47
N LEU E 118 -21.75 19.10 28.42
CA LEU E 118 -21.28 19.93 29.56
C LEU E 118 -22.42 20.85 30.03
N THR E 119 -23.04 21.56 29.09
CA THR E 119 -24.11 22.58 29.37
C THR E 119 -25.42 21.88 29.73
N ALA E 120 -25.56 20.59 29.41
CA ALA E 120 -26.78 19.78 29.63
C ALA E 120 -26.87 19.27 31.08
N GLY E 121 -25.82 19.47 31.88
CA GLY E 121 -25.78 19.08 33.30
C GLY E 121 -26.87 19.78 34.11
N ALA E 122 -27.12 19.30 35.34
CA ALA E 122 -28.10 19.87 36.29
C ALA E 122 -27.72 21.32 36.60
N LYS E 123 -28.71 22.23 36.57
CA LYS E 123 -28.52 23.68 36.85
C LYS E 123 -27.82 23.84 38.20
N GLY E 124 -26.77 24.67 38.24
CA GLY E 124 -25.98 24.97 39.46
C GLY E 124 -24.82 24.01 39.65
N LYS E 125 -24.75 22.91 38.88
CA LYS E 125 -23.76 21.82 39.08
C LYS E 125 -22.94 21.59 37.80
N ARG E 126 -22.93 22.54 36.87
CA ARG E 126 -22.08 22.52 35.64
C ARG E 126 -20.80 23.31 35.93
N ILE E 127 -19.65 22.62 35.87
CA ILE E 127 -18.33 23.10 36.41
C ILE E 127 -17.28 23.06 35.28
N CYS E 128 -16.48 24.13 35.17
CA CYS E 128 -15.22 24.18 34.39
C CYS E 128 -14.05 24.26 35.36
N LEU E 129 -12.96 23.53 35.09
CA LEU E 129 -11.66 23.73 35.78
C LEU E 129 -10.97 24.91 35.13
N PRO E 130 -10.08 25.64 35.85
CA PRO E 130 -9.70 27.00 35.46
C PRO E 130 -9.13 27.11 34.03
N ASN E 131 -8.33 26.13 33.60
CA ASN E 131 -7.59 26.15 32.31
C ASN E 131 -8.22 25.17 31.32
N SER E 132 -9.45 24.73 31.57
CA SER E 132 -10.26 23.93 30.62
C SER E 132 -10.71 24.86 29.48
N ARG E 133 -10.81 24.33 28.26
CA ARG E 133 -11.22 25.06 27.04
C ARG E 133 -12.60 24.55 26.59
N VAL E 134 -13.53 25.46 26.31
CA VAL E 134 -14.86 25.14 25.71
C VAL E 134 -14.88 25.71 24.28
N MET E 135 -15.49 24.99 23.35
CA MET E 135 -15.69 25.44 21.94
C MET E 135 -17.04 24.93 21.44
N ILE E 136 -17.81 25.81 20.78
CA ILE E 136 -19.14 25.48 20.19
C ILE E 136 -19.09 25.83 18.69
N HIS E 137 -19.71 25.01 17.85
CA HIS E 137 -19.93 25.30 16.41
C HIS E 137 -21.05 24.41 15.88
N GLN E 138 -21.61 24.79 14.73
CA GLN E 138 -22.79 24.14 14.10
C GLN E 138 -22.44 22.72 13.68
N PRO E 139 -23.45 21.84 13.50
CA PRO E 139 -23.21 20.46 13.05
C PRO E 139 -22.44 20.36 11.74
N LEU E 140 -21.75 19.23 11.54
CA LEU E 140 -21.11 18.82 10.27
C LEU E 140 -21.90 17.65 9.69
N GLY E 141 -21.85 17.47 8.37
CA GLY E 141 -22.54 16.39 7.65
C GLY E 141 -21.88 16.09 6.32
N GLY E 142 -22.44 15.14 5.58
CA GLY E 142 -21.94 14.77 4.24
C GLY E 142 -22.74 13.64 3.63
N PHE E 143 -23.51 13.93 2.58
CA PHE E 143 -24.20 12.93 1.73
C PHE E 143 -23.66 13.04 0.30
N GLN E 144 -23.78 11.94 -0.46
CA GLN E 144 -23.56 11.89 -1.93
C GLN E 144 -24.62 10.98 -2.55
N GLY E 145 -25.01 11.27 -3.80
CA GLY E 145 -26.00 10.48 -4.56
C GLY E 145 -26.94 11.37 -5.34
N GLN E 146 -28.15 10.87 -5.62
CA GLN E 146 -29.18 11.55 -6.45
C GLN E 146 -29.61 12.85 -5.75
N ALA E 147 -29.93 13.88 -6.54
CA ALA E 147 -30.32 15.23 -6.07
C ALA E 147 -31.50 15.12 -5.10
N THR E 148 -32.48 14.25 -5.39
CA THR E 148 -33.70 14.03 -4.56
C THR E 148 -33.29 13.60 -3.14
N ASP E 149 -32.32 12.68 -3.03
CA ASP E 149 -31.81 12.16 -1.73
C ASP E 149 -31.04 13.26 -1.01
N ILE E 150 -30.25 14.05 -1.74
CA ILE E 150 -29.45 15.19 -1.20
C ILE E 150 -30.38 16.19 -0.52
N GLU E 151 -31.54 16.48 -1.13
CA GLU E 151 -32.54 17.43 -0.60
C GLU E 151 -33.09 16.89 0.72
N ILE E 152 -33.43 15.60 0.77
CA ILE E 152 -33.96 14.91 1.99
C ILE E 152 -32.94 15.03 3.13
N HIS E 153 -31.67 14.73 2.85
CA HIS E 153 -30.56 14.72 3.86
C HIS E 153 -30.21 16.15 4.28
N ALA E 154 -30.31 17.12 3.36
CA ALA E 154 -30.09 18.56 3.63
C ALA E 154 -31.19 19.08 4.58
N GLN E 155 -32.45 18.68 4.36
CA GLN E 155 -33.62 19.08 5.20
C GLN E 155 -33.45 18.49 6.61
N GLU E 156 -32.89 17.29 6.72
CA GLU E 156 -32.68 16.59 8.02
C GLU E 156 -31.61 17.33 8.82
N ILE E 157 -30.47 17.67 8.21
CA ILE E 157 -29.34 18.36 8.90
C ILE E 157 -29.80 19.75 9.39
N LEU E 158 -30.70 20.40 8.66
CA LEU E 158 -31.30 21.70 9.05
C LEU E 158 -32.16 21.53 10.30
N LYS E 159 -33.03 20.51 10.32
CA LYS E 159 -33.94 20.20 11.45
C LYS E 159 -33.12 19.88 12.71
N VAL E 160 -32.04 19.10 12.57
CA VAL E 160 -31.12 18.73 13.68
C VAL E 160 -30.42 19.99 14.19
N LYS E 161 -29.90 20.83 13.27
CA LYS E 161 -29.21 22.11 13.61
C LYS E 161 -30.16 22.99 14.44
N SER E 162 -31.43 23.13 14.02
CA SER E 162 -32.48 23.91 14.70
C SER E 162 -32.71 23.35 16.12
N ARG E 163 -32.82 22.03 16.24
CA ARG E 163 -33.08 21.31 17.52
C ARG E 163 -31.88 21.51 18.46
N MET E 164 -30.65 21.37 17.95
CA MET E 164 -29.40 21.52 18.75
C MET E 164 -29.28 22.95 19.27
N ASN E 165 -29.72 23.95 18.50
CA ASN E 165 -29.72 25.38 18.89
C ASN E 165 -30.80 25.62 19.95
N GLU E 166 -32.00 25.06 19.77
CA GLU E 166 -33.16 25.16 20.72
C GLU E 166 -32.74 24.68 22.11
N LEU E 167 -31.99 23.57 22.17
CA LEU E 167 -31.59 22.90 23.44
C LEU E 167 -30.45 23.71 24.09
N MET E 168 -29.49 24.18 23.30
CA MET E 168 -28.39 25.06 23.78
C MET E 168 -28.98 26.34 24.37
N ALA E 169 -29.97 26.92 23.68
CA ALA E 169 -30.71 28.13 24.09
C ALA E 169 -31.38 27.90 25.46
N LYS E 170 -32.04 26.75 25.62
CA LYS E 170 -32.74 26.35 26.88
C LYS E 170 -31.73 26.26 28.04
N HIS E 171 -30.59 25.61 27.83
CA HIS E 171 -29.59 25.29 28.88
C HIS E 171 -28.70 26.51 29.20
N THR E 172 -28.47 27.40 28.22
CA THR E 172 -27.62 28.62 28.41
C THR E 172 -28.48 29.80 28.85
N GLY E 173 -29.77 29.81 28.50
CA GLY E 173 -30.69 30.93 28.78
C GLY E 173 -30.53 32.06 27.77
N ARG E 174 -29.67 31.87 26.75
CA ARG E 174 -29.46 32.84 25.64
C ARG E 174 -30.49 32.55 24.56
N PRO E 175 -30.95 33.58 23.81
CA PRO E 175 -31.94 33.36 22.75
C PRO E 175 -31.35 32.52 21.61
N ILE E 176 -32.21 31.74 20.93
CA ILE E 176 -31.84 30.76 19.87
C ILE E 176 -31.12 31.47 18.72
N GLU E 177 -31.54 32.70 18.39
CA GLU E 177 -30.96 33.51 17.27
C GLU E 177 -29.49 33.80 17.57
N GLU E 178 -29.15 34.02 18.85
CA GLU E 178 -27.77 34.36 19.31
C GLU E 178 -26.90 33.10 19.25
N ILE E 179 -27.40 31.97 19.76
CA ILE E 179 -26.70 30.65 19.69
C ILE E 179 -26.39 30.35 18.22
N ALA E 180 -27.38 30.53 17.33
CA ALA E 180 -27.26 30.31 15.86
C ALA E 180 -26.10 31.15 15.29
N LYS E 181 -26.12 32.47 15.51
CA LYS E 181 -25.07 33.41 15.02
C LYS E 181 -23.69 32.98 15.54
N ASP E 182 -23.58 32.68 16.82
CA ASP E 182 -22.29 32.42 17.53
C ASP E 182 -21.68 31.09 17.07
N THR E 183 -22.49 30.14 16.60
CA THR E 183 -22.07 28.76 16.23
C THR E 183 -21.95 28.58 14.72
N GLU E 184 -22.15 29.64 13.92
CA GLU E 184 -21.94 29.61 12.44
C GLU E 184 -20.48 29.24 12.16
N ARG E 185 -19.55 29.78 12.95
CA ARG E 185 -18.12 29.44 12.91
C ARG E 185 -17.65 29.07 14.32
N ASP E 186 -16.47 28.45 14.42
CA ASP E 186 -15.86 27.96 15.68
C ASP E 186 -15.76 29.13 16.67
N ARG E 187 -16.37 28.97 17.85
CA ARG E 187 -16.37 29.96 18.95
C ARG E 187 -15.68 29.31 20.16
N PHE E 188 -14.45 29.73 20.46
CA PHE E 188 -13.65 29.27 21.63
C PHE E 188 -13.97 30.14 22.84
N LEU E 189 -14.14 29.51 24.00
CA LEU E 189 -14.42 30.18 25.30
C LEU E 189 -13.45 29.65 26.36
N SER E 190 -12.85 30.56 27.14
CA SER E 190 -12.16 30.26 28.41
C SER E 190 -13.21 29.87 29.46
N ALA E 191 -12.78 29.33 30.60
CA ALA E 191 -13.65 28.94 31.74
C ALA E 191 -14.53 30.13 32.13
N ASP E 192 -13.92 31.32 32.28
CA ASP E 192 -14.61 32.57 32.66
C ASP E 192 -15.70 32.88 31.63
N GLU E 193 -15.36 32.85 30.34
CA GLU E 193 -16.28 33.18 29.21
C GLU E 193 -17.42 32.15 29.17
N ALA E 194 -17.13 30.88 29.49
CA ALA E 194 -18.12 29.78 29.55
C ALA E 194 -19.14 30.05 30.66
N VAL E 195 -18.70 30.63 31.79
CA VAL E 195 -19.60 31.04 32.92
C VAL E 195 -20.43 32.25 32.47
N GLU E 196 -19.79 33.24 31.83
CA GLU E 196 -20.43 34.47 31.27
C GLU E 196 -21.52 34.08 30.26
N TYR E 197 -21.22 33.11 29.38
CA TYR E 197 -22.13 32.66 28.28
C TYR E 197 -23.27 31.81 28.86
N GLY E 198 -23.06 31.20 30.03
CA GLY E 198 -24.06 30.35 30.72
C GLY E 198 -23.96 28.88 30.30
N LEU E 199 -22.83 28.47 29.74
CA LEU E 199 -22.55 27.05 29.37
C LEU E 199 -22.30 26.23 30.64
N VAL E 200 -21.57 26.82 31.61
CA VAL E 200 -21.33 26.25 32.97
C VAL E 200 -21.78 27.28 34.00
N ASP E 201 -21.82 26.90 35.29
CA ASP E 201 -22.37 27.72 36.40
C ASP E 201 -21.25 28.33 37.24
N LYS E 202 -20.15 27.59 37.45
CA LYS E 202 -19.05 28.00 38.38
C LYS E 202 -17.71 27.39 37.93
N ILE E 203 -16.61 27.91 38.48
CA ILE E 203 -15.21 27.42 38.25
C ILE E 203 -14.68 26.87 39.57
N PHE E 204 -14.23 25.61 39.56
CA PHE E 204 -13.51 24.96 40.69
C PHE E 204 -12.00 25.10 40.45
N THR E 205 -11.28 25.70 41.40
CA THR E 205 -9.80 25.87 41.38
C THR E 205 -9.19 24.91 42.40
N HIS E 206 -9.55 25.05 43.68
CA HIS E 206 -9.08 24.23 44.83
C HIS E 206 -10.28 23.66 45.59
N ARG E 207 -10.11 22.47 46.20
CA ARG E 207 -11.12 21.86 47.10
C ARG E 207 -11.05 22.56 48.46
N LEU F 17 -11.70 0.63 29.16
CA LEU F 17 -12.30 -0.73 29.24
C LEU F 17 -13.75 -0.64 29.74
N VAL F 18 -14.40 -1.80 29.93
CA VAL F 18 -15.77 -1.92 30.50
C VAL F 18 -15.65 -2.03 32.02
N PRO F 19 -16.23 -1.09 32.81
CA PRO F 19 -16.12 -1.12 34.26
C PRO F 19 -16.83 -2.33 34.90
N MET F 20 -16.32 -2.76 36.06
CA MET F 20 -16.81 -3.92 36.85
C MET F 20 -17.50 -3.41 38.12
N VAL F 21 -18.40 -4.23 38.69
CA VAL F 21 -19.06 -3.99 40.00
C VAL F 21 -19.03 -5.29 40.81
N VAL F 22 -18.84 -5.19 42.13
CA VAL F 22 -18.79 -6.35 43.08
C VAL F 22 -20.10 -6.39 43.88
N GLU F 23 -20.58 -7.60 44.21
CA GLU F 23 -21.88 -7.84 44.89
C GLU F 23 -21.65 -8.57 46.21
N SER F 31 -18.34 -10.47 41.12
CA SER F 31 -17.81 -9.43 40.21
C SER F 31 -18.50 -9.54 38.83
N TYR F 32 -19.13 -8.44 38.39
CA TYR F 32 -19.92 -8.32 37.14
C TYR F 32 -19.41 -7.12 36.31
N ASP F 33 -19.44 -7.22 34.99
CA ASP F 33 -19.24 -6.06 34.08
C ASP F 33 -20.56 -5.27 34.07
N ILE F 34 -20.53 -4.00 33.65
CA ILE F 34 -21.68 -3.06 33.79
C ILE F 34 -22.90 -3.62 33.03
N TYR F 35 -22.68 -4.29 31.89
CA TYR F 35 -23.75 -4.84 31.02
C TYR F 35 -24.38 -6.08 31.67
N SER F 36 -23.55 -6.95 32.28
CA SER F 36 -23.99 -8.16 33.03
C SER F 36 -24.84 -7.74 34.23
N ARG F 37 -24.46 -6.62 34.88
CA ARG F 37 -25.15 -6.07 36.07
C ARG F 37 -26.53 -5.55 35.67
N LEU F 38 -26.62 -4.82 34.54
CA LEU F 38 -27.90 -4.26 34.03
C LEU F 38 -28.75 -5.39 33.44
N LEU F 39 -28.13 -6.50 33.02
CA LEU F 39 -28.83 -7.70 32.50
C LEU F 39 -29.71 -8.29 33.62
N LYS F 40 -29.26 -8.20 34.87
CA LYS F 40 -30.02 -8.68 36.06
C LYS F 40 -31.25 -7.80 36.29
N GLU F 41 -31.26 -6.56 35.75
CA GLU F 41 -32.43 -5.64 35.72
C GLU F 41 -33.23 -5.86 34.42
N ARG F 42 -32.88 -6.89 33.64
CA ARG F 42 -33.55 -7.33 32.38
C ARG F 42 -33.44 -6.24 31.31
N ILE F 43 -32.28 -5.59 31.21
CA ILE F 43 -31.93 -4.54 30.20
C ILE F 43 -30.92 -5.14 29.21
N ILE F 44 -31.24 -5.07 27.91
CA ILE F 44 -30.33 -5.46 26.80
C ILE F 44 -30.07 -4.22 25.95
N PHE F 45 -28.84 -4.08 25.43
CA PHE F 45 -28.40 -2.94 24.58
C PHE F 45 -28.13 -3.44 23.15
N LEU F 46 -28.80 -2.81 22.19
CA LEU F 46 -28.53 -2.95 20.73
C LEU F 46 -27.89 -1.65 20.25
N THR F 47 -26.57 -1.66 20.02
CA THR F 47 -25.73 -0.46 19.79
C THR F 47 -24.88 -0.64 18.53
N GLY F 48 -25.00 0.29 17.57
CA GLY F 48 -24.15 0.34 16.35
C GLY F 48 -24.71 -0.51 15.22
N GLN F 49 -23.86 -0.85 14.25
CA GLN F 49 -24.25 -1.57 13.00
C GLN F 49 -24.74 -2.98 13.35
N VAL F 50 -25.92 -3.34 12.84
CA VAL F 50 -26.53 -4.70 13.00
C VAL F 50 -25.79 -5.67 12.07
N GLU F 51 -25.12 -6.68 12.65
CA GLU F 51 -24.44 -7.79 11.92
C GLU F 51 -24.60 -9.07 12.76
N ASP F 52 -24.24 -10.22 12.20
CA ASP F 52 -24.57 -11.57 12.74
C ASP F 52 -24.15 -11.68 14.22
N HIS F 53 -22.90 -11.33 14.54
CA HIS F 53 -22.26 -11.62 15.86
C HIS F 53 -22.92 -10.80 16.97
N MET F 54 -23.08 -9.48 16.78
CA MET F 54 -23.69 -8.58 17.80
C MET F 54 -25.19 -8.89 17.95
N ALA F 55 -25.87 -9.25 16.85
CA ALA F 55 -27.31 -9.61 16.82
C ALA F 55 -27.52 -10.94 17.57
N ASN F 56 -26.60 -11.89 17.37
CA ASN F 56 -26.60 -13.21 18.04
C ASN F 56 -26.50 -13.02 19.56
N LEU F 57 -25.68 -12.05 20.00
CA LEU F 57 -25.46 -11.70 21.42
C LEU F 57 -26.78 -11.21 22.04
N VAL F 58 -27.50 -10.35 21.32
CA VAL F 58 -28.82 -9.78 21.76
C VAL F 58 -29.81 -10.94 21.92
N ALA F 59 -29.92 -11.80 20.90
CA ALA F 59 -30.82 -12.98 20.87
C ALA F 59 -30.49 -13.92 22.03
N ALA F 60 -29.20 -14.18 22.27
CA ALA F 60 -28.69 -15.02 23.38
C ALA F 60 -29.21 -14.47 24.70
N GLN F 61 -29.04 -13.16 24.93
CA GLN F 61 -29.48 -12.45 26.16
C GLN F 61 -31.00 -12.63 26.34
N MET F 62 -31.77 -12.58 25.25
CA MET F 62 -33.26 -12.68 25.26
C MET F 62 -33.68 -14.09 25.70
N LEU F 63 -32.99 -15.12 25.21
CA LEU F 63 -33.24 -16.54 25.59
C LEU F 63 -32.90 -16.73 27.07
N PHE F 64 -31.78 -16.17 27.53
CA PHE F 64 -31.30 -16.24 28.94
C PHE F 64 -32.36 -15.65 29.88
N LEU F 65 -32.81 -14.42 29.60
CA LEU F 65 -33.78 -13.68 30.46
C LEU F 65 -35.12 -14.43 30.50
N GLU F 66 -35.54 -15.04 29.39
CA GLU F 66 -36.77 -15.88 29.31
C GLU F 66 -36.64 -17.08 30.26
N ALA F 67 -35.48 -17.75 30.24
CA ALA F 67 -35.16 -18.92 31.09
C ALA F 67 -35.12 -18.50 32.57
N GLU F 68 -34.63 -17.29 32.85
CA GLU F 68 -34.54 -16.72 34.23
C GLU F 68 -35.96 -16.44 34.76
N ASN F 69 -36.82 -15.85 33.93
CA ASN F 69 -38.23 -15.49 34.30
C ASN F 69 -39.02 -15.21 33.03
N PRO F 70 -39.92 -16.13 32.59
CA PRO F 70 -40.65 -15.95 31.33
C PRO F 70 -41.88 -15.02 31.41
N GLU F 71 -42.11 -14.37 32.56
CA GLU F 71 -43.31 -13.55 32.82
C GLU F 71 -42.94 -12.10 33.22
N LYS F 72 -41.65 -11.74 33.22
CA LYS F 72 -41.18 -10.35 33.47
C LYS F 72 -40.74 -9.74 32.13
N ASP F 73 -41.08 -8.47 31.90
CA ASP F 73 -40.75 -7.70 30.67
C ASP F 73 -39.23 -7.63 30.49
N ILE F 74 -38.78 -7.59 29.22
CA ILE F 74 -37.37 -7.32 28.83
C ILE F 74 -37.32 -5.91 28.21
N PHE F 75 -36.27 -5.14 28.52
CA PHE F 75 -36.08 -3.75 28.05
C PHE F 75 -34.90 -3.69 27.08
N LEU F 76 -35.20 -3.62 25.78
CA LEU F 76 -34.20 -3.53 24.69
C LEU F 76 -33.99 -2.05 24.32
N TYR F 77 -32.85 -1.48 24.75
CA TYR F 77 -32.40 -0.12 24.36
C TYR F 77 -31.75 -0.20 22.98
N ILE F 78 -32.24 0.62 22.03
CA ILE F 78 -31.81 0.61 20.60
C ILE F 78 -31.14 1.95 20.27
N ASN F 79 -29.86 1.90 19.87
CA ASN F 79 -29.11 3.02 19.23
C ASN F 79 -28.33 2.44 18.05
N SER F 80 -28.95 2.44 16.85
CA SER F 80 -28.42 1.73 15.66
C SER F 80 -28.78 2.49 14.38
N PRO F 81 -27.85 2.60 13.40
CA PRO F 81 -28.17 3.07 12.06
C PRO F 81 -28.77 1.98 11.17
N GLY F 82 -28.77 0.73 11.66
CA GLY F 82 -29.23 -0.47 10.93
C GLY F 82 -28.06 -1.36 10.54
N GLY F 83 -28.22 -2.17 9.49
CA GLY F 83 -27.18 -3.08 8.99
C GLY F 83 -27.77 -4.24 8.21
N VAL F 84 -27.34 -5.47 8.52
CA VAL F 84 -27.70 -6.71 7.77
C VAL F 84 -29.11 -7.14 8.21
N ILE F 85 -30.02 -7.32 7.25
CA ILE F 85 -31.47 -7.63 7.48
C ILE F 85 -31.62 -8.98 8.18
N THR F 86 -30.99 -10.04 7.65
CA THR F 86 -31.10 -11.43 8.20
C THR F 86 -30.67 -11.43 9.67
N ALA F 87 -29.58 -10.73 10.00
CA ALA F 87 -29.05 -10.59 11.38
C ALA F 87 -30.11 -9.94 12.27
N GLY F 88 -30.77 -8.89 11.78
CA GLY F 88 -31.88 -8.20 12.48
C GLY F 88 -33.08 -9.11 12.65
N MET F 89 -33.43 -9.90 11.63
CA MET F 89 -34.58 -10.85 11.64
C MET F 89 -34.33 -11.97 12.66
N SER F 90 -33.06 -12.26 12.96
CA SER F 90 -32.65 -13.23 14.02
C SER F 90 -33.09 -12.70 15.39
N ILE F 91 -33.01 -11.39 15.60
CA ILE F 91 -33.48 -10.70 16.85
C ILE F 91 -35.02 -10.65 16.83
N TYR F 92 -35.60 -10.23 15.70
CA TYR F 92 -37.07 -10.04 15.53
C TYR F 92 -37.81 -11.34 15.88
N ASP F 93 -37.42 -12.45 15.26
CA ASP F 93 -38.05 -13.78 15.44
C ASP F 93 -37.87 -14.26 16.89
N THR F 94 -36.73 -13.94 17.51
CA THR F 94 -36.43 -14.25 18.94
C THR F 94 -37.38 -13.44 19.83
N MET F 95 -37.55 -12.14 19.53
CA MET F 95 -38.48 -11.23 20.25
C MET F 95 -39.89 -11.81 20.24
N GLN F 96 -40.39 -12.19 19.06
CA GLN F 96 -41.78 -12.69 18.86
C GLN F 96 -41.95 -14.04 19.56
N PHE F 97 -40.92 -14.90 19.52
CA PHE F 97 -40.98 -16.31 19.99
C PHE F 97 -41.05 -16.37 21.52
N ILE F 98 -40.15 -15.66 22.21
CA ILE F 98 -40.01 -15.71 23.70
C ILE F 98 -41.31 -15.21 24.34
N LYS F 99 -41.69 -15.79 25.49
CA LYS F 99 -42.95 -15.48 26.21
C LYS F 99 -42.95 -14.03 26.70
N PRO F 100 -41.85 -13.51 27.29
CA PRO F 100 -41.83 -12.14 27.79
C PRO F 100 -42.13 -11.08 26.73
N ASP F 101 -42.85 -10.01 27.12
CA ASP F 101 -42.99 -8.77 26.32
C ASP F 101 -41.63 -8.10 26.23
N VAL F 102 -41.18 -7.77 25.02
CA VAL F 102 -39.92 -7.00 24.76
C VAL F 102 -40.31 -5.53 24.52
N SER F 103 -40.11 -4.69 25.54
CA SER F 103 -40.24 -3.21 25.45
C SER F 103 -39.01 -2.66 24.74
N THR F 104 -39.21 -1.82 23.72
CA THR F 104 -38.12 -1.18 22.92
C THR F 104 -38.06 0.31 23.29
N ILE F 105 -36.87 0.80 23.66
CA ILE F 105 -36.60 2.24 23.95
C ILE F 105 -35.53 2.73 22.96
N CYS F 106 -35.85 3.78 22.18
CA CYS F 106 -34.92 4.39 21.20
C CYS F 106 -34.05 5.45 21.90
N MET F 107 -32.75 5.18 21.97
CA MET F 107 -31.69 6.13 22.42
C MET F 107 -30.92 6.62 21.19
N GLY F 108 -30.70 7.92 21.07
CA GLY F 108 -29.90 8.50 19.97
C GLY F 108 -30.61 8.42 18.64
N GLN F 109 -30.61 7.23 18.01
CA GLN F 109 -31.32 7.00 16.73
C GLN F 109 -31.70 5.53 16.57
N ALA F 110 -32.76 5.27 15.79
CA ALA F 110 -33.18 3.93 15.30
C ALA F 110 -33.52 4.06 13.82
N CYS F 111 -32.57 3.76 12.95
CA CYS F 111 -32.73 3.93 11.49
C CYS F 111 -32.63 2.58 10.79
N SER F 112 -33.34 2.44 9.67
CA SER F 112 -33.31 1.24 8.84
C SER F 112 -33.74 0.06 9.70
N MET F 113 -32.87 -0.95 9.82
CA MET F 113 -33.19 -2.17 10.62
C MET F 113 -33.46 -1.79 12.08
N GLY F 114 -32.76 -0.80 12.65
CA GLY F 114 -33.03 -0.37 14.03
C GLY F 114 -34.46 0.13 14.19
N ALA F 115 -34.99 0.84 13.20
CA ALA F 115 -36.38 1.35 13.23
C ALA F 115 -37.37 0.18 13.18
N PHE F 116 -37.03 -0.84 12.41
CA PHE F 116 -37.83 -2.08 12.23
C PHE F 116 -37.94 -2.83 13.56
N LEU F 117 -36.83 -2.95 14.28
CA LEU F 117 -36.76 -3.66 15.59
C LEU F 117 -37.44 -2.82 16.68
N LEU F 118 -37.32 -1.49 16.61
CA LEU F 118 -38.02 -0.55 17.53
C LEU F 118 -39.53 -0.78 17.44
N THR F 119 -40.08 -0.76 16.23
CA THR F 119 -41.54 -0.87 15.96
C THR F 119 -42.02 -2.31 16.24
N ALA F 120 -41.11 -3.28 16.33
CA ALA F 120 -41.41 -4.72 16.55
C ALA F 120 -41.63 -5.03 18.04
N GLY F 121 -41.45 -4.04 18.93
CA GLY F 121 -41.67 -4.17 20.38
C GLY F 121 -43.14 -4.46 20.70
N ALA F 122 -43.41 -4.93 21.92
CA ALA F 122 -44.77 -5.22 22.43
C ALA F 122 -45.62 -3.93 22.33
N LYS F 123 -46.88 -4.07 21.91
CA LYS F 123 -47.82 -2.94 21.72
C LYS F 123 -48.06 -2.25 23.06
N GLY F 124 -47.87 -0.92 23.12
CA GLY F 124 -48.01 -0.09 24.33
C GLY F 124 -46.68 0.09 25.07
N LYS F 125 -45.62 -0.57 24.62
CA LYS F 125 -44.29 -0.58 25.30
C LYS F 125 -43.17 -0.28 24.31
N ARG F 126 -43.48 0.40 23.19
CA ARG F 126 -42.48 0.94 22.23
C ARG F 126 -42.30 2.43 22.54
N ILE F 127 -41.09 2.83 22.92
CA ILE F 127 -40.79 4.16 23.52
C ILE F 127 -39.66 4.84 22.72
N CYS F 128 -39.86 6.12 22.38
CA CYS F 128 -38.80 7.06 21.93
C CYS F 128 -38.44 8.00 23.08
N LEU F 129 -37.16 8.33 23.25
CA LEU F 129 -36.71 9.46 24.11
C LEU F 129 -36.87 10.74 23.29
N PRO F 130 -37.03 11.92 23.96
CA PRO F 130 -37.53 13.12 23.27
C PRO F 130 -36.68 13.54 22.05
N ASN F 131 -35.36 13.38 22.14
CA ASN F 131 -34.40 13.89 21.12
C ASN F 131 -33.85 12.72 20.29
N SER F 132 -34.48 11.55 20.36
CA SER F 132 -34.14 10.38 19.52
C SER F 132 -34.65 10.61 18.09
N ARG F 133 -33.92 10.10 17.10
CA ARG F 133 -34.25 10.23 15.65
C ARG F 133 -34.62 8.84 15.11
N VAL F 134 -35.71 8.75 14.34
CA VAL F 134 -36.13 7.50 13.62
C VAL F 134 -36.05 7.77 12.12
N MET F 135 -35.62 6.77 11.34
CA MET F 135 -35.52 6.83 9.86
C MET F 135 -35.86 5.46 9.26
N ILE F 136 -36.74 5.44 8.26
CA ILE F 136 -37.18 4.21 7.55
C ILE F 136 -36.87 4.39 6.05
N HIS F 137 -36.43 3.31 5.39
CA HIS F 137 -36.30 3.23 3.90
C HIS F 137 -36.19 1.77 3.47
N GLN F 138 -36.44 1.53 2.17
CA GLN F 138 -36.47 0.19 1.53
C GLN F 138 -35.08 -0.46 1.62
N PRO F 139 -35.00 -1.80 1.49
CA PRO F 139 -33.71 -2.50 1.58
C PRO F 139 -32.68 -2.08 0.52
N LEU F 140 -31.40 -2.33 0.81
CA LEU F 140 -30.26 -2.21 -0.13
C LEU F 140 -29.76 -3.63 -0.46
N GLY F 141 -29.19 -3.81 -1.65
CA GLY F 141 -28.61 -5.09 -2.10
C GLY F 141 -27.53 -4.87 -3.13
N GLY F 142 -26.90 -5.95 -3.58
CA GLY F 142 -25.83 -5.91 -4.60
C GLY F 142 -25.37 -7.31 -4.98
N PHE F 143 -25.59 -7.69 -6.25
CA PHE F 143 -25.03 -8.92 -6.86
C PHE F 143 -24.27 -8.55 -8.14
N GLN F 144 -23.27 -9.37 -8.47
CA GLN F 144 -22.59 -9.36 -9.80
C GLN F 144 -22.41 -10.82 -10.23
N GLY F 145 -22.51 -11.09 -11.53
CA GLY F 145 -22.35 -12.43 -12.13
C GLY F 145 -23.17 -12.58 -13.40
N GLN F 146 -23.54 -13.81 -13.74
CA GLN F 146 -24.33 -14.14 -14.96
C GLN F 146 -25.73 -13.55 -14.82
N ALA F 147 -26.35 -13.18 -15.95
CA ALA F 147 -27.67 -12.51 -16.04
C ALA F 147 -28.75 -13.38 -15.40
N THR F 148 -28.62 -14.71 -15.49
CA THR F 148 -29.55 -15.70 -14.89
C THR F 148 -29.49 -15.59 -13.36
N ASP F 149 -28.28 -15.49 -12.80
CA ASP F 149 -28.05 -15.35 -11.33
C ASP F 149 -28.59 -14.00 -10.86
N ILE F 150 -28.38 -12.94 -11.66
CA ILE F 150 -28.85 -11.55 -11.35
C ILE F 150 -30.38 -11.54 -11.25
N GLU F 151 -31.06 -12.33 -12.10
CA GLU F 151 -32.54 -12.44 -12.11
C GLU F 151 -33.01 -13.11 -10.82
N ILE F 152 -32.32 -14.16 -10.38
CA ILE F 152 -32.66 -14.92 -9.14
C ILE F 152 -32.54 -13.98 -7.93
N HIS F 153 -31.40 -13.29 -7.80
CA HIS F 153 -31.10 -12.38 -6.65
C HIS F 153 -32.06 -11.18 -6.64
N ALA F 154 -32.36 -10.62 -7.81
CA ALA F 154 -33.33 -9.50 -7.99
C ALA F 154 -34.69 -9.92 -7.43
N GLN F 155 -35.19 -11.09 -7.83
CA GLN F 155 -36.50 -11.66 -7.38
C GLN F 155 -36.49 -11.82 -5.86
N GLU F 156 -35.37 -12.26 -5.28
CA GLU F 156 -35.21 -12.48 -3.82
C GLU F 156 -35.29 -11.13 -3.09
N ILE F 157 -34.60 -10.10 -3.61
CA ILE F 157 -34.60 -8.72 -3.03
C ILE F 157 -36.05 -8.24 -2.94
N LEU F 158 -36.83 -8.44 -4.01
CA LEU F 158 -38.25 -8.00 -4.12
C LEU F 158 -39.13 -8.74 -3.11
N LYS F 159 -38.88 -10.05 -2.91
CA LYS F 159 -39.62 -10.89 -1.92
C LYS F 159 -39.36 -10.38 -0.50
N VAL F 160 -38.08 -10.09 -0.18
CA VAL F 160 -37.66 -9.57 1.16
C VAL F 160 -38.28 -8.18 1.36
N LYS F 161 -38.21 -7.30 0.35
CA LYS F 161 -38.80 -5.94 0.38
C LYS F 161 -40.30 -6.03 0.70
N SER F 162 -41.03 -6.94 0.04
CA SER F 162 -42.48 -7.18 0.25
C SER F 162 -42.75 -7.63 1.69
N ARG F 163 -41.96 -8.60 2.17
CA ARG F 163 -42.07 -9.18 3.54
C ARG F 163 -41.82 -8.09 4.59
N MET F 164 -40.78 -7.27 4.42
CA MET F 164 -40.39 -6.19 5.37
C MET F 164 -41.52 -5.16 5.45
N ASN F 165 -42.11 -4.78 4.30
CA ASN F 165 -43.21 -3.80 4.19
C ASN F 165 -44.47 -4.36 4.88
N GLU F 166 -44.77 -5.64 4.69
CA GLU F 166 -45.91 -6.35 5.35
C GLU F 166 -45.78 -6.22 6.87
N LEU F 167 -44.63 -6.61 7.42
CA LEU F 167 -44.38 -6.65 8.89
C LEU F 167 -44.42 -5.23 9.46
N MET F 168 -43.92 -4.24 8.71
CA MET F 168 -43.98 -2.80 9.08
C MET F 168 -45.46 -2.37 9.14
N ALA F 169 -46.25 -2.76 8.14
CA ALA F 169 -47.70 -2.45 8.02
C ALA F 169 -48.46 -3.02 9.24
N LYS F 170 -48.13 -4.26 9.64
CA LYS F 170 -48.74 -4.95 10.81
C LYS F 170 -48.50 -4.14 12.09
N HIS F 171 -47.24 -3.83 12.39
CA HIS F 171 -46.78 -3.23 13.66
C HIS F 171 -47.20 -1.75 13.78
N THR F 172 -47.26 -1.02 12.66
CA THR F 172 -47.60 0.43 12.61
C THR F 172 -49.12 0.62 12.51
N GLY F 173 -49.83 -0.36 11.95
CA GLY F 173 -51.28 -0.27 11.68
C GLY F 173 -51.59 0.60 10.47
N ARG F 174 -50.58 0.94 9.66
CA ARG F 174 -50.73 1.67 8.38
C ARG F 174 -50.84 0.65 7.25
N PRO F 175 -51.56 0.95 6.15
CA PRO F 175 -51.68 0.01 5.04
C PRO F 175 -50.36 -0.13 4.27
N ILE F 176 -50.12 -1.32 3.70
CA ILE F 176 -48.83 -1.72 3.04
C ILE F 176 -48.52 -0.76 1.88
N GLU F 177 -49.54 -0.25 1.19
CA GLU F 177 -49.40 0.71 0.06
C GLU F 177 -48.70 1.98 0.55
N GLU F 178 -49.02 2.44 1.77
CA GLU F 178 -48.50 3.69 2.37
C GLU F 178 -47.05 3.46 2.86
N ILE F 179 -46.81 2.34 3.55
CA ILE F 179 -45.46 1.94 4.04
C ILE F 179 -44.50 1.88 2.83
N ALA F 180 -44.97 1.31 1.72
CA ALA F 180 -44.22 1.14 0.45
C ALA F 180 -43.86 2.50 -0.13
N LYS F 181 -44.85 3.39 -0.31
CA LYS F 181 -44.68 4.78 -0.81
C LYS F 181 -43.61 5.49 0.04
N ASP F 182 -43.80 5.51 1.36
CA ASP F 182 -43.05 6.37 2.33
C ASP F 182 -41.60 5.90 2.47
N THR F 183 -41.29 4.65 2.12
CA THR F 183 -39.95 4.02 2.30
C THR F 183 -39.22 3.91 0.96
N GLU F 184 -39.80 4.37 -0.15
CA GLU F 184 -39.13 4.40 -1.47
C GLU F 184 -37.84 5.22 -1.36
N ARG F 185 -37.88 6.32 -0.61
CA ARG F 185 -36.69 7.15 -0.28
C ARG F 185 -36.61 7.30 1.24
N ASP F 186 -35.51 7.86 1.74
CA ASP F 186 -35.25 8.05 3.19
C ASP F 186 -36.34 8.98 3.77
N ARG F 187 -36.99 8.54 4.85
CA ARG F 187 -38.05 9.29 5.56
C ARG F 187 -37.63 9.46 7.02
N PHE F 188 -37.24 10.67 7.42
CA PHE F 188 -36.78 11.02 8.79
C PHE F 188 -37.98 11.48 9.63
N LEU F 189 -38.12 10.91 10.83
CA LEU F 189 -39.20 11.21 11.80
C LEU F 189 -38.59 11.65 13.14
N SER F 190 -39.13 12.72 13.72
CA SER F 190 -38.92 13.10 15.15
C SER F 190 -39.61 12.07 16.04
N ALA F 191 -39.43 12.17 17.36
CA ALA F 191 -40.13 11.34 18.37
C ALA F 191 -41.64 11.50 18.20
N ASP F 192 -42.12 12.74 18.11
CA ASP F 192 -43.57 13.07 17.96
C ASP F 192 -44.11 12.46 16.66
N GLU F 193 -43.35 12.59 15.56
CA GLU F 193 -43.72 12.07 14.22
C GLU F 193 -43.73 10.53 14.24
N ALA F 194 -42.83 9.91 15.01
CA ALA F 194 -42.76 8.44 15.18
C ALA F 194 -44.05 7.93 15.86
N VAL F 195 -44.54 8.66 16.88
CA VAL F 195 -45.81 8.33 17.61
C VAL F 195 -46.99 8.45 16.64
N GLU F 196 -47.03 9.53 15.85
CA GLU F 196 -48.12 9.84 14.88
C GLU F 196 -48.16 8.78 13.77
N TYR F 197 -47.00 8.26 13.36
CA TYR F 197 -46.86 7.25 12.29
C TYR F 197 -47.22 5.85 12.83
N GLY F 198 -47.07 5.63 14.14
CA GLY F 198 -47.37 4.36 14.83
C GLY F 198 -46.15 3.47 14.99
N LEU F 199 -44.94 4.01 14.78
CA LEU F 199 -43.65 3.26 14.92
C LEU F 199 -43.39 2.99 16.40
N VAL F 200 -43.72 3.95 17.27
CA VAL F 200 -43.66 3.82 18.76
C VAL F 200 -45.00 4.30 19.33
N ASP F 201 -45.24 4.03 20.62
CA ASP F 201 -46.54 4.25 21.30
C ASP F 201 -46.50 5.55 22.11
N LYS F 202 -45.37 5.86 22.77
CA LYS F 202 -45.25 6.99 23.72
C LYS F 202 -43.81 7.50 23.76
N ILE F 203 -43.63 8.68 24.38
CA ILE F 203 -42.29 9.34 24.59
C ILE F 203 -42.05 9.40 26.11
N PHE F 204 -40.83 9.04 26.54
CA PHE F 204 -40.35 9.09 27.94
C PHE F 204 -39.37 10.27 28.08
N THR F 205 -39.71 11.26 28.90
CA THR F 205 -38.87 12.47 29.15
C THR F 205 -38.19 12.33 30.53
N HIS F 206 -38.97 12.19 31.60
CA HIS F 206 -38.51 12.01 33.00
C HIS F 206 -39.11 10.75 33.60
N ARG F 207 -38.52 10.25 34.69
CA ARG F 207 -39.06 9.12 35.49
C ARG F 207 -40.01 9.70 36.55
N ALA G 16 -12.98 -9.10 25.72
CA ALA G 16 -13.78 -10.13 26.45
C ALA G 16 -15.16 -10.28 25.78
N LEU G 17 -16.21 -10.57 26.57
CA LEU G 17 -17.60 -10.84 26.09
C LEU G 17 -18.59 -10.09 26.99
N VAL G 18 -19.67 -10.72 27.47
CA VAL G 18 -20.64 -10.12 28.43
C VAL G 18 -20.62 -10.94 29.73
N PRO G 19 -19.56 -10.80 30.57
CA PRO G 19 -19.23 -11.82 31.58
C PRO G 19 -19.39 -11.51 33.08
N MET G 20 -19.39 -12.58 33.89
CA MET G 20 -19.07 -12.59 35.34
C MET G 20 -17.66 -13.18 35.49
N VAL G 21 -16.91 -12.78 36.54
CA VAL G 21 -15.48 -13.17 36.74
C VAL G 21 -15.39 -14.46 37.56
N VAL G 22 -16.49 -14.92 38.17
CA VAL G 22 -16.52 -16.19 38.97
C VAL G 22 -15.69 -15.98 40.24
N TYR G 32 -16.42 -15.89 32.05
CA TYR G 32 -17.70 -16.63 31.92
C TYR G 32 -18.74 -15.71 31.28
N ASP G 33 -19.08 -15.96 30.01
CA ASP G 33 -19.93 -15.08 29.16
C ASP G 33 -21.33 -15.69 29.03
N ILE G 34 -22.18 -15.06 28.21
CA ILE G 34 -23.60 -15.47 27.98
C ILE G 34 -23.64 -16.80 27.20
N TYR G 35 -22.63 -17.07 26.36
CA TYR G 35 -22.53 -18.31 25.55
C TYR G 35 -22.16 -19.48 26.48
N SER G 36 -21.21 -19.26 27.39
CA SER G 36 -20.80 -20.22 28.45
C SER G 36 -22.01 -20.57 29.32
N ARG G 37 -22.81 -19.56 29.69
CA ARG G 37 -24.03 -19.72 30.53
C ARG G 37 -25.08 -20.55 29.77
N LEU G 38 -25.26 -20.30 28.48
CA LEU G 38 -26.26 -21.01 27.63
C LEU G 38 -25.72 -22.40 27.24
N LEU G 39 -24.41 -22.62 27.31
CA LEU G 39 -23.79 -23.96 27.08
C LEU G 39 -24.23 -24.90 28.21
N LYS G 40 -24.42 -24.37 29.42
CA LYS G 40 -24.93 -25.11 30.59
C LYS G 40 -26.36 -25.60 30.31
N GLU G 41 -27.13 -24.82 29.53
CA GLU G 41 -28.52 -25.14 29.11
C GLU G 41 -28.52 -26.06 27.87
N ARG G 42 -27.34 -26.54 27.45
CA ARG G 42 -27.14 -27.44 26.28
C ARG G 42 -27.50 -26.71 24.98
N ILE G 43 -27.09 -25.44 24.86
CA ILE G 43 -27.29 -24.59 23.64
C ILE G 43 -25.92 -24.24 23.05
N ILE G 44 -25.72 -24.54 21.77
CA ILE G 44 -24.51 -24.17 20.98
C ILE G 44 -24.94 -23.22 19.87
N PHE G 45 -24.11 -22.22 19.56
CA PHE G 45 -24.36 -21.23 18.47
C PHE G 45 -23.33 -21.44 17.36
N LEU G 46 -23.83 -21.68 16.14
CA LEU G 46 -23.05 -21.67 14.87
C LEU G 46 -23.38 -20.38 14.14
N THR G 47 -22.48 -19.39 14.23
CA THR G 47 -22.71 -17.99 13.77
C THR G 47 -21.59 -17.57 12.80
N GLY G 48 -21.96 -17.04 11.63
CA GLY G 48 -21.04 -16.45 10.64
C GLY G 48 -20.46 -17.49 9.69
N GLN G 49 -19.33 -17.16 9.06
CA GLN G 49 -18.63 -18.02 8.05
C GLN G 49 -18.14 -19.31 8.72
N VAL G 50 -18.49 -20.46 8.14
CA VAL G 50 -18.01 -21.80 8.55
C VAL G 50 -16.55 -21.96 8.08
N GLU G 51 -15.62 -22.12 9.03
CA GLU G 51 -14.18 -22.44 8.76
C GLU G 51 -13.66 -23.29 9.92
N ASP G 52 -12.43 -23.78 9.81
CA ASP G 52 -11.87 -24.88 10.65
C ASP G 52 -12.00 -24.54 12.15
N HIS G 53 -11.58 -23.35 12.56
CA HIS G 53 -11.39 -22.97 14.00
C HIS G 53 -12.73 -22.82 14.71
N MET G 54 -13.72 -22.16 14.11
CA MET G 54 -15.08 -21.98 14.70
C MET G 54 -15.84 -23.32 14.66
N ALA G 55 -15.59 -24.15 13.63
CA ALA G 55 -16.22 -25.47 13.43
C ALA G 55 -15.68 -26.47 14.45
N ASN G 56 -14.37 -26.39 14.73
CA ASN G 56 -13.68 -27.18 15.79
C ASN G 56 -14.30 -26.86 17.15
N LEU G 57 -14.61 -25.58 17.38
CA LEU G 57 -15.21 -25.07 18.64
C LEU G 57 -16.63 -25.64 18.83
N VAL G 58 -17.40 -25.73 17.73
CA VAL G 58 -18.78 -26.30 17.72
C VAL G 58 -18.70 -27.79 18.08
N ALA G 59 -17.84 -28.54 17.39
CA ALA G 59 -17.64 -30.00 17.56
C ALA G 59 -17.18 -30.28 18.99
N ALA G 60 -16.26 -29.47 19.52
CA ALA G 60 -15.74 -29.55 20.91
C ALA G 60 -16.90 -29.43 21.91
N GLN G 61 -17.75 -28.42 21.74
CA GLN G 61 -18.92 -28.15 22.61
C GLN G 61 -19.88 -29.34 22.57
N MET G 62 -20.02 -29.97 21.40
CA MET G 62 -20.91 -31.15 21.18
C MET G 62 -20.35 -32.35 21.94
N LEU G 63 -19.04 -32.60 21.84
CA LEU G 63 -18.34 -33.71 22.56
C LEU G 63 -18.48 -33.50 24.07
N PHE G 64 -18.36 -32.26 24.54
CA PHE G 64 -18.45 -31.88 25.98
C PHE G 64 -19.86 -32.18 26.50
N LEU G 65 -20.90 -31.76 25.77
CA LEU G 65 -22.33 -31.90 26.18
C LEU G 65 -22.74 -33.38 26.21
N GLU G 66 -22.15 -34.21 25.35
CA GLU G 66 -22.36 -35.68 25.33
C GLU G 66 -21.79 -36.29 26.62
N ALA G 67 -20.53 -35.97 26.94
CA ALA G 67 -19.81 -36.44 28.15
C ALA G 67 -20.58 -36.06 29.41
N GLU G 68 -21.11 -34.83 29.46
CA GLU G 68 -21.92 -34.31 30.60
C GLU G 68 -23.22 -35.11 30.72
N ASN G 69 -23.85 -35.43 29.59
CA ASN G 69 -25.16 -36.15 29.53
C ASN G 69 -25.41 -36.63 28.11
N PRO G 70 -25.23 -37.94 27.81
CA PRO G 70 -25.39 -38.47 26.46
C PRO G 70 -26.83 -38.82 26.04
N GLU G 71 -27.84 -38.41 26.82
CA GLU G 71 -29.27 -38.75 26.59
C GLU G 71 -30.10 -37.48 26.32
N LYS G 72 -29.81 -36.37 26.99
CA LYS G 72 -30.52 -35.07 26.77
C LYS G 72 -30.20 -34.53 25.37
N ASP G 73 -31.15 -33.80 24.77
CA ASP G 73 -31.01 -33.17 23.45
C ASP G 73 -29.99 -32.04 23.51
N ILE G 74 -29.31 -31.76 22.39
CA ILE G 74 -28.45 -30.56 22.15
C ILE G 74 -29.17 -29.65 21.16
N PHE G 75 -29.24 -28.35 21.45
CA PHE G 75 -29.87 -27.32 20.60
C PHE G 75 -28.76 -26.52 19.89
N LEU G 76 -28.71 -26.61 18.56
CA LEU G 76 -27.71 -25.90 17.70
C LEU G 76 -28.44 -24.79 16.92
N TYR G 77 -28.29 -23.54 17.38
CA TYR G 77 -28.81 -22.33 16.70
C TYR G 77 -27.87 -21.99 15.54
N ILE G 78 -28.43 -21.91 14.32
CA ILE G 78 -27.66 -21.69 13.06
C ILE G 78 -28.06 -20.35 12.44
N ASN G 79 -27.12 -19.41 12.41
CA ASN G 79 -27.17 -18.15 11.60
C ASN G 79 -25.84 -18.05 10.83
N SER G 80 -25.80 -18.61 9.62
CA SER G 80 -24.57 -18.75 8.79
C SER G 80 -24.88 -18.60 7.31
N PRO G 81 -24.04 -17.86 6.54
CA PRO G 81 -24.12 -17.85 5.08
C PRO G 81 -23.40 -19.04 4.45
N GLY G 82 -22.67 -19.82 5.27
CA GLY G 82 -21.90 -21.01 4.85
C GLY G 82 -20.41 -20.79 4.98
N GLY G 83 -19.62 -21.54 4.22
CA GLY G 83 -18.15 -21.43 4.19
C GLY G 83 -17.48 -22.70 3.70
N VAL G 84 -16.41 -23.12 4.36
CA VAL G 84 -15.56 -24.27 3.94
C VAL G 84 -16.35 -25.57 4.19
N ILE G 85 -16.52 -26.40 3.16
CA ILE G 85 -17.34 -27.64 3.20
C ILE G 85 -16.73 -28.61 4.22
N THR G 86 -15.42 -28.88 4.14
CA THR G 86 -14.69 -29.85 5.00
C THR G 86 -14.87 -29.45 6.48
N ALA G 87 -14.78 -28.15 6.79
CA ALA G 87 -15.02 -27.60 8.14
C ALA G 87 -16.45 -27.96 8.58
N GLY G 88 -17.43 -27.69 7.71
CA GLY G 88 -18.85 -27.98 7.97
C GLY G 88 -19.11 -29.47 8.18
N MET G 89 -18.37 -30.33 7.48
CA MET G 89 -18.55 -31.81 7.54
C MET G 89 -17.98 -32.35 8.86
N SER G 90 -16.96 -31.69 9.42
CA SER G 90 -16.39 -32.02 10.76
C SER G 90 -17.49 -31.92 11.82
N ILE G 91 -18.38 -30.92 11.68
CA ILE G 91 -19.58 -30.73 12.56
C ILE G 91 -20.61 -31.81 12.25
N TYR G 92 -20.94 -32.00 10.96
CA TYR G 92 -21.96 -32.97 10.47
C TYR G 92 -21.68 -34.35 11.08
N ASP G 93 -20.47 -34.86 10.88
CA ASP G 93 -20.02 -36.20 11.32
C ASP G 93 -20.05 -36.27 12.86
N THR G 94 -19.70 -35.18 13.54
CA THR G 94 -19.77 -35.07 15.03
C THR G 94 -21.23 -35.17 15.46
N MET G 95 -22.14 -34.45 14.79
CA MET G 95 -23.61 -34.47 15.05
C MET G 95 -24.13 -35.90 14.99
N GLN G 96 -23.79 -36.64 13.91
CA GLN G 96 -24.27 -38.01 13.64
C GLN G 96 -23.65 -39.00 14.65
N PHE G 97 -22.38 -38.79 15.02
CA PHE G 97 -21.60 -39.74 15.85
C PHE G 97 -22.09 -39.73 17.30
N ILE G 98 -22.21 -38.55 17.92
CA ILE G 98 -22.56 -38.39 19.37
C ILE G 98 -23.95 -38.97 19.60
N LYS G 99 -24.19 -39.51 20.81
CA LYS G 99 -25.46 -40.20 21.18
C LYS G 99 -26.60 -39.19 21.25
N PRO G 100 -26.43 -38.01 21.88
CA PRO G 100 -27.52 -37.02 21.95
C PRO G 100 -28.06 -36.63 20.57
N ASP G 101 -29.39 -36.54 20.45
CA ASP G 101 -30.07 -35.93 19.28
C ASP G 101 -29.70 -34.45 19.23
N VAL G 102 -29.29 -33.95 18.06
CA VAL G 102 -28.95 -32.52 17.83
C VAL G 102 -30.14 -31.87 17.12
N SER G 103 -30.94 -31.09 17.85
CA SER G 103 -32.00 -30.20 17.31
C SER G 103 -31.35 -28.95 16.70
N THR G 104 -31.69 -28.63 15.46
CA THR G 104 -31.19 -27.45 14.70
C THR G 104 -32.31 -26.42 14.58
N ILE G 105 -32.03 -25.16 14.96
CA ILE G 105 -32.96 -24.00 14.82
C ILE G 105 -32.30 -22.95 13.93
N CYS G 106 -32.96 -22.58 12.83
CA CYS G 106 -32.51 -21.52 11.89
C CYS G 106 -32.89 -20.14 12.44
N MET G 107 -31.89 -19.32 12.76
CA MET G 107 -32.01 -17.89 13.13
C MET G 107 -31.53 -17.04 11.96
N GLY G 108 -32.35 -16.09 11.50
CA GLY G 108 -31.97 -15.11 10.46
C GLY G 108 -31.82 -15.75 9.08
N GLN G 109 -30.75 -16.53 8.87
CA GLN G 109 -30.50 -17.26 7.60
C GLN G 109 -29.69 -18.53 7.84
N ALA G 110 -29.89 -19.53 6.97
CA ALA G 110 -29.04 -20.73 6.83
C ALA G 110 -28.83 -20.99 5.33
N CYS G 111 -27.67 -20.63 4.82
CA CYS G 111 -27.40 -20.74 3.37
C CYS G 111 -26.18 -21.61 3.14
N SER G 112 -26.14 -22.28 1.98
CA SER G 112 -25.02 -23.12 1.57
C SER G 112 -24.80 -24.19 2.63
N MET G 113 -23.60 -24.24 3.19
CA MET G 113 -23.23 -25.22 4.26
C MET G 113 -24.11 -25.03 5.51
N GLY G 114 -24.55 -23.82 5.81
CA GLY G 114 -25.44 -23.58 6.97
C GLY G 114 -26.77 -24.30 6.80
N ALA G 115 -27.31 -24.28 5.59
CA ALA G 115 -28.59 -24.97 5.27
C ALA G 115 -28.40 -26.48 5.41
N PHE G 116 -27.25 -26.97 4.96
CA PHE G 116 -26.83 -28.40 5.01
C PHE G 116 -26.86 -28.89 6.46
N LEU G 117 -26.23 -28.14 7.37
CA LEU G 117 -26.13 -28.50 8.80
C LEU G 117 -27.51 -28.37 9.46
N LEU G 118 -28.36 -27.45 8.98
CA LEU G 118 -29.76 -27.27 9.44
C LEU G 118 -30.57 -28.54 9.14
N THR G 119 -30.49 -29.05 7.91
CA THR G 119 -31.26 -30.23 7.43
C THR G 119 -30.68 -31.51 8.02
N ALA G 120 -29.44 -31.48 8.53
CA ALA G 120 -28.70 -32.65 9.07
C ALA G 120 -29.12 -32.96 10.50
N GLY G 121 -30.00 -32.15 11.11
CA GLY G 121 -30.47 -32.33 12.50
C GLY G 121 -31.31 -33.60 12.66
N ALA G 122 -31.59 -33.98 13.91
CA ALA G 122 -32.43 -35.15 14.26
C ALA G 122 -33.83 -34.96 13.67
N LYS G 123 -34.37 -36.01 13.03
CA LYS G 123 -35.69 -35.97 12.34
C LYS G 123 -36.78 -35.66 13.37
N GLY G 124 -37.59 -34.63 13.10
CA GLY G 124 -38.66 -34.13 13.98
C GLY G 124 -38.24 -32.93 14.81
N LYS G 125 -36.93 -32.59 14.81
CA LYS G 125 -36.34 -31.55 15.68
C LYS G 125 -35.53 -30.54 14.86
N ARG G 126 -35.85 -30.39 13.57
CA ARG G 126 -35.27 -29.35 12.67
C ARG G 126 -36.29 -28.22 12.53
N ILE G 127 -35.92 -27.01 12.99
CA ILE G 127 -36.86 -25.87 13.19
C ILE G 127 -36.35 -24.64 12.41
N CYS G 128 -37.26 -23.97 11.69
CA CYS G 128 -37.09 -22.59 11.16
C CYS G 128 -37.94 -21.64 12.01
N LEU G 129 -37.40 -20.45 12.32
CA LEU G 129 -38.20 -19.31 12.85
C LEU G 129 -38.91 -18.66 11.67
N PRO G 130 -40.05 -17.97 11.88
CA PRO G 130 -40.97 -17.62 10.78
C PRO G 130 -40.33 -16.82 9.64
N ASN G 131 -39.41 -15.91 9.95
CA ASN G 131 -38.83 -14.93 8.99
C ASN G 131 -37.38 -15.29 8.66
N SER G 132 -36.93 -16.49 9.07
CA SER G 132 -35.60 -17.03 8.73
C SER G 132 -35.58 -17.38 7.23
N ARG G 133 -34.41 -17.22 6.59
CA ARG G 133 -34.22 -17.45 5.14
C ARG G 133 -33.29 -18.66 4.94
N VAL G 134 -33.64 -19.56 4.03
CA VAL G 134 -32.82 -20.76 3.67
C VAL G 134 -32.45 -20.66 2.18
N MET G 135 -31.19 -20.95 1.84
CA MET G 135 -30.68 -20.94 0.45
C MET G 135 -29.69 -22.09 0.23
N ILE G 136 -29.93 -22.91 -0.80
CA ILE G 136 -29.10 -24.10 -1.17
C ILE G 136 -28.51 -23.85 -2.56
N HIS G 137 -27.26 -24.25 -2.78
CA HIS G 137 -26.60 -24.25 -4.12
C HIS G 137 -25.39 -25.19 -4.11
N GLN G 138 -24.92 -25.56 -5.31
CA GLN G 138 -23.81 -26.53 -5.54
C GLN G 138 -22.50 -25.96 -4.98
N PRO G 139 -21.50 -26.81 -4.70
CA PRO G 139 -20.19 -26.35 -4.22
C PRO G 139 -19.49 -25.36 -5.16
N LEU G 140 -18.62 -24.53 -4.58
CA LEU G 140 -17.66 -23.64 -5.29
C LEU G 140 -16.25 -24.21 -5.09
N GLY G 141 -15.32 -23.84 -5.96
CA GLY G 141 -13.91 -24.26 -5.87
C GLY G 141 -13.02 -23.47 -6.81
N GLY G 142 -11.77 -23.88 -6.97
CA GLY G 142 -10.83 -23.23 -7.89
C GLY G 142 -9.42 -23.78 -7.71
N PHE G 143 -8.86 -24.36 -8.77
CA PHE G 143 -7.43 -24.74 -8.87
C PHE G 143 -6.77 -23.95 -10.01
N GLN G 144 -5.46 -23.79 -9.90
CA GLN G 144 -4.57 -23.29 -10.99
C GLN G 144 -3.29 -24.11 -10.97
N GLY G 145 -2.75 -24.44 -12.14
CA GLY G 145 -1.55 -25.27 -12.30
C GLY G 145 -1.60 -26.08 -13.58
N GLN G 146 -0.86 -27.19 -13.63
CA GLN G 146 -0.76 -28.08 -14.81
C GLN G 146 -2.12 -28.70 -15.10
N ALA G 147 -2.43 -28.91 -16.38
CA ALA G 147 -3.69 -29.51 -16.88
C ALA G 147 -3.98 -30.83 -16.15
N THR G 148 -2.94 -31.65 -15.92
CA THR G 148 -3.04 -32.96 -15.23
C THR G 148 -3.61 -32.75 -13.82
N ASP G 149 -3.03 -31.83 -13.05
CA ASP G 149 -3.48 -31.48 -11.67
C ASP G 149 -4.91 -30.97 -11.72
N ILE G 150 -5.25 -30.16 -12.73
CA ILE G 150 -6.61 -29.56 -12.91
C ILE G 150 -7.62 -30.69 -13.08
N GLU G 151 -7.27 -31.73 -13.84
CA GLU G 151 -8.14 -32.91 -14.09
C GLU G 151 -8.42 -33.60 -12.75
N ILE G 152 -7.40 -33.78 -11.91
CA ILE G 152 -7.50 -34.46 -10.58
C ILE G 152 -8.45 -33.68 -9.67
N HIS G 153 -8.24 -32.37 -9.54
CA HIS G 153 -9.04 -31.47 -8.65
C HIS G 153 -10.47 -31.34 -9.18
N ALA G 154 -10.64 -31.27 -10.51
CA ALA G 154 -11.95 -31.20 -11.21
C ALA G 154 -12.76 -32.47 -10.91
N GLN G 155 -12.11 -33.63 -10.83
CA GLN G 155 -12.76 -34.93 -10.48
C GLN G 155 -13.19 -34.89 -9.01
N GLU G 156 -12.32 -34.42 -8.12
CA GLU G 156 -12.55 -34.39 -6.65
C GLU G 156 -13.80 -33.55 -6.36
N ILE G 157 -13.92 -32.37 -6.96
CA ILE G 157 -15.07 -31.43 -6.78
C ILE G 157 -16.36 -32.10 -7.25
N LEU G 158 -16.31 -32.91 -8.31
CA LEU G 158 -17.48 -33.69 -8.83
C LEU G 158 -17.89 -34.76 -7.80
N LYS G 159 -16.92 -35.47 -7.21
CA LYS G 159 -17.17 -36.50 -6.16
C LYS G 159 -17.83 -35.83 -4.95
N VAL G 160 -17.25 -34.72 -4.48
CA VAL G 160 -17.78 -33.94 -3.31
C VAL G 160 -19.20 -33.47 -3.64
N LYS G 161 -19.42 -32.91 -4.83
CA LYS G 161 -20.74 -32.41 -5.30
C LYS G 161 -21.79 -33.53 -5.22
N SER G 162 -21.45 -34.73 -5.73
CA SER G 162 -22.30 -35.94 -5.70
C SER G 162 -22.64 -36.30 -4.24
N ARG G 163 -21.61 -36.38 -3.39
CA ARG G 163 -21.72 -36.80 -1.97
C ARG G 163 -22.66 -35.85 -1.21
N MET G 164 -22.49 -34.53 -1.41
CA MET G 164 -23.31 -33.48 -0.75
C MET G 164 -24.76 -33.59 -1.21
N ASN G 165 -24.99 -33.88 -2.50
CA ASN G 165 -26.33 -34.09 -3.08
C ASN G 165 -26.96 -35.36 -2.49
N GLU G 166 -26.18 -36.44 -2.36
CA GLU G 166 -26.63 -37.72 -1.75
C GLU G 166 -27.12 -37.47 -0.32
N LEU G 167 -26.32 -36.79 0.50
CA LEU G 167 -26.60 -36.52 1.93
C LEU G 167 -27.81 -35.60 2.08
N MET G 168 -27.98 -34.63 1.16
CA MET G 168 -29.15 -33.72 1.12
C MET G 168 -30.42 -34.52 0.79
N ALA G 169 -30.36 -35.38 -0.23
CA ALA G 169 -31.46 -36.28 -0.65
C ALA G 169 -31.93 -37.11 0.55
N LYS G 170 -30.99 -37.74 1.26
CA LYS G 170 -31.23 -38.59 2.46
C LYS G 170 -32.02 -37.80 3.50
N HIS G 171 -31.52 -36.63 3.90
CA HIS G 171 -32.05 -35.81 5.03
C HIS G 171 -33.40 -35.16 4.66
N THR G 172 -33.60 -34.81 3.39
CA THR G 172 -34.84 -34.15 2.88
C THR G 172 -35.89 -35.19 2.51
N GLY G 173 -35.47 -36.35 2.01
CA GLY G 173 -36.36 -37.41 1.49
C GLY G 173 -36.77 -37.17 0.05
N ARG G 174 -36.16 -36.17 -0.61
CA ARG G 174 -36.34 -35.89 -2.06
C ARG G 174 -35.32 -36.72 -2.83
N PRO G 175 -35.57 -37.04 -4.12
CA PRO G 175 -34.59 -37.76 -4.93
C PRO G 175 -33.40 -36.86 -5.29
N ILE G 176 -32.20 -37.45 -5.37
CA ILE G 176 -30.90 -36.77 -5.64
C ILE G 176 -30.97 -35.97 -6.95
N GLU G 177 -31.76 -36.43 -7.93
CA GLU G 177 -31.93 -35.77 -9.26
C GLU G 177 -32.58 -34.40 -9.06
N GLU G 178 -33.53 -34.30 -8.12
CA GLU G 178 -34.29 -33.05 -7.83
C GLU G 178 -33.39 -32.10 -7.04
N ILE G 179 -32.61 -32.62 -6.08
CA ILE G 179 -31.62 -31.85 -5.29
C ILE G 179 -30.60 -31.24 -6.26
N ALA G 180 -30.09 -32.06 -7.19
CA ALA G 180 -29.07 -31.69 -8.22
C ALA G 180 -29.61 -30.55 -9.10
N LYS G 181 -30.78 -30.75 -9.72
CA LYS G 181 -31.48 -29.75 -10.56
C LYS G 181 -31.60 -28.42 -9.79
N ASP G 182 -32.10 -28.48 -8.56
CA ASP G 182 -32.50 -27.29 -7.75
C ASP G 182 -31.27 -26.51 -7.28
N THR G 183 -30.11 -27.16 -7.14
CA THR G 183 -28.87 -26.56 -6.57
C THR G 183 -27.87 -26.20 -7.68
N GLU G 184 -28.24 -26.36 -8.96
CA GLU G 184 -27.39 -25.92 -10.11
C GLU G 184 -27.16 -24.41 -9.98
N ARG G 185 -28.21 -23.67 -9.61
CA ARG G 185 -28.15 -22.21 -9.30
C ARG G 185 -28.73 -21.97 -7.90
N ASP G 186 -28.53 -20.77 -7.36
CA ASP G 186 -29.00 -20.36 -6.00
C ASP G 186 -30.52 -20.53 -5.94
N ARG G 187 -31.00 -21.23 -4.91
CA ARG G 187 -32.43 -21.51 -4.66
C ARG G 187 -32.77 -21.00 -3.24
N PHE G 188 -33.49 -19.88 -3.15
CA PHE G 188 -33.92 -19.25 -1.87
C PHE G 188 -35.28 -19.83 -1.46
N LEU G 189 -35.43 -20.21 -0.19
CA LEU G 189 -36.67 -20.76 0.40
C LEU G 189 -37.07 -19.93 1.63
N SER G 190 -38.36 -19.63 1.77
CA SER G 190 -38.99 -19.14 3.02
C SER G 190 -39.11 -20.30 4.02
N ALA G 191 -39.42 -20.00 5.28
CA ALA G 191 -39.65 -20.99 6.35
C ALA G 191 -40.68 -22.02 5.89
N ASP G 192 -41.80 -21.55 5.33
CA ASP G 192 -42.89 -22.41 4.78
C ASP G 192 -42.32 -23.34 3.71
N GLU G 193 -41.56 -22.78 2.75
CA GLU G 193 -40.99 -23.51 1.59
C GLU G 193 -39.96 -24.55 2.07
N ALA G 194 -39.20 -24.24 3.12
CA ALA G 194 -38.19 -25.13 3.72
C ALA G 194 -38.86 -26.36 4.36
N VAL G 195 -40.06 -26.20 4.92
CA VAL G 195 -40.88 -27.31 5.49
C VAL G 195 -41.38 -28.18 4.33
N GLU G 196 -41.98 -27.55 3.31
CA GLU G 196 -42.52 -28.21 2.09
C GLU G 196 -41.42 -29.02 1.39
N TYR G 197 -40.19 -28.50 1.35
CA TYR G 197 -39.01 -29.11 0.68
C TYR G 197 -38.45 -30.24 1.54
N GLY G 198 -38.63 -30.16 2.87
CA GLY G 198 -38.19 -31.17 3.84
C GLY G 198 -36.85 -30.82 4.48
N LEU G 199 -36.36 -29.59 4.28
CA LEU G 199 -35.10 -29.09 4.89
C LEU G 199 -35.27 -29.01 6.41
N VAL G 200 -36.46 -28.60 6.87
CA VAL G 200 -36.83 -28.56 8.32
C VAL G 200 -38.20 -29.25 8.49
N ASP G 201 -38.59 -29.51 9.73
CA ASP G 201 -39.79 -30.31 10.09
C ASP G 201 -40.97 -29.40 10.43
N LYS G 202 -40.73 -28.32 11.18
CA LYS G 202 -41.80 -27.43 11.73
C LYS G 202 -41.25 -26.00 11.90
N ILE G 203 -42.17 -25.03 12.03
CA ILE G 203 -41.87 -23.60 12.30
C ILE G 203 -42.29 -23.26 13.73
N PHE G 204 -41.44 -22.57 14.47
CA PHE G 204 -41.68 -22.06 15.86
C PHE G 204 -41.92 -20.55 15.78
N THR G 205 -43.11 -20.07 16.18
CA THR G 205 -43.52 -18.65 16.13
C THR G 205 -43.63 -18.09 17.57
N HIS G 206 -44.43 -18.73 18.42
CA HIS G 206 -44.61 -18.41 19.87
C HIS G 206 -44.47 -19.69 20.69
N ARG G 207 -43.96 -19.58 21.92
CA ARG G 207 -43.84 -20.73 22.87
C ARG G 207 -45.23 -21.04 23.45
N LEU H 17 9.32 20.45 -20.74
CA LEU H 17 10.05 19.95 -21.94
C LEU H 17 11.39 20.69 -22.08
N VAL H 18 12.28 20.17 -22.94
CA VAL H 18 13.60 20.77 -23.28
C VAL H 18 13.41 21.62 -24.54
N PRO H 19 13.80 22.91 -24.54
CA PRO H 19 13.61 23.77 -25.71
C PRO H 19 14.44 23.35 -26.92
N MET H 20 13.94 23.66 -28.12
CA MET H 20 14.58 23.38 -29.43
C MET H 20 15.06 24.71 -30.04
N VAL H 21 16.07 24.65 -30.91
CA VAL H 21 16.57 25.80 -31.73
C VAL H 21 16.67 25.32 -33.18
N VAL H 22 16.31 26.18 -34.15
CA VAL H 22 16.44 25.92 -35.62
C VAL H 22 17.64 26.74 -36.13
N GLU H 23 18.40 26.19 -37.10
CA GLU H 23 19.66 26.79 -37.62
C GLU H 23 19.60 26.88 -39.14
N SER H 31 17.14 21.59 -36.89
CA SER H 31 16.52 21.78 -35.55
C SER H 31 17.25 20.94 -34.49
N TYR H 32 17.69 21.58 -33.40
CA TYR H 32 18.49 21.00 -32.29
C TYR H 32 17.84 21.28 -30.94
N ASP H 33 17.86 20.31 -30.02
CA ASP H 33 17.56 20.54 -28.59
C ASP H 33 18.73 21.37 -28.03
N ILE H 34 18.53 22.01 -26.87
CA ILE H 34 19.49 23.01 -26.31
C ILE H 34 20.84 22.33 -26.01
N TYR H 35 20.82 21.06 -25.61
CA TYR H 35 22.03 20.29 -25.21
C TYR H 35 22.85 19.90 -26.45
N SER H 36 22.20 19.47 -27.53
CA SER H 36 22.84 19.17 -28.84
C SER H 36 23.48 20.43 -29.40
N ARG H 37 22.85 21.59 -29.18
CA ARG H 37 23.33 22.90 -29.68
C ARG H 37 24.58 23.33 -28.90
N LEU H 38 24.59 23.12 -27.57
CA LEU H 38 25.75 23.44 -26.70
C LEU H 38 26.86 22.41 -26.94
N LEU H 39 26.52 21.20 -27.35
CA LEU H 39 27.50 20.13 -27.67
C LEU H 39 28.33 20.55 -28.89
N LYS H 40 27.75 21.34 -29.80
CA LYS H 40 28.48 21.90 -30.98
C LYS H 40 29.55 22.89 -30.49
N GLU H 41 29.36 23.50 -29.32
CA GLU H 41 30.34 24.38 -28.64
C GLU H 41 31.26 23.54 -27.74
N ARG H 42 31.15 22.20 -27.81
CA ARG H 42 31.99 21.20 -27.09
C ARG H 42 31.74 21.31 -25.57
N ILE H 43 30.48 21.49 -25.16
CA ILE H 43 30.03 21.57 -23.75
C ILE H 43 29.20 20.32 -23.42
N ILE H 44 29.61 19.57 -22.38
CA ILE H 44 28.88 18.40 -21.82
C ILE H 44 28.46 18.75 -20.39
N PHE H 45 27.26 18.33 -19.98
CA PHE H 45 26.71 18.55 -18.63
C PHE H 45 26.65 17.22 -17.88
N LEU H 46 27.22 17.20 -16.66
CA LEU H 46 27.10 16.11 -15.67
C LEU H 46 26.25 16.64 -14.52
N THR H 47 24.98 16.21 -14.43
CA THR H 47 23.94 16.80 -13.54
C THR H 47 23.23 15.69 -12.76
N GLY H 48 23.12 15.84 -11.43
CA GLY H 48 22.37 14.94 -10.55
C GLY H 48 23.19 13.73 -10.12
N GLN H 49 22.51 12.68 -9.65
CA GLN H 49 23.15 11.45 -9.11
C GLN H 49 23.89 10.73 -10.25
N VAL H 50 25.15 10.35 -10.00
CA VAL H 50 26.00 9.56 -10.95
C VAL H 50 25.52 8.11 -10.90
N GLU H 51 24.90 7.64 -11.99
CA GLU H 51 24.52 6.22 -12.20
C GLU H 51 24.85 5.84 -13.66
N ASP H 52 24.73 4.55 -13.99
CA ASP H 52 25.29 3.95 -15.24
C ASP H 52 24.81 4.71 -16.48
N HIS H 53 23.49 4.92 -16.60
CA HIS H 53 22.82 5.41 -17.84
C HIS H 53 23.22 6.85 -18.16
N MET H 54 23.20 7.76 -17.18
CA MET H 54 23.58 9.19 -17.37
C MET H 54 25.09 9.31 -17.57
N ALA H 55 25.87 8.45 -16.91
CA ALA H 55 27.35 8.43 -17.01
C ALA H 55 27.78 7.90 -18.38
N ASN H 56 27.10 6.87 -18.88
CA ASN H 56 27.29 6.31 -20.25
C ASN H 56 27.10 7.42 -21.28
N LEU H 57 26.05 8.24 -21.11
CA LEU H 57 25.72 9.39 -22.00
C LEU H 57 26.88 10.38 -22.03
N VAL H 58 27.43 10.74 -20.85
CA VAL H 58 28.58 11.66 -20.72
C VAL H 58 29.76 11.10 -21.53
N ALA H 59 30.11 9.83 -21.28
CA ALA H 59 31.22 9.11 -21.96
C ALA H 59 30.99 9.10 -23.47
N ALA H 60 29.74 8.84 -23.91
CA ALA H 60 29.34 8.82 -25.33
C ALA H 60 29.64 10.18 -25.98
N GLN H 61 29.21 11.27 -25.32
CA GLN H 61 29.41 12.67 -25.78
C GLN H 61 30.91 12.97 -25.91
N MET H 62 31.73 12.45 -25.00
CA MET H 62 33.20 12.64 -24.99
C MET H 62 33.82 11.95 -26.22
N LEU H 63 33.40 10.71 -26.50
CA LEU H 63 33.86 9.92 -27.68
C LEU H 63 33.44 10.64 -28.97
N PHE H 64 32.22 11.17 -29.02
CA PHE H 64 31.66 11.90 -30.19
C PHE H 64 32.50 13.14 -30.49
N LEU H 65 32.80 13.95 -29.46
CA LEU H 65 33.54 15.24 -29.60
C LEU H 65 34.99 14.97 -30.03
N GLU H 66 35.59 13.88 -29.55
CA GLU H 66 36.97 13.45 -29.94
C GLU H 66 36.99 13.15 -31.45
N ALA H 67 36.05 12.33 -31.92
CA ALA H 67 35.89 11.93 -33.34
C ALA H 67 35.62 13.17 -34.20
N GLU H 68 34.90 14.16 -33.65
CA GLU H 68 34.57 15.45 -34.31
C GLU H 68 35.87 16.27 -34.48
N ASN H 69 36.65 16.40 -33.40
CA ASN H 69 37.94 17.15 -33.39
C ASN H 69 38.78 16.69 -32.19
N PRO H 70 39.85 15.90 -32.41
CA PRO H 70 40.63 15.36 -31.29
C PRO H 70 41.66 16.32 -30.66
N GLU H 71 41.69 17.59 -31.08
CA GLU H 71 42.70 18.58 -30.62
C GLU H 71 42.06 19.81 -29.96
N LYS H 72 40.73 19.93 -29.97
CA LYS H 72 40.00 21.05 -29.30
C LYS H 72 39.52 20.58 -27.92
N ASP H 73 39.60 21.47 -26.92
CA ASP H 73 39.23 21.20 -25.50
C ASP H 73 37.75 20.84 -25.40
N ILE H 74 37.40 20.00 -24.42
CA ILE H 74 35.99 19.67 -24.03
C ILE H 74 35.72 20.30 -22.66
N PHE H 75 34.54 20.91 -22.50
CA PHE H 75 34.10 21.60 -21.26
C PHE H 75 33.01 20.77 -20.57
N LEU H 76 33.35 20.15 -19.44
CA LEU H 76 32.42 19.31 -18.63
C LEU H 76 31.96 20.12 -17.41
N TYR H 77 30.73 20.65 -17.47
CA TYR H 77 30.05 21.35 -16.34
C TYR H 77 29.52 20.29 -15.37
N ILE H 78 29.91 20.37 -14.09
CA ILE H 78 29.60 19.37 -13.03
C ILE H 78 28.72 20.02 -11.96
N ASN H 79 27.50 19.50 -11.79
CA ASN H 79 26.59 19.77 -10.64
C ASN H 79 26.05 18.43 -10.15
N SER H 80 26.81 17.75 -9.27
CA SER H 80 26.54 16.35 -8.83
C SER H 80 26.82 16.18 -7.34
N PRO H 81 25.90 15.54 -6.57
CA PRO H 81 26.19 15.12 -5.20
C PRO H 81 27.00 13.81 -5.14
N GLY H 82 27.17 13.15 -6.29
CA GLY H 82 27.92 11.88 -6.43
C GLY H 82 27.01 10.74 -6.83
N GLY H 83 27.41 9.50 -6.51
CA GLY H 83 26.61 8.29 -6.76
C GLY H 83 27.49 7.05 -6.93
N VAL H 84 27.19 6.22 -7.93
CA VAL H 84 27.85 4.89 -8.14
C VAL H 84 29.27 5.13 -8.65
N ILE H 85 30.27 4.56 -7.97
CA ILE H 85 31.72 4.76 -8.25
C ILE H 85 32.07 4.21 -9.63
N THR H 86 31.69 2.96 -9.92
CA THR H 86 32.00 2.27 -11.22
C THR H 86 31.49 3.12 -12.38
N ALA H 87 30.26 3.67 -12.27
CA ALA H 87 29.64 4.55 -13.29
C ALA H 87 30.50 5.80 -13.49
N GLY H 88 30.97 6.41 -12.40
CA GLY H 88 31.86 7.59 -12.43
C GLY H 88 33.23 7.25 -12.98
N MET H 89 33.74 6.04 -12.73
CA MET H 89 35.06 5.56 -13.22
C MET H 89 34.97 5.28 -14.73
N SER H 90 33.76 5.05 -15.26
CA SER H 90 33.50 4.94 -16.71
C SER H 90 33.78 6.30 -17.38
N ILE H 91 33.39 7.39 -16.72
CA ILE H 91 33.62 8.79 -17.19
C ILE H 91 35.12 9.11 -17.04
N TYR H 92 35.70 8.85 -15.85
CA TYR H 92 37.12 9.14 -15.53
C TYR H 92 38.04 8.49 -16.57
N ASP H 93 37.85 7.20 -16.84
CA ASP H 93 38.70 6.40 -17.77
C ASP H 93 38.54 6.95 -19.20
N THR H 94 37.34 7.41 -19.57
CA THR H 94 37.04 8.01 -20.90
C THR H 94 37.80 9.34 -21.02
N MET H 95 37.70 10.19 -20.00
CA MET H 95 38.38 11.51 -19.92
C MET H 95 39.88 11.33 -20.18
N GLN H 96 40.52 10.40 -19.46
CA GLN H 96 41.99 10.13 -19.55
C GLN H 96 42.32 9.59 -20.95
N PHE H 97 41.47 8.73 -21.51
CA PHE H 97 41.73 7.97 -22.77
C PHE H 97 41.70 8.89 -24.00
N ILE H 98 40.66 9.71 -24.12
CA ILE H 98 40.44 10.59 -25.31
C ILE H 98 41.58 11.62 -25.38
N LYS H 99 42.01 11.96 -26.60
CA LYS H 99 43.15 12.89 -26.86
C LYS H 99 42.83 14.28 -26.34
N PRO H 100 41.63 14.84 -26.58
CA PRO H 100 41.28 16.17 -26.09
C PRO H 100 41.45 16.32 -24.57
N ASP H 101 42.00 17.47 -24.14
CA ASP H 101 41.95 17.93 -22.73
C ASP H 101 40.49 18.14 -22.33
N VAL H 102 40.09 17.61 -21.16
CA VAL H 102 38.73 17.81 -20.59
C VAL H 102 38.84 18.83 -19.45
N SER H 103 38.40 20.07 -19.70
CA SER H 103 38.27 21.15 -18.68
C SER H 103 37.00 20.90 -17.87
N THR H 104 37.11 20.85 -16.54
CA THR H 104 35.98 20.62 -15.60
C THR H 104 35.61 21.95 -14.94
N ILE H 105 34.33 22.33 -14.98
CA ILE H 105 33.77 23.55 -14.33
C ILE H 105 32.72 23.10 -13.30
N CYS H 106 32.86 23.53 -12.05
CA CYS H 106 31.93 23.22 -10.94
C CYS H 106 30.83 24.29 -10.87
N MET H 107 29.59 23.89 -11.13
CA MET H 107 28.35 24.69 -10.95
C MET H 107 27.59 24.13 -9.75
N GLY H 108 27.20 24.98 -8.81
CA GLY H 108 26.36 24.59 -7.66
C GLY H 108 27.13 23.78 -6.64
N GLN H 109 27.48 22.53 -6.98
CA GLN H 109 28.28 21.64 -6.08
C GLN H 109 28.92 20.49 -6.87
N ALA H 110 30.03 19.99 -6.33
CA ALA H 110 30.72 18.74 -6.76
C ALA H 110 31.10 17.96 -5.49
N CYS H 111 30.28 16.99 -5.10
CA CYS H 111 30.53 16.19 -3.87
C CYS H 111 30.75 14.72 -4.22
N SER H 112 31.50 14.03 -3.38
CA SER H 112 31.75 12.60 -3.53
C SER H 112 32.39 12.33 -4.88
N MET H 113 31.74 11.48 -5.67
CA MET H 113 32.21 11.11 -7.03
C MET H 113 32.28 12.35 -7.93
N GLY H 114 31.36 13.30 -7.77
CA GLY H 114 31.40 14.55 -8.56
C GLY H 114 32.67 15.32 -8.29
N ALA H 115 33.12 15.35 -7.04
CA ALA H 115 34.38 16.02 -6.64
C ALA H 115 35.58 15.33 -7.30
N PHE H 116 35.53 14.01 -7.36
CA PHE H 116 36.60 13.16 -7.94
C PHE H 116 36.75 13.45 -9.44
N LEU H 117 35.63 13.63 -10.13
CA LEU H 117 35.62 13.90 -11.61
C LEU H 117 36.03 15.35 -11.88
N LEU H 118 35.72 16.27 -10.97
CA LEU H 118 36.12 17.70 -11.05
C LEU H 118 37.66 17.77 -11.01
N THR H 119 38.30 17.07 -10.06
CA THR H 119 39.76 17.11 -9.83
C THR H 119 40.50 16.30 -10.90
N ALA H 120 39.79 15.45 -11.66
CA ALA H 120 40.35 14.54 -12.69
C ALA H 120 40.60 15.29 -14.01
N GLY H 121 40.07 16.51 -14.16
CA GLY H 121 40.21 17.35 -15.36
C GLY H 121 41.66 17.69 -15.67
N ALA H 122 41.94 18.12 -16.89
CA ALA H 122 43.29 18.50 -17.37
C ALA H 122 43.87 19.57 -16.45
N LYS H 123 45.16 19.45 -16.08
CA LYS H 123 45.84 20.36 -15.13
C LYS H 123 45.88 21.77 -15.73
N GLY H 124 45.44 22.77 -14.95
CA GLY H 124 45.35 24.18 -15.35
C GLY H 124 43.96 24.57 -15.87
N LYS H 125 43.07 23.57 -16.04
CA LYS H 125 41.73 23.74 -16.66
C LYS H 125 40.64 23.13 -15.76
N ARG H 126 40.90 23.03 -14.45
CA ARG H 126 39.90 22.64 -13.43
C ARG H 126 39.43 23.92 -12.73
N ILE H 127 38.13 24.25 -12.87
CA ILE H 127 37.54 25.58 -12.53
C ILE H 127 36.38 25.37 -11.56
N CYS H 128 36.37 26.12 -10.45
CA CYS H 128 35.19 26.34 -9.58
C CYS H 128 34.60 27.73 -9.90
N LEU H 129 33.27 27.84 -9.91
CA LEU H 129 32.58 29.15 -9.90
C LEU H 129 32.57 29.65 -8.47
N PRO H 130 32.38 30.97 -8.23
CA PRO H 130 32.70 31.58 -6.93
C PRO H 130 31.92 30.99 -5.74
N ASN H 131 30.65 30.63 -5.94
CA ASN H 131 29.71 30.20 -4.87
C ASN H 131 29.38 28.71 -5.04
N SER H 132 30.19 27.97 -5.79
CA SER H 132 30.11 26.48 -5.91
C SER H 132 30.70 25.86 -4.64
N ARG H 133 30.19 24.68 -4.26
CA ARG H 133 30.61 23.93 -3.05
C ARG H 133 31.28 22.62 -3.48
N VAL H 134 32.40 22.25 -2.86
CA VAL H 134 33.09 20.94 -3.09
C VAL H 134 33.10 20.17 -1.76
N MET H 135 32.80 18.87 -1.82
CA MET H 135 32.85 17.95 -0.65
C MET H 135 33.50 16.62 -1.07
N ILE H 136 34.40 16.11 -0.23
CA ILE H 136 35.12 14.80 -0.43
C ILE H 136 34.88 13.93 0.80
N HIS H 137 34.69 12.62 0.60
CA HIS H 137 34.65 11.60 1.69
C HIS H 137 34.91 10.21 1.11
N GLN H 138 35.21 9.25 1.99
CA GLN H 138 35.55 7.85 1.64
C GLN H 138 34.34 7.17 1.01
N PRO H 139 34.53 6.05 0.27
CA PRO H 139 33.41 5.30 -0.30
C PRO H 139 32.40 4.78 0.73
N LEU H 140 31.17 4.52 0.26
CA LEU H 140 30.11 3.77 0.99
C LEU H 140 29.94 2.41 0.32
N GLY H 141 29.34 1.46 1.03
CA GLY H 141 29.07 0.09 0.53
C GLY H 141 28.11 -0.65 1.45
N GLY H 142 27.78 -1.90 1.13
CA GLY H 142 26.92 -2.75 1.96
C GLY H 142 26.63 -4.08 1.30
N PHE H 143 26.90 -5.19 2.00
CA PHE H 143 26.61 -6.58 1.56
C PHE H 143 25.81 -7.30 2.65
N GLN H 144 25.11 -8.36 2.26
CA GLN H 144 24.38 -9.32 3.14
C GLN H 144 24.64 -10.74 2.66
N GLY H 145 24.87 -11.69 3.58
CA GLY H 145 25.00 -13.12 3.28
C GLY H 145 26.02 -13.82 4.16
N GLN H 146 26.64 -14.87 3.64
CA GLN H 146 27.61 -15.73 4.36
C GLN H 146 28.84 -14.92 4.75
N ALA H 147 29.44 -15.24 5.91
CA ALA H 147 30.63 -14.55 6.48
C ALA H 147 31.81 -14.63 5.51
N THR H 148 31.93 -15.72 4.75
CA THR H 148 32.95 -15.90 3.68
C THR H 148 32.77 -14.82 2.62
N ASP H 149 31.53 -14.61 2.15
CA ASP H 149 31.20 -13.61 1.10
C ASP H 149 31.41 -12.19 1.64
N ILE H 150 31.05 -11.94 2.90
CA ILE H 150 31.22 -10.62 3.57
C ILE H 150 32.71 -10.25 3.58
N GLU H 151 33.59 -11.22 3.82
CA GLU H 151 35.06 -11.02 3.86
C GLU H 151 35.57 -10.64 2.46
N ILE H 152 35.07 -11.29 1.42
CA ILE H 152 35.46 -11.03 0.00
C ILE H 152 35.04 -9.61 -0.38
N HIS H 153 33.82 -9.20 -0.03
CA HIS H 153 33.26 -7.86 -0.36
C HIS H 153 33.95 -6.76 0.47
N ALA H 154 34.31 -7.06 1.72
CA ALA H 154 35.04 -6.13 2.62
C ALA H 154 36.42 -5.83 2.03
N GLN H 155 37.14 -6.87 1.61
CA GLN H 155 38.48 -6.76 0.95
C GLN H 155 38.36 -5.90 -0.30
N GLU H 156 37.35 -6.14 -1.14
CA GLU H 156 37.13 -5.42 -2.42
C GLU H 156 36.93 -3.92 -2.15
N ILE H 157 36.10 -3.58 -1.15
CA ILE H 157 35.78 -2.18 -0.76
C ILE H 157 37.06 -1.47 -0.29
N LEU H 158 37.96 -2.19 0.41
CA LEU H 158 39.25 -1.65 0.89
C LEU H 158 40.17 -1.34 -0.30
N LYS H 159 40.25 -2.25 -1.29
CA LYS H 159 41.07 -2.08 -2.51
C LYS H 159 40.59 -0.86 -3.30
N VAL H 160 39.27 -0.70 -3.45
CA VAL H 160 38.63 0.45 -4.16
C VAL H 160 38.97 1.74 -3.41
N LYS H 161 38.84 1.74 -2.08
CA LYS H 161 39.12 2.90 -1.20
C LYS H 161 40.58 3.35 -1.40
N SER H 162 41.53 2.40 -1.36
CA SER H 162 42.98 2.64 -1.56
C SER H 162 43.22 3.27 -2.94
N ARG H 163 42.61 2.70 -3.98
CA ARG H 163 42.76 3.13 -5.40
C ARG H 163 42.22 4.56 -5.57
N MET H 164 41.04 4.86 -5.03
CA MET H 164 40.40 6.20 -5.11
C MET H 164 41.28 7.23 -4.41
N ASN H 165 41.86 6.88 -3.25
CA ASN H 165 42.77 7.75 -2.46
C ASN H 165 44.07 8.01 -3.25
N GLU H 166 44.61 6.99 -3.92
CA GLU H 166 45.83 7.09 -4.77
C GLU H 166 45.58 8.11 -5.89
N LEU H 167 44.44 8.01 -6.60
CA LEU H 167 44.11 8.85 -7.77
C LEU H 167 43.82 10.29 -7.30
N MET H 168 43.19 10.45 -6.14
CA MET H 168 42.95 11.77 -5.50
C MET H 168 44.29 12.44 -5.19
N ALA H 169 45.24 11.69 -4.63
CA ALA H 169 46.60 12.14 -4.29
C ALA H 169 47.34 12.59 -5.56
N LYS H 170 47.25 11.80 -6.63
CA LYS H 170 47.90 12.06 -7.94
C LYS H 170 47.43 13.41 -8.51
N HIS H 171 46.10 13.63 -8.55
CA HIS H 171 45.45 14.80 -9.20
C HIS H 171 45.57 16.06 -8.34
N THR H 172 45.60 15.93 -7.02
CA THR H 172 45.70 17.06 -6.05
C THR H 172 47.17 17.43 -5.82
N GLY H 173 48.06 16.43 -5.83
CA GLY H 173 49.50 16.59 -5.52
C GLY H 173 49.77 16.46 -4.02
N ARG H 174 48.73 16.16 -3.23
CA ARG H 174 48.84 15.92 -1.76
C ARG H 174 49.22 14.46 -1.56
N PRO H 175 49.90 14.11 -0.44
CA PRO H 175 50.25 12.71 -0.17
C PRO H 175 49.01 11.88 0.19
N ILE H 176 49.04 10.58 -0.13
CA ILE H 176 47.90 9.63 0.05
C ILE H 176 47.48 9.60 1.53
N GLU H 177 48.43 9.71 2.47
CA GLU H 177 48.18 9.66 3.93
C GLU H 177 47.24 10.80 4.33
N GLU H 178 47.44 12.00 3.78
CA GLU H 178 46.65 13.22 4.09
C GLU H 178 45.25 13.09 3.48
N ILE H 179 45.16 12.61 2.23
CA ILE H 179 43.88 12.38 1.50
C ILE H 179 43.02 11.39 2.31
N ALA H 180 43.65 10.33 2.84
CA ALA H 180 42.99 9.28 3.65
C ALA H 180 42.41 9.90 4.92
N LYS H 181 43.24 10.62 5.69
CA LYS H 181 42.86 11.34 6.95
C LYS H 181 41.66 12.25 6.69
N ASP H 182 41.73 13.06 5.64
CA ASP H 182 40.77 14.17 5.35
C ASP H 182 39.42 13.62 4.87
N THR H 183 39.39 12.40 4.31
CA THR H 183 38.18 11.80 3.69
C THR H 183 37.58 10.70 4.59
N GLU H 184 38.11 10.50 5.81
CA GLU H 184 37.54 9.54 6.80
C GLU H 184 36.12 9.98 7.16
N ARG H 185 35.90 11.30 7.27
CA ARG H 185 34.57 11.92 7.48
C ARG H 185 34.39 13.03 6.44
N ASP H 186 33.14 13.47 6.23
CA ASP H 186 32.78 14.52 5.24
C ASP H 186 33.64 15.76 5.47
N ARG H 187 34.25 16.28 4.40
CA ARG H 187 35.11 17.49 4.39
C ARG H 187 34.56 18.45 3.33
N PHE H 188 33.99 19.58 3.76
CA PHE H 188 33.40 20.62 2.89
C PHE H 188 34.44 21.71 2.60
N LEU H 189 34.57 22.09 1.33
CA LEU H 189 35.51 23.15 0.86
C LEU H 189 34.73 24.21 0.08
N SER H 190 35.04 25.48 0.32
CA SER H 190 34.64 26.64 -0.53
C SER H 190 35.46 26.58 -1.82
N ALA H 191 35.16 27.47 -2.78
CA ALA H 191 35.90 27.62 -4.05
C ALA H 191 37.37 27.92 -3.75
N ASP H 192 37.63 28.86 -2.84
CA ASP H 192 39.00 29.28 -2.41
C ASP H 192 39.73 28.08 -1.79
N GLU H 193 39.05 27.32 -0.93
CA GLU H 193 39.62 26.16 -0.19
C GLU H 193 39.96 25.03 -1.17
N ALA H 194 39.14 24.83 -2.22
CA ALA H 194 39.34 23.81 -3.26
C ALA H 194 40.62 24.11 -4.07
N VAL H 195 40.91 25.39 -4.32
CA VAL H 195 42.13 25.88 -5.03
C VAL H 195 43.36 25.59 -4.15
N GLU H 196 43.26 25.90 -2.85
CA GLU H 196 44.34 25.73 -1.83
C GLU H 196 44.61 24.25 -1.56
N TYR H 197 43.62 23.38 -1.73
CA TYR H 197 43.74 21.90 -1.54
C TYR H 197 44.34 21.28 -2.81
N GLY H 198 44.05 21.85 -3.98
CA GLY H 198 44.53 21.38 -5.29
C GLY H 198 43.48 20.56 -6.03
N LEU H 199 42.23 20.57 -5.57
CA LEU H 199 41.08 19.90 -6.24
C LEU H 199 40.79 20.59 -7.58
N VAL H 200 40.85 21.93 -7.60
CA VAL H 200 40.73 22.78 -8.82
C VAL H 200 41.94 23.73 -8.88
N ASP H 201 42.11 24.42 -10.00
CA ASP H 201 43.29 25.28 -10.30
C ASP H 201 42.94 26.75 -10.05
N LYS H 202 41.79 27.22 -10.54
CA LYS H 202 41.42 28.65 -10.57
C LYS H 202 39.90 28.81 -10.38
N ILE H 203 39.46 30.05 -10.14
CA ILE H 203 38.03 30.44 -9.97
C ILE H 203 37.66 31.43 -11.07
N PHE H 204 36.55 31.17 -11.77
CA PHE H 204 35.96 32.04 -12.81
C PHE H 204 34.78 32.80 -12.20
N THR H 205 34.75 34.14 -12.34
CA THR H 205 33.66 35.03 -11.85
C THR H 205 32.97 35.66 -13.07
N HIS H 206 33.72 36.42 -13.88
CA HIS H 206 33.27 37.04 -15.16
C HIS H 206 34.22 36.60 -16.28
N ARG H 207 33.75 36.68 -17.54
CA ARG H 207 34.59 36.46 -18.74
C ARG H 207 35.64 37.58 -18.82
N MET I 15 13.52 12.50 -23.53
CA MET I 15 13.47 11.00 -23.57
C MET I 15 14.74 10.46 -24.22
N ALA I 16 14.86 10.53 -25.55
CA ALA I 16 16.11 10.28 -26.28
C ALA I 16 17.05 11.46 -26.02
N LEU I 17 18.25 11.18 -25.51
CA LEU I 17 19.11 12.19 -24.82
C LEU I 17 20.12 12.80 -25.78
N VAL I 18 20.25 14.14 -25.72
CA VAL I 18 21.10 14.97 -26.62
C VAL I 18 20.72 14.71 -28.08
N PRO I 19 19.43 14.88 -28.46
CA PRO I 19 19.00 14.65 -29.84
C PRO I 19 18.90 15.90 -30.75
N MET I 20 18.96 15.68 -32.06
CA MET I 20 18.60 16.64 -33.12
C MET I 20 17.53 15.99 -34.01
N VAL I 21 16.57 16.75 -34.53
CA VAL I 21 15.54 16.20 -35.45
C VAL I 21 16.21 15.97 -36.81
N VAL I 22 15.60 15.14 -37.66
CA VAL I 22 16.27 14.54 -38.85
C VAL I 22 16.31 15.58 -39.98
N GLU I 23 15.24 16.37 -40.14
CA GLU I 23 15.05 17.35 -41.25
C GLU I 23 14.68 16.59 -42.53
N SER I 31 13.66 10.37 -32.77
CA SER I 31 14.63 11.49 -32.77
C SER I 31 16.07 10.95 -32.79
N TYR I 32 16.93 11.55 -33.61
CA TYR I 32 18.36 11.14 -33.79
C TYR I 32 19.17 11.59 -32.57
N ASP I 33 19.66 10.62 -31.78
CA ASP I 33 20.35 10.85 -30.48
C ASP I 33 21.84 10.50 -30.61
N ILE I 34 22.59 10.64 -29.51
CA ILE I 34 24.08 10.43 -29.44
C ILE I 34 24.41 8.96 -29.71
N TYR I 35 23.55 8.02 -29.30
CA TYR I 35 23.75 6.57 -29.49
C TYR I 35 23.55 6.21 -30.97
N SER I 36 22.55 6.82 -31.62
CA SER I 36 22.27 6.67 -33.07
C SER I 36 23.47 7.19 -33.88
N ARG I 37 24.06 8.30 -33.45
CA ARG I 37 25.22 8.96 -34.12
C ARG I 37 26.45 8.05 -34.02
N LEU I 38 26.71 7.47 -32.83
CA LEU I 38 27.88 6.59 -32.56
C LEU I 38 27.67 5.23 -33.23
N LEU I 39 26.41 4.83 -33.47
CA LEU I 39 26.08 3.56 -34.18
C LEU I 39 26.60 3.63 -35.62
N LYS I 40 26.66 4.82 -36.23
CA LYS I 40 27.30 5.02 -37.56
C LYS I 40 28.79 4.71 -37.48
N GLU I 41 29.43 5.00 -36.33
CA GLU I 41 30.87 4.74 -36.08
C GLU I 41 31.08 3.27 -35.67
N ARG I 42 30.02 2.44 -35.78
CA ARG I 42 30.01 0.98 -35.47
C ARG I 42 30.28 0.75 -33.97
N ILE I 43 29.67 1.57 -33.12
CA ILE I 43 29.76 1.48 -31.63
C ILE I 43 28.38 1.09 -31.08
N ILE I 44 28.31 -0.02 -30.34
CA ILE I 44 27.10 -0.46 -29.57
C ILE I 44 27.43 -0.35 -28.08
N PHE I 45 26.45 0.01 -27.26
CA PHE I 45 26.58 0.14 -25.78
C PHE I 45 25.70 -0.91 -25.10
N LEU I 46 26.32 -1.73 -24.23
CA LEU I 46 25.63 -2.68 -23.32
C LEU I 46 25.76 -2.13 -21.89
N THR I 47 24.67 -1.52 -21.39
CA THR I 47 24.66 -0.71 -20.15
C THR I 47 23.58 -1.23 -19.19
N GLY I 48 23.95 -1.53 -17.95
CA GLY I 48 23.03 -1.91 -16.86
C GLY I 48 22.66 -3.38 -16.91
N GLN I 49 21.55 -3.73 -16.25
CA GLN I 49 21.08 -5.13 -16.06
C GLN I 49 20.76 -5.76 -17.42
N VAL I 50 21.35 -6.93 -17.68
CA VAL I 50 21.11 -7.75 -18.91
C VAL I 50 19.76 -8.47 -18.75
N GLU I 51 18.80 -8.14 -19.62
CA GLU I 51 17.48 -8.81 -19.71
C GLU I 51 17.06 -8.84 -21.20
N ASP I 52 15.95 -9.54 -21.51
CA ASP I 52 15.53 -9.90 -22.88
C ASP I 52 15.52 -8.67 -23.80
N HIS I 53 14.87 -7.58 -23.38
CA HIS I 53 14.54 -6.41 -24.24
C HIS I 53 15.82 -5.64 -24.62
N MET I 54 16.64 -5.23 -23.65
CA MET I 54 17.91 -4.50 -23.90
C MET I 54 18.89 -5.40 -24.68
N ALA I 55 18.84 -6.72 -24.46
CA ALA I 55 19.70 -7.71 -25.15
C ALA I 55 19.27 -7.86 -26.61
N ASN I 56 17.95 -7.93 -26.86
CA ASN I 56 17.35 -7.95 -28.22
C ASN I 56 17.78 -6.71 -29.00
N LEU I 57 17.90 -5.57 -28.31
CA LEU I 57 18.30 -4.27 -28.92
C LEU I 57 19.77 -4.33 -29.36
N VAL I 58 20.64 -4.91 -28.52
CA VAL I 58 22.10 -5.08 -28.80
C VAL I 58 22.27 -6.00 -30.01
N ALA I 59 21.58 -7.14 -30.01
CA ALA I 59 21.62 -8.17 -31.08
C ALA I 59 21.15 -7.54 -32.41
N ALA I 60 20.10 -6.73 -32.36
CA ALA I 60 19.49 -6.03 -33.52
C ALA I 60 20.51 -5.05 -34.12
N GLN I 61 21.15 -4.24 -33.27
CA GLN I 61 22.23 -3.29 -33.67
C GLN I 61 23.35 -4.06 -34.37
N MET I 62 23.73 -5.23 -33.84
CA MET I 62 24.81 -6.09 -34.38
C MET I 62 24.41 -6.62 -35.77
N LEU I 63 23.21 -7.20 -35.88
CA LEU I 63 22.65 -7.71 -37.16
C LEU I 63 22.62 -6.58 -38.20
N PHE I 64 22.27 -5.37 -37.78
CA PHE I 64 22.19 -4.16 -38.64
C PHE I 64 23.60 -3.82 -39.16
N LEU I 65 24.58 -3.71 -38.25
CA LEU I 65 25.96 -3.29 -38.57
C LEU I 65 26.62 -4.30 -39.52
N GLU I 66 26.26 -5.58 -39.42
CA GLU I 66 26.77 -6.66 -40.32
C GLU I 66 26.26 -6.43 -41.74
N ALA I 67 24.94 -6.17 -41.88
CA ALA I 67 24.26 -5.91 -43.17
C ALA I 67 24.86 -4.66 -43.84
N GLU I 68 25.18 -3.62 -43.05
CA GLU I 68 25.81 -2.36 -43.52
C GLU I 68 27.20 -2.67 -44.07
N ASN I 69 28.00 -3.45 -43.34
CA ASN I 69 29.41 -3.80 -43.70
C ASN I 69 29.84 -5.02 -42.90
N PRO I 70 29.88 -6.22 -43.52
CA PRO I 70 30.21 -7.45 -42.78
C PRO I 70 31.71 -7.72 -42.56
N GLU I 71 32.59 -6.74 -42.83
CA GLU I 71 34.07 -6.92 -42.78
C GLU I 71 34.74 -5.92 -41.82
N LYS I 72 34.10 -4.78 -41.51
CA LYS I 72 34.61 -3.80 -40.51
C LYS I 72 34.29 -4.29 -39.09
N ASP I 73 35.17 -3.99 -38.14
CA ASP I 73 35.00 -4.32 -36.69
C ASP I 73 33.76 -3.61 -36.13
N ILE I 74 33.11 -4.25 -35.15
CA ILE I 74 32.08 -3.66 -34.26
C ILE I 74 32.70 -3.48 -32.87
N PHE I 75 32.47 -2.34 -32.23
CA PHE I 75 32.95 -2.01 -30.86
C PHE I 75 31.76 -2.11 -29.90
N LEU I 76 31.84 -3.02 -28.93
CA LEU I 76 30.81 -3.23 -27.88
C LEU I 76 31.36 -2.73 -26.54
N TYR I 77 30.93 -1.55 -26.11
CA TYR I 77 31.24 -0.95 -24.78
C TYR I 77 30.32 -1.60 -23.74
N ILE I 78 30.92 -2.24 -22.72
CA ILE I 78 30.22 -3.01 -21.67
C ILE I 78 30.40 -2.30 -20.32
N ASN I 79 29.28 -1.85 -19.72
CA ASN I 79 29.19 -1.40 -18.31
C ASN I 79 27.93 -2.04 -17.70
N SER I 80 28.07 -3.25 -17.15
CA SER I 80 26.94 -4.10 -16.71
C SER I 80 27.31 -4.89 -15.46
N PRO I 81 26.39 -5.02 -14.47
CA PRO I 81 26.58 -5.93 -13.34
C PRO I 81 26.14 -7.37 -13.66
N GLY I 82 25.56 -7.57 -14.84
CA GLY I 82 25.07 -8.88 -15.34
C GLY I 82 23.56 -8.90 -15.43
N GLY I 83 22.96 -10.08 -15.27
CA GLY I 83 21.50 -10.27 -15.27
C GLY I 83 21.10 -11.66 -15.76
N VAL I 84 20.10 -11.75 -16.63
CA VAL I 84 19.49 -13.03 -17.09
C VAL I 84 20.45 -13.70 -18.08
N ILE I 85 20.85 -14.94 -17.81
CA ILE I 85 21.91 -15.68 -18.57
C ILE I 85 21.44 -15.88 -20.02
N THR I 86 20.23 -16.40 -20.23
CA THR I 86 19.65 -16.71 -21.56
C THR I 86 19.67 -15.44 -22.42
N ALA I 87 19.32 -14.29 -21.83
CA ALA I 87 19.32 -12.97 -22.51
C ALA I 87 20.75 -12.63 -22.95
N GLY I 88 21.71 -12.81 -22.05
CA GLY I 88 23.15 -12.60 -22.34
C GLY I 88 23.64 -13.55 -23.42
N MET I 89 23.17 -14.79 -23.41
CA MET I 89 23.58 -15.84 -24.39
C MET I 89 23.05 -15.49 -25.79
N SER I 90 21.88 -14.83 -25.86
CA SER I 90 21.30 -14.34 -27.15
C SER I 90 22.26 -13.35 -27.81
N ILE I 91 22.97 -12.52 -27.02
CA ILE I 91 24.03 -11.59 -27.50
C ILE I 91 25.27 -12.41 -27.88
N TYR I 92 25.73 -13.29 -26.98
CA TYR I 92 26.95 -14.12 -27.16
C TYR I 92 26.90 -14.85 -28.51
N ASP I 93 25.79 -15.54 -28.79
CA ASP I 93 25.60 -16.36 -30.01
C ASP I 93 25.51 -15.45 -31.25
N THR I 94 24.93 -14.25 -31.10
CA THR I 94 24.87 -13.23 -32.17
C THR I 94 26.29 -12.73 -32.48
N MET I 95 27.12 -12.53 -31.46
CA MET I 95 28.53 -12.08 -31.59
C MET I 95 29.34 -13.10 -32.41
N GLN I 96 29.17 -14.39 -32.10
CA GLN I 96 29.93 -15.49 -32.75
C GLN I 96 29.43 -15.71 -34.18
N PHE I 97 28.13 -15.55 -34.43
CA PHE I 97 27.46 -15.85 -35.72
C PHE I 97 27.85 -14.82 -36.78
N ILE I 98 27.68 -13.53 -36.48
CA ILE I 98 27.91 -12.40 -37.45
C ILE I 98 29.38 -12.45 -37.89
N LYS I 99 29.63 -12.08 -39.16
CA LYS I 99 30.98 -12.15 -39.79
C LYS I 99 31.93 -11.15 -39.14
N PRO I 100 31.50 -9.90 -38.83
CA PRO I 100 32.39 -8.93 -38.20
C PRO I 100 32.94 -9.40 -36.84
N ASP I 101 34.21 -9.12 -36.58
CA ASP I 101 34.84 -9.21 -35.24
C ASP I 101 34.15 -8.20 -34.31
N VAL I 102 33.68 -8.67 -33.15
CA VAL I 102 33.12 -7.82 -32.07
C VAL I 102 34.25 -7.56 -31.06
N SER I 103 34.82 -6.36 -31.09
CA SER I 103 35.77 -5.84 -30.06
C SER I 103 34.96 -5.43 -28.83
N THR I 104 35.34 -5.94 -27.64
CA THR I 104 34.71 -5.63 -26.34
C THR I 104 35.65 -4.70 -25.54
N ILE I 105 35.10 -3.60 -25.01
CA ILE I 105 35.79 -2.62 -24.13
C ILE I 105 35.01 -2.53 -22.82
N CYS I 106 35.68 -2.76 -21.68
CA CYS I 106 35.09 -2.70 -20.32
C CYS I 106 35.17 -1.27 -19.79
N MET I 107 34.01 -0.63 -19.61
CA MET I 107 33.85 0.72 -18.97
C MET I 107 33.25 0.51 -17.58
N GLY I 108 33.86 1.10 -16.54
CA GLY I 108 33.34 1.08 -15.16
C GLY I 108 33.41 -0.32 -14.55
N GLN I 109 32.53 -1.23 -14.97
CA GLN I 109 32.52 -2.63 -14.48
C GLN I 109 31.92 -3.59 -15.52
N ALA I 110 32.38 -4.83 -15.49
CA ALA I 110 31.80 -5.97 -16.24
C ALA I 110 31.71 -7.09 -15.22
N CYS I 111 30.51 -7.46 -14.78
CA CYS I 111 30.41 -8.48 -13.71
C CYS I 111 29.41 -9.55 -14.10
N SER I 112 29.61 -10.77 -13.60
CA SER I 112 28.70 -11.87 -13.86
C SER I 112 28.60 -12.04 -15.36
N MET I 113 27.39 -11.89 -15.90
CA MET I 113 27.13 -12.00 -17.36
C MET I 113 27.90 -10.94 -18.15
N GLY I 114 28.13 -9.76 -17.59
CA GLY I 114 28.93 -8.71 -18.26
C GLY I 114 30.35 -9.16 -18.48
N ALA I 115 30.94 -9.87 -17.51
CA ALA I 115 32.31 -10.40 -17.61
C ALA I 115 32.39 -11.47 -18.70
N PHE I 116 31.35 -12.27 -18.81
CA PHE I 116 31.21 -13.38 -19.80
C PHE I 116 31.24 -12.79 -21.21
N LEU I 117 30.45 -11.74 -21.47
CA LEU I 117 30.33 -11.10 -22.80
C LEU I 117 31.62 -10.34 -23.14
N LEU I 118 32.29 -9.78 -22.14
CA LEU I 118 33.61 -9.08 -22.29
C LEU I 118 34.65 -10.08 -22.80
N THR I 119 34.74 -11.27 -22.19
CA THR I 119 35.74 -12.31 -22.51
C THR I 119 35.36 -13.01 -23.83
N ALA I 120 34.11 -12.84 -24.30
CA ALA I 120 33.56 -13.47 -25.51
C ALA I 120 33.87 -12.63 -26.77
N GLY I 121 34.59 -11.53 -26.63
CA GLY I 121 35.03 -10.68 -27.77
C GLY I 121 36.06 -11.40 -28.62
N ALA I 122 36.32 -10.89 -29.83
CA ALA I 122 37.33 -11.43 -30.77
C ALA I 122 38.71 -11.41 -30.10
N LYS I 123 39.50 -12.46 -30.28
CA LYS I 123 40.85 -12.63 -29.65
C LYS I 123 41.76 -11.50 -30.15
N GLY I 124 42.42 -10.80 -29.22
CA GLY I 124 43.31 -9.66 -29.48
C GLY I 124 42.62 -8.32 -29.34
N LYS I 125 41.28 -8.30 -29.30
CA LYS I 125 40.45 -7.06 -29.32
C LYS I 125 39.51 -7.02 -28.12
N ARG I 126 39.87 -7.71 -27.01
CA ARG I 126 39.16 -7.61 -25.70
C ARG I 126 39.95 -6.68 -24.80
N ILE I 127 39.37 -5.52 -24.46
CA ILE I 127 40.08 -4.37 -23.81
C ILE I 127 39.41 -4.04 -22.48
N CYS I 128 40.21 -3.78 -21.44
CA CYS I 128 39.79 -3.10 -20.19
C CYS I 128 40.38 -1.68 -20.17
N LEU I 129 39.65 -0.71 -19.64
CA LEU I 129 40.18 0.62 -19.27
C LEU I 129 40.81 0.49 -17.88
N PRO I 130 41.78 1.34 -17.50
CA PRO I 130 42.67 1.05 -16.37
C PRO I 130 41.96 0.83 -15.02
N ASN I 131 40.86 1.53 -14.77
CA ASN I 131 40.15 1.52 -13.46
C ASN I 131 38.78 0.83 -13.60
N SER I 132 38.57 0.09 -14.69
CA SER I 132 37.41 -0.80 -14.89
C SER I 132 37.56 -2.00 -13.97
N ARG I 133 36.46 -2.50 -13.41
CA ARG I 133 36.42 -3.65 -12.47
C ARG I 133 35.76 -4.83 -13.17
N VAL I 134 36.34 -6.03 -13.06
CA VAL I 134 35.78 -7.29 -13.60
C VAL I 134 35.51 -8.22 -12.42
N MET I 135 34.36 -8.92 -12.43
CA MET I 135 33.95 -9.88 -11.37
C MET I 135 33.23 -11.08 -12.01
N ILE I 136 33.63 -12.29 -11.63
CA ILE I 136 33.07 -13.58 -12.14
C ILE I 136 32.54 -14.37 -10.94
N HIS I 137 31.40 -15.05 -11.10
CA HIS I 137 30.87 -16.04 -10.12
C HIS I 137 29.86 -16.98 -10.80
N GLN I 138 29.58 -18.10 -10.16
CA GLN I 138 28.68 -19.18 -10.66
C GLN I 138 27.25 -18.66 -10.79
N PRO I 139 26.40 -19.33 -11.60
CA PRO I 139 25.00 -18.92 -11.76
C PRO I 139 24.19 -18.89 -10.46
N LEU I 140 23.11 -18.10 -10.46
CA LEU I 140 22.05 -18.05 -9.42
C LEU I 140 20.76 -18.61 -10.03
N GLY I 141 19.88 -19.16 -9.20
CA GLY I 141 18.58 -19.71 -9.63
C GLY I 141 17.58 -19.73 -8.50
N GLY I 142 16.38 -20.27 -8.74
CA GLY I 142 15.32 -20.35 -7.72
C GLY I 142 14.05 -20.96 -8.28
N PHE I 143 13.70 -22.17 -7.82
CA PHE I 143 12.41 -22.84 -8.12
C PHE I 143 11.66 -23.13 -6.82
N GLN I 144 10.34 -23.30 -6.93
CA GLN I 144 9.43 -23.72 -5.84
C GLN I 144 8.35 -24.64 -6.43
N GLY I 145 7.99 -25.70 -5.71
CA GLY I 145 6.95 -26.67 -6.11
C GLY I 145 7.28 -28.08 -5.66
N GLN I 146 6.74 -29.08 -6.36
CA GLN I 146 6.91 -30.52 -6.03
C GLN I 146 8.38 -30.90 -6.16
N ALA I 147 8.85 -31.84 -5.33
CA ALA I 147 10.24 -32.32 -5.25
C ALA I 147 10.72 -32.81 -6.62
N THR I 148 9.85 -33.46 -7.39
CA THR I 148 10.15 -33.99 -8.75
C THR I 148 10.58 -32.83 -9.66
N ASP I 149 9.81 -31.73 -9.66
CA ASP I 149 10.07 -30.52 -10.48
C ASP I 149 11.37 -29.86 -10.01
N ILE I 150 11.58 -29.81 -8.68
CA ILE I 150 12.79 -29.22 -8.04
C ILE I 150 14.03 -29.96 -8.59
N GLU I 151 13.96 -31.29 -8.68
CA GLU I 151 15.06 -32.15 -9.19
C GLU I 151 15.34 -31.79 -10.66
N ILE I 152 14.29 -31.61 -11.47
CA ILE I 152 14.40 -31.28 -12.92
C ILE I 152 15.13 -29.94 -13.10
N HIS I 153 14.74 -28.93 -12.34
CA HIS I 153 15.31 -27.55 -12.42
C HIS I 153 16.72 -27.52 -11.83
N ALA I 154 16.97 -28.29 -10.77
CA ALA I 154 18.30 -28.45 -10.13
C ALA I 154 19.28 -29.02 -11.15
N GLN I 155 18.87 -30.05 -11.88
CA GLN I 155 19.65 -30.69 -12.98
C GLN I 155 19.93 -29.67 -14.08
N GLU I 156 18.92 -28.89 -14.48
CA GLU I 156 19.03 -27.87 -15.56
C GLU I 156 20.07 -26.81 -15.17
N ILE I 157 20.09 -26.42 -13.89
CA ILE I 157 21.01 -25.37 -13.36
C ILE I 157 22.45 -25.90 -13.37
N LEU I 158 22.65 -27.20 -13.10
CA LEU I 158 23.98 -27.86 -13.21
C LEU I 158 24.45 -27.83 -14.67
N LYS I 159 23.56 -28.17 -15.62
CA LYS I 159 23.85 -28.21 -17.08
C LYS I 159 24.34 -26.83 -17.51
N VAL I 160 23.61 -25.76 -17.15
CA VAL I 160 23.95 -24.35 -17.50
C VAL I 160 25.30 -23.99 -16.87
N LYS I 161 25.50 -24.29 -15.59
CA LYS I 161 26.74 -23.99 -14.82
C LYS I 161 27.95 -24.63 -15.53
N SER I 162 27.83 -25.90 -15.93
CA SER I 162 28.89 -26.67 -16.65
C SER I 162 29.22 -25.97 -17.97
N ARG I 163 28.19 -25.65 -18.76
CA ARG I 163 28.30 -25.00 -20.09
C ARG I 163 29.03 -23.65 -19.95
N MET I 164 28.61 -22.82 -19.00
CA MET I 164 29.17 -21.45 -18.77
C MET I 164 30.66 -21.56 -18.41
N ASN I 165 31.04 -22.58 -17.63
CA ASN I 165 32.45 -22.85 -17.23
C ASN I 165 33.27 -23.27 -18.46
N GLU I 166 32.72 -24.14 -19.31
CA GLU I 166 33.36 -24.63 -20.56
C GLU I 166 33.67 -23.45 -21.48
N LEU I 167 32.70 -22.56 -21.69
CA LEU I 167 32.82 -21.37 -22.58
C LEU I 167 33.80 -20.36 -21.96
N MET I 168 33.78 -20.20 -20.63
CA MET I 168 34.73 -19.34 -19.89
C MET I 168 36.15 -19.91 -20.01
N ALA I 169 36.28 -21.24 -19.93
CA ALA I 169 37.57 -21.97 -20.09
C ALA I 169 38.13 -21.72 -21.50
N LYS I 170 37.29 -21.92 -22.53
CA LYS I 170 37.64 -21.78 -23.97
C LYS I 170 38.18 -20.35 -24.24
N HIS I 171 37.47 -19.33 -23.78
CA HIS I 171 37.74 -17.90 -24.10
C HIS I 171 38.94 -17.38 -23.29
N THR I 172 39.16 -17.89 -22.07
CA THR I 172 40.27 -17.48 -21.18
C THR I 172 41.53 -18.31 -21.44
N GLY I 173 41.36 -19.56 -21.88
CA GLY I 173 42.47 -20.52 -22.10
C GLY I 173 42.92 -21.17 -20.79
N ARG I 174 42.16 -20.98 -19.71
CA ARG I 174 42.39 -21.64 -18.40
C ARG I 174 41.58 -22.93 -18.37
N PRO I 175 42.05 -23.98 -17.66
CA PRO I 175 41.32 -25.26 -17.60
C PRO I 175 40.02 -25.10 -16.81
N ILE I 176 38.99 -25.87 -17.18
CA ILE I 176 37.60 -25.80 -16.61
C ILE I 176 37.66 -26.00 -15.08
N GLU I 177 38.55 -26.86 -14.59
CA GLU I 177 38.72 -27.17 -13.14
C GLU I 177 39.09 -25.89 -12.37
N GLU I 178 39.88 -25.01 -12.99
CA GLU I 178 40.38 -23.76 -12.37
C GLU I 178 39.28 -22.69 -12.42
N ILE I 179 38.57 -22.58 -13.54
CA ILE I 179 37.40 -21.66 -13.71
C ILE I 179 36.36 -21.98 -12.64
N ALA I 180 36.02 -23.27 -12.48
CA ALA I 180 35.00 -23.79 -11.54
C ALA I 180 35.39 -23.42 -10.10
N LYS I 181 36.63 -23.75 -9.69
CA LYS I 181 37.19 -23.41 -8.35
C LYS I 181 37.00 -21.92 -8.08
N ASP I 182 37.43 -21.08 -9.03
CA ASP I 182 37.55 -19.60 -8.86
C ASP I 182 36.17 -18.94 -8.81
N THR I 183 35.14 -19.54 -9.43
CA THR I 183 33.78 -18.94 -9.60
C THR I 183 32.78 -19.53 -8.59
N GLU I 184 33.22 -20.41 -7.68
CA GLU I 184 32.37 -20.94 -6.58
C GLU I 184 31.86 -19.75 -5.75
N ARG I 185 32.74 -18.79 -5.48
CA ARG I 185 32.42 -17.51 -4.78
C ARG I 185 32.88 -16.34 -5.64
N ASP I 186 32.29 -15.16 -5.41
CA ASP I 186 32.60 -13.89 -6.12
C ASP I 186 34.13 -13.71 -6.16
N ARG I 187 34.67 -13.46 -7.35
CA ARG I 187 36.12 -13.24 -7.59
C ARG I 187 36.29 -11.91 -8.34
N PHE I 188 36.77 -10.87 -7.64
CA PHE I 188 36.99 -9.50 -8.18
C PHE I 188 38.40 -9.43 -8.79
N LEU I 189 38.50 -8.88 -10.00
CA LEU I 189 39.79 -8.69 -10.73
C LEU I 189 39.94 -7.21 -11.12
N SER I 190 41.15 -6.68 -10.96
CA SER I 190 41.60 -5.39 -11.55
C SER I 190 41.84 -5.59 -13.05
N ALA I 191 42.01 -4.49 -13.80
CA ALA I 191 42.34 -4.49 -15.25
C ALA I 191 43.59 -5.35 -15.51
N ASP I 192 44.64 -5.16 -14.68
CA ASP I 192 45.90 -5.95 -14.73
C ASP I 192 45.59 -7.44 -14.54
N GLU I 193 44.80 -7.78 -13.51
CA GLU I 193 44.47 -9.18 -13.13
C GLU I 193 43.62 -9.84 -14.23
N ALA I 194 42.72 -9.08 -14.87
CA ALA I 194 41.85 -9.55 -15.97
C ALA I 194 42.69 -9.97 -17.19
N VAL I 195 43.75 -9.22 -17.50
CA VAL I 195 44.72 -9.55 -18.58
C VAL I 195 45.44 -10.85 -18.22
N GLU I 196 46.02 -10.90 -17.01
CA GLU I 196 46.76 -12.09 -16.47
C GLU I 196 45.87 -13.34 -16.55
N TYR I 197 44.60 -13.21 -16.12
CA TYR I 197 43.62 -14.32 -16.05
C TYR I 197 43.25 -14.79 -17.47
N GLY I 198 43.30 -13.87 -18.45
CA GLY I 198 42.96 -14.12 -19.86
C GLY I 198 41.53 -13.73 -20.20
N LEU I 199 40.86 -12.97 -19.33
CA LEU I 199 39.49 -12.44 -19.58
C LEU I 199 39.55 -11.39 -20.69
N VAL I 200 40.56 -10.51 -20.67
CA VAL I 200 40.83 -9.49 -21.73
C VAL I 200 42.27 -9.67 -22.22
N ASP I 201 42.63 -8.96 -23.30
CA ASP I 201 43.94 -9.10 -24.00
C ASP I 201 44.89 -7.96 -23.55
N LYS I 202 44.39 -6.73 -23.47
CA LYS I 202 45.22 -5.50 -23.32
C LYS I 202 44.45 -4.43 -22.53
N ILE I 203 45.17 -3.43 -22.00
CA ILE I 203 44.62 -2.25 -21.28
C ILE I 203 44.88 -1.00 -22.12
N PHE I 204 43.84 -0.21 -22.38
CA PHE I 204 43.87 1.09 -23.08
C PHE I 204 43.81 2.22 -22.03
N THR I 205 44.85 3.04 -21.95
CA THR I 205 44.97 4.19 -21.02
C THR I 205 44.82 5.50 -21.82
N HIS I 206 45.70 5.72 -22.81
CA HIS I 206 45.69 6.89 -23.73
C HIS I 206 45.70 6.39 -25.18
N ARG I 207 45.11 7.17 -26.11
CA ARG I 207 45.10 6.85 -27.56
C ARG I 207 46.49 7.13 -28.13
N LEU J 17 15.84 3.57 -24.98
CA LEU J 17 16.52 3.96 -26.24
C LEU J 17 16.06 3.02 -27.37
N VAL J 18 15.60 3.60 -28.48
CA VAL J 18 15.38 2.92 -29.79
C VAL J 18 16.27 3.60 -30.81
N PRO J 19 17.35 2.93 -31.31
CA PRO J 19 18.33 3.61 -32.16
C PRO J 19 17.78 3.89 -33.57
N MET J 20 18.07 5.06 -34.11
CA MET J 20 17.59 5.54 -35.44
C MET J 20 18.74 5.51 -36.44
N VAL J 21 18.42 5.32 -37.72
CA VAL J 21 19.39 5.43 -38.86
C VAL J 21 18.82 6.49 -39.82
N VAL J 22 19.66 7.45 -40.25
CA VAL J 22 19.28 8.57 -41.15
C VAL J 22 19.70 8.21 -42.58
N GLU J 23 18.73 8.09 -43.49
CA GLU J 23 18.97 7.96 -44.95
C GLU J 23 18.79 9.35 -45.59
N GLN J 24 19.81 9.81 -46.31
CA GLN J 24 19.80 11.10 -47.06
C GLN J 24 18.96 10.90 -48.34
N THR J 25 18.05 11.83 -48.61
CA THR J 25 17.20 11.87 -49.84
C THR J 25 17.53 13.15 -50.63
N THR J 26 16.87 13.34 -51.77
CA THR J 26 17.00 14.57 -52.62
C THR J 26 16.54 15.78 -51.80
N ARG J 27 15.50 15.60 -50.97
CA ARG J 27 14.83 16.67 -50.19
C ARG J 27 15.33 16.68 -48.75
N GLY J 28 16.60 16.36 -48.52
CA GLY J 28 17.25 16.40 -47.19
C GLY J 28 17.52 15.01 -46.63
N GLU J 29 16.69 14.56 -45.69
CA GLU J 29 16.88 13.31 -44.89
C GLU J 29 15.53 12.69 -44.49
N ARG J 30 15.50 11.36 -44.33
CA ARG J 30 14.41 10.61 -43.65
C ARG J 30 15.06 9.69 -42.61
N SER J 31 14.26 9.07 -41.74
CA SER J 31 14.75 8.28 -40.57
C SER J 31 14.00 6.96 -40.43
N TYR J 32 14.74 5.91 -40.06
CA TYR J 32 14.26 4.55 -39.72
C TYR J 32 14.74 4.19 -38.31
N ASP J 33 13.87 3.59 -37.48
CA ASP J 33 14.29 2.86 -36.26
C ASP J 33 14.93 1.55 -36.71
N ILE J 34 15.77 0.94 -35.86
CA ILE J 34 16.63 -0.23 -36.20
C ILE J 34 15.76 -1.43 -36.59
N TYR J 35 14.60 -1.58 -35.94
CA TYR J 35 13.66 -2.73 -36.12
C TYR J 35 12.94 -2.59 -37.47
N SER J 36 12.51 -1.38 -37.82
CA SER J 36 11.90 -1.04 -39.14
C SER J 36 12.89 -1.34 -40.26
N ARG J 37 14.18 -1.08 -40.01
CA ARG J 37 15.28 -1.24 -41.00
C ARG J 37 15.53 -2.75 -41.24
N LEU J 38 15.46 -3.57 -40.19
CA LEU J 38 15.66 -5.04 -40.26
C LEU J 38 14.40 -5.71 -40.82
N LEU J 39 13.24 -5.06 -40.72
CA LEU J 39 11.97 -5.55 -41.31
C LEU J 39 12.06 -5.52 -42.84
N LYS J 40 12.82 -4.58 -43.42
CA LYS J 40 13.11 -4.51 -44.88
C LYS J 40 13.94 -5.72 -45.32
N GLU J 41 14.74 -6.30 -44.40
CA GLU J 41 15.52 -7.55 -44.63
C GLU J 41 14.65 -8.78 -44.31
N ARG J 42 13.36 -8.57 -44.04
CA ARG J 42 12.35 -9.63 -43.75
C ARG J 42 12.70 -10.34 -42.44
N ILE J 43 13.09 -9.58 -41.41
CA ILE J 43 13.46 -10.09 -40.06
C ILE J 43 12.45 -9.57 -39.03
N ILE J 44 11.68 -10.47 -38.42
CA ILE J 44 10.72 -10.17 -37.31
C ILE J 44 11.31 -10.70 -36.00
N PHE J 45 11.10 -9.97 -34.91
CA PHE J 45 11.54 -10.33 -33.53
C PHE J 45 10.32 -10.67 -32.69
N LEU J 46 10.32 -11.88 -32.10
CA LEU J 46 9.38 -12.34 -31.04
C LEU J 46 10.17 -12.43 -29.73
N THR J 47 10.02 -11.42 -28.86
CA THR J 47 10.85 -11.23 -27.64
C THR J 47 9.94 -11.10 -26.40
N GLY J 48 10.25 -11.85 -25.34
CA GLY J 48 9.56 -11.77 -24.04
C GLY J 48 8.27 -12.57 -24.02
N GLN J 49 7.36 -12.23 -23.09
CA GLN J 49 6.09 -12.95 -22.83
C GLN J 49 5.16 -12.84 -24.03
N VAL J 50 4.59 -13.98 -24.45
CA VAL J 50 3.60 -14.08 -25.56
C VAL J 50 2.22 -13.69 -25.00
N GLU J 51 1.70 -12.54 -25.44
CA GLU J 51 0.33 -12.06 -25.11
C GLU J 51 -0.27 -11.41 -26.37
N ASP J 52 -1.57 -11.10 -26.33
CA ASP J 52 -2.39 -10.73 -27.51
C ASP J 52 -1.72 -9.62 -28.33
N HIS J 53 -1.31 -8.53 -27.68
CA HIS J 53 -0.88 -7.27 -28.35
C HIS J 53 0.44 -7.47 -29.10
N MET J 54 1.49 -7.95 -28.45
CA MET J 54 2.81 -8.22 -29.07
C MET J 54 2.69 -9.31 -30.16
N ALA J 55 1.79 -10.28 -29.96
CA ALA J 55 1.54 -11.41 -30.89
C ALA J 55 0.86 -10.91 -32.16
N ASN J 56 -0.10 -10.00 -32.00
CA ASN J 56 -0.80 -9.31 -33.13
C ASN J 56 0.24 -8.56 -33.97
N LEU J 57 1.18 -7.88 -33.32
CA LEU J 57 2.27 -7.11 -33.98
C LEU J 57 3.12 -8.06 -34.85
N VAL J 58 3.47 -9.23 -34.33
CA VAL J 58 4.24 -10.28 -35.06
C VAL J 58 3.43 -10.75 -36.27
N ALA J 59 2.13 -11.04 -36.08
CA ALA J 59 1.20 -11.50 -37.14
C ALA J 59 1.08 -10.43 -38.23
N ALA J 60 0.88 -9.18 -37.82
CA ALA J 60 0.81 -7.99 -38.72
C ALA J 60 2.07 -7.92 -39.59
N GLN J 61 3.25 -8.08 -38.99
CA GLN J 61 4.56 -8.04 -39.70
C GLN J 61 4.62 -9.14 -40.76
N MET J 62 4.08 -10.33 -40.45
CA MET J 62 4.06 -11.49 -41.39
C MET J 62 3.13 -11.17 -42.57
N LEU J 63 1.95 -10.59 -42.32
CA LEU J 63 0.96 -10.21 -43.35
C LEU J 63 1.54 -9.11 -44.26
N PHE J 64 2.20 -8.11 -43.66
CA PHE J 64 2.88 -7.00 -44.39
C PHE J 64 3.91 -7.59 -45.35
N LEU J 65 4.83 -8.42 -44.84
CA LEU J 65 5.98 -8.99 -45.59
C LEU J 65 5.46 -9.91 -46.71
N GLU J 66 4.28 -10.53 -46.53
CA GLU J 66 3.61 -11.35 -47.56
C GLU J 66 3.18 -10.43 -48.72
N ALA J 67 2.41 -9.38 -48.40
CA ALA J 67 1.91 -8.36 -49.36
C ALA J 67 3.09 -7.79 -50.16
N GLU J 68 4.22 -7.52 -49.50
CA GLU J 68 5.46 -6.96 -50.11
C GLU J 68 6.03 -7.94 -51.15
N ASN J 69 6.10 -9.22 -50.79
CA ASN J 69 6.71 -10.29 -51.65
C ASN J 69 6.31 -11.65 -51.11
N PRO J 70 5.32 -12.34 -51.71
CA PRO J 70 4.80 -13.59 -51.16
C PRO J 70 5.63 -14.85 -51.46
N GLU J 71 6.85 -14.70 -51.99
CA GLU J 71 7.72 -15.84 -52.44
C GLU J 71 9.09 -15.82 -51.73
N LYS J 72 9.45 -14.74 -51.02
CA LYS J 72 10.72 -14.63 -50.25
C LYS J 72 10.50 -15.12 -48.82
N ASP J 73 11.53 -15.71 -48.21
CA ASP J 73 11.50 -16.28 -46.82
C ASP J 73 11.33 -15.15 -45.80
N ILE J 74 10.66 -15.45 -44.69
CA ILE J 74 10.56 -14.57 -43.48
C ILE J 74 11.39 -15.23 -42.36
N PHE J 75 12.23 -14.45 -41.68
CA PHE J 75 13.12 -14.90 -40.57
C PHE J 75 12.54 -14.40 -39.24
N LEU J 76 11.97 -15.33 -38.44
CA LEU J 76 11.38 -15.03 -37.11
C LEU J 76 12.37 -15.43 -36.02
N TYR J 77 13.07 -14.44 -35.44
CA TYR J 77 13.97 -14.61 -34.26
C TYR J 77 13.12 -14.72 -32.99
N ILE J 78 13.24 -15.85 -32.27
CA ILE J 78 12.46 -16.15 -31.04
C ILE J 78 13.40 -16.14 -29.83
N ASN J 79 13.12 -15.24 -28.88
CA ASN J 79 13.69 -15.26 -27.50
C ASN J 79 12.54 -15.04 -26.51
N SER J 80 11.88 -16.12 -26.09
CA SER J 80 10.61 -16.08 -25.30
C SER J 80 10.57 -17.21 -24.30
N PRO J 81 10.08 -16.95 -23.05
CA PRO J 81 9.75 -18.01 -22.10
C PRO J 81 8.33 -18.56 -22.26
N GLY J 82 7.58 -18.05 -23.25
CA GLY J 82 6.19 -18.46 -23.56
C GLY J 82 5.18 -17.40 -23.12
N GLY J 83 3.96 -17.82 -22.80
CA GLY J 83 2.86 -16.93 -22.40
C GLY J 83 1.50 -17.51 -22.74
N VAL J 84 0.59 -16.68 -23.25
CA VAL J 84 -0.83 -17.07 -23.51
C VAL J 84 -0.87 -17.95 -24.77
N ILE J 85 -1.56 -19.08 -24.70
CA ILE J 85 -1.61 -20.11 -25.79
C ILE J 85 -2.37 -19.54 -26.98
N THR J 86 -3.56 -18.97 -26.76
CA THR J 86 -4.44 -18.41 -27.83
C THR J 86 -3.67 -17.32 -28.60
N ALA J 87 -2.95 -16.45 -27.89
CA ALA J 87 -2.10 -15.39 -28.47
C ALA J 87 -1.04 -16.01 -29.39
N GLY J 88 -0.41 -17.10 -28.93
CA GLY J 88 0.58 -17.87 -29.70
C GLY J 88 -0.03 -18.53 -30.92
N MET J 89 -1.24 -19.09 -30.80
CA MET J 89 -1.95 -19.80 -31.90
C MET J 89 -2.41 -18.80 -32.98
N SER J 90 -2.52 -17.51 -32.63
CA SER J 90 -2.76 -16.42 -33.60
C SER J 90 -1.55 -16.30 -34.53
N ILE J 91 -0.34 -16.40 -33.97
CA ILE J 91 0.95 -16.37 -34.74
C ILE J 91 1.07 -17.67 -35.55
N TYR J 92 0.87 -18.82 -34.89
CA TYR J 92 0.99 -20.17 -35.50
C TYR J 92 0.15 -20.25 -36.78
N ASP J 93 -1.14 -19.92 -36.70
CA ASP J 93 -2.11 -20.03 -37.83
C ASP J 93 -1.74 -19.03 -38.93
N THR J 94 -1.21 -17.86 -38.58
CA THR J 94 -0.69 -16.84 -39.54
C THR J 94 0.48 -17.43 -40.32
N MET J 95 1.42 -18.08 -39.62
CA MET J 95 2.63 -18.71 -40.21
C MET J 95 2.23 -19.75 -41.26
N GLN J 96 1.24 -20.59 -40.94
CA GLN J 96 0.76 -21.71 -41.82
C GLN J 96 -0.02 -21.13 -43.00
N PHE J 97 -0.81 -20.08 -42.77
CA PHE J 97 -1.74 -19.49 -43.76
C PHE J 97 -0.96 -18.76 -44.87
N ILE J 98 -0.01 -17.90 -44.49
CA ILE J 98 0.75 -17.05 -45.45
C ILE J 98 1.59 -17.94 -46.37
N LYS J 99 1.75 -17.55 -47.63
CA LYS J 99 2.50 -18.30 -48.67
C LYS J 99 3.97 -18.40 -48.26
N PRO J 100 4.65 -17.29 -47.89
CA PRO J 100 6.08 -17.33 -47.60
C PRO J 100 6.43 -18.38 -46.52
N ASP J 101 7.58 -19.06 -46.70
CA ASP J 101 8.19 -19.92 -45.67
C ASP J 101 8.65 -19.03 -44.51
N VAL J 102 8.26 -19.37 -43.28
CA VAL J 102 8.71 -18.69 -42.03
C VAL J 102 9.83 -19.54 -41.40
N SER J 103 11.08 -19.11 -41.58
CA SER J 103 12.29 -19.69 -40.92
C SER J 103 12.35 -19.18 -39.48
N THR J 104 12.39 -20.09 -38.51
CA THR J 104 12.45 -19.78 -37.05
C THR J 104 13.88 -19.97 -36.55
N ILE J 105 14.46 -18.93 -35.93
CA ILE J 105 15.81 -18.96 -35.30
C ILE J 105 15.64 -18.72 -33.79
N CYS J 106 16.12 -19.63 -32.96
CA CYS J 106 16.08 -19.51 -31.47
C CYS J 106 17.30 -18.71 -31.00
N MET J 107 17.03 -17.60 -30.28
CA MET J 107 18.02 -16.75 -29.58
C MET J 107 17.81 -16.89 -28.07
N GLY J 108 18.87 -17.18 -27.30
CA GLY J 108 18.80 -17.26 -25.84
C GLY J 108 17.97 -18.44 -25.37
N GLN J 109 16.64 -18.37 -25.51
CA GLN J 109 15.72 -19.47 -25.15
C GLN J 109 14.41 -19.40 -25.97
N ALA J 110 13.79 -20.57 -26.15
CA ALA J 110 12.41 -20.75 -26.66
C ALA J 110 11.73 -21.82 -25.79
N CYS J 111 10.95 -21.41 -24.80
CA CYS J 111 10.31 -22.35 -23.85
C CYS J 111 8.80 -22.27 -23.97
N SER J 112 8.11 -23.36 -23.61
CA SER J 112 6.67 -23.38 -23.59
C SER J 112 6.15 -23.01 -24.98
N MET J 113 5.34 -21.97 -25.06
CA MET J 113 4.76 -21.51 -26.35
C MET J 113 5.86 -21.06 -27.32
N GLY J 114 6.96 -20.52 -26.83
CA GLY J 114 8.09 -20.14 -27.69
C GLY J 114 8.69 -21.34 -28.40
N ALA J 115 8.78 -22.48 -27.72
CA ALA J 115 9.30 -23.73 -28.32
C ALA J 115 8.36 -24.23 -29.41
N PHE J 116 7.06 -24.11 -29.14
CA PHE J 116 5.95 -24.52 -30.04
C PHE J 116 6.02 -23.73 -31.36
N LEU J 117 6.25 -22.42 -31.28
CA LEU J 117 6.37 -21.54 -32.47
C LEU J 117 7.70 -21.79 -33.18
N LEU J 118 8.76 -22.14 -32.44
CA LEU J 118 10.09 -22.50 -32.99
C LEU J 118 9.98 -23.75 -33.86
N THR J 119 9.23 -24.77 -33.38
CA THR J 119 9.06 -26.07 -34.08
C THR J 119 8.03 -25.94 -35.21
N ALA J 120 7.25 -24.85 -35.22
CA ALA J 120 6.14 -24.61 -36.18
C ALA J 120 6.67 -24.01 -37.50
N GLY J 121 7.97 -23.73 -37.58
CA GLY J 121 8.62 -23.16 -38.78
C GLY J 121 8.57 -24.12 -39.96
N ALA J 122 8.89 -23.62 -41.16
CA ALA J 122 8.97 -24.40 -42.42
C ALA J 122 10.08 -25.46 -42.28
N LYS J 123 9.78 -26.71 -42.64
CA LYS J 123 10.70 -27.87 -42.48
C LYS J 123 12.00 -27.59 -43.24
N GLY J 124 13.14 -27.73 -42.56
CA GLY J 124 14.49 -27.49 -43.11
C GLY J 124 15.03 -26.11 -42.75
N LYS J 125 14.19 -25.25 -42.17
CA LYS J 125 14.53 -23.82 -41.87
C LYS J 125 14.22 -23.48 -40.41
N ARG J 126 14.13 -24.48 -39.53
CA ARG J 126 14.00 -24.29 -38.06
C ARG J 126 15.39 -24.41 -37.45
N ILE J 127 15.90 -23.32 -36.88
CA ILE J 127 17.33 -23.15 -36.49
C ILE J 127 17.41 -22.82 -34.98
N CYS J 128 18.37 -23.44 -34.29
CA CYS J 128 18.85 -23.05 -32.93
C CYS J 128 20.27 -22.47 -33.07
N LEU J 129 20.58 -21.43 -32.29
CA LEU J 129 21.99 -20.99 -32.10
C LEU J 129 22.60 -21.88 -31.03
N PRO J 130 23.95 -22.05 -31.00
CA PRO J 130 24.57 -23.17 -30.28
C PRO J 130 24.17 -23.24 -28.80
N ASN J 131 24.14 -22.08 -28.12
CA ASN J 131 23.95 -22.00 -26.64
C ASN J 131 22.51 -21.58 -26.30
N SER J 132 21.60 -21.61 -27.28
CA SER J 132 20.15 -21.35 -27.06
C SER J 132 19.56 -22.56 -26.32
N ARG J 133 18.59 -22.30 -25.44
CA ARG J 133 17.92 -23.34 -24.60
C ARG J 133 16.46 -23.51 -25.09
N VAL J 134 16.00 -24.75 -25.20
CA VAL J 134 14.59 -25.10 -25.55
C VAL J 134 13.97 -25.88 -24.40
N MET J 135 12.73 -25.57 -24.02
CA MET J 135 11.99 -26.26 -22.94
C MET J 135 10.53 -26.44 -23.38
N ILE J 136 9.97 -27.64 -23.15
CA ILE J 136 8.57 -28.01 -23.49
C ILE J 136 7.88 -28.57 -22.24
N HIS J 137 6.58 -28.29 -22.09
CA HIS J 137 5.72 -28.84 -21.01
C HIS J 137 4.25 -28.58 -21.35
N GLN J 138 3.34 -29.30 -20.68
CA GLN J 138 1.88 -29.27 -20.92
C GLN J 138 1.31 -27.91 -20.54
N PRO J 139 0.10 -27.55 -21.04
CA PRO J 139 -0.52 -26.27 -20.71
C PRO J 139 -0.75 -26.06 -19.21
N LEU J 140 -0.79 -24.79 -18.80
CA LEU J 140 -1.21 -24.34 -17.45
C LEU J 140 -2.60 -23.69 -17.58
N GLY J 141 -3.36 -23.63 -16.49
CA GLY J 141 -4.71 -23.04 -16.45
C GLY J 141 -5.13 -22.74 -15.02
N GLY J 142 -6.36 -22.28 -14.84
CA GLY J 142 -6.92 -21.95 -13.51
C GLY J 142 -8.26 -21.24 -13.60
N PHE J 143 -9.32 -21.92 -13.15
CA PHE J 143 -10.70 -21.36 -13.02
C PHE J 143 -11.12 -21.41 -11.56
N GLN J 144 -12.10 -20.58 -11.19
CA GLN J 144 -12.80 -20.59 -9.88
C GLN J 144 -14.27 -20.23 -10.10
N GLY J 145 -15.18 -20.91 -9.41
CA GLY J 145 -16.64 -20.73 -9.55
C GLY J 145 -17.38 -22.02 -9.25
N GLN J 146 -18.60 -22.15 -9.77
CA GLN J 146 -19.49 -23.32 -9.51
C GLN J 146 -18.85 -24.59 -10.08
N ALA J 147 -19.13 -25.73 -9.45
CA ALA J 147 -18.57 -27.06 -9.81
C ALA J 147 -18.88 -27.39 -11.27
N THR J 148 -20.09 -27.06 -11.74
CA THR J 148 -20.54 -27.25 -13.14
C THR J 148 -19.59 -26.53 -14.09
N ASP J 149 -19.24 -25.27 -13.78
CA ASP J 149 -18.37 -24.41 -14.63
C ASP J 149 -16.93 -24.93 -14.60
N ILE J 150 -16.47 -25.45 -13.45
CA ILE J 150 -15.11 -26.04 -13.27
C ILE J 150 -14.98 -27.26 -14.19
N GLU J 151 -16.03 -28.08 -14.30
CA GLU J 151 -16.06 -29.27 -15.20
C GLU J 151 -15.91 -28.83 -16.66
N ILE J 152 -16.63 -27.76 -17.06
CA ILE J 152 -16.63 -27.21 -18.45
C ILE J 152 -15.22 -26.74 -18.81
N HIS J 153 -14.58 -25.98 -17.91
CA HIS J 153 -13.22 -25.41 -18.11
C HIS J 153 -12.16 -26.51 -18.02
N ALA J 154 -12.40 -27.54 -17.19
CA ALA J 154 -11.53 -28.74 -17.07
C ALA J 154 -11.57 -29.54 -18.37
N GLN J 155 -12.75 -29.63 -19.00
CA GLN J 155 -12.94 -30.34 -20.30
C GLN J 155 -12.20 -29.58 -21.41
N GLU J 156 -12.29 -28.25 -21.39
CA GLU J 156 -11.69 -27.36 -22.44
C GLU J 156 -10.17 -27.50 -22.39
N ILE J 157 -9.55 -27.42 -21.21
CA ILE J 157 -8.07 -27.47 -21.05
C ILE J 157 -7.54 -28.81 -21.58
N LEU J 158 -8.27 -29.91 -21.36
CA LEU J 158 -7.90 -31.27 -21.84
C LEU J 158 -7.90 -31.29 -23.37
N LYS J 159 -8.94 -30.74 -24.00
CA LYS J 159 -9.09 -30.63 -25.47
C LYS J 159 -7.91 -29.83 -26.04
N VAL J 160 -7.55 -28.72 -25.40
CA VAL J 160 -6.41 -27.85 -25.83
C VAL J 160 -5.11 -28.65 -25.70
N LYS J 161 -4.94 -29.38 -24.59
CA LYS J 161 -3.72 -30.20 -24.31
C LYS J 161 -3.54 -31.26 -25.40
N SER J 162 -4.62 -31.97 -25.75
CA SER J 162 -4.64 -33.01 -26.82
C SER J 162 -4.23 -32.38 -28.16
N ARG J 163 -4.81 -31.24 -28.50
CA ARG J 163 -4.58 -30.49 -29.77
C ARG J 163 -3.11 -30.04 -29.85
N MET J 164 -2.57 -29.50 -28.76
CA MET J 164 -1.17 -28.97 -28.69
C MET J 164 -0.17 -30.12 -28.83
N ASN J 165 -0.48 -31.29 -28.28
CA ASN J 165 0.35 -32.52 -28.41
C ASN J 165 0.28 -33.03 -29.86
N GLU J 166 -0.93 -33.05 -30.45
CA GLU J 166 -1.18 -33.46 -31.86
C GLU J 166 -0.29 -32.64 -32.81
N LEU J 167 -0.25 -31.32 -32.61
CA LEU J 167 0.51 -30.38 -33.48
C LEU J 167 2.02 -30.55 -33.26
N MET J 168 2.44 -30.71 -31.99
CA MET J 168 3.87 -30.97 -31.62
C MET J 168 4.32 -32.29 -32.27
N ALA J 169 3.48 -33.33 -32.22
CA ALA J 169 3.73 -34.66 -32.83
C ALA J 169 3.95 -34.52 -34.34
N LYS J 170 3.12 -33.71 -35.00
CA LYS J 170 3.17 -33.46 -36.48
C LYS J 170 4.49 -32.79 -36.84
N HIS J 171 4.86 -31.72 -36.13
CA HIS J 171 6.02 -30.84 -36.46
C HIS J 171 7.35 -31.50 -36.07
N THR J 172 7.36 -32.37 -35.06
CA THR J 172 8.58 -33.08 -34.57
C THR J 172 8.76 -34.40 -35.32
N GLY J 173 7.67 -35.07 -35.68
CA GLY J 173 7.66 -36.39 -36.33
C GLY J 173 7.68 -37.52 -35.32
N ARG J 174 7.54 -37.20 -34.02
CA ARG J 174 7.46 -38.18 -32.91
C ARG J 174 5.98 -38.51 -32.70
N PRO J 175 5.64 -39.73 -32.20
CA PRO J 175 4.26 -40.10 -31.95
C PRO J 175 3.66 -39.29 -30.79
N ILE J 176 2.35 -39.04 -30.83
CA ILE J 176 1.60 -38.18 -29.85
C ILE J 176 1.80 -38.70 -28.43
N GLU J 177 1.83 -40.03 -28.24
CA GLU J 177 1.95 -40.69 -26.92
C GLU J 177 3.29 -40.31 -26.27
N GLU J 178 4.36 -40.20 -27.07
CA GLU J 178 5.72 -39.87 -26.58
C GLU J 178 5.79 -38.38 -26.20
N ILE J 179 5.19 -37.51 -27.02
CA ILE J 179 5.08 -36.05 -26.76
C ILE J 179 4.36 -35.85 -25.43
N ALA J 180 3.29 -36.62 -25.18
CA ALA J 180 2.45 -36.55 -23.96
C ALA J 180 3.28 -36.91 -22.72
N LYS J 181 3.97 -38.06 -22.74
CA LYS J 181 4.86 -38.54 -21.65
C LYS J 181 5.87 -37.45 -21.28
N ASP J 182 6.51 -36.87 -22.30
CA ASP J 182 7.73 -36.01 -22.17
C ASP J 182 7.35 -34.59 -21.72
N THR J 183 6.09 -34.18 -21.87
CA THR J 183 5.62 -32.80 -21.54
C THR J 183 4.72 -32.81 -20.28
N GLU J 184 4.62 -33.95 -19.58
CA GLU J 184 3.90 -34.05 -18.28
C GLU J 184 4.62 -33.17 -17.25
N ARG J 185 5.95 -33.09 -17.33
CA ARG J 185 6.78 -32.20 -16.49
C ARG J 185 7.78 -31.46 -17.40
N ASP J 186 8.41 -30.41 -16.88
CA ASP J 186 9.36 -29.54 -17.63
C ASP J 186 10.46 -30.42 -18.23
N ARG J 187 10.65 -30.35 -19.55
CA ARG J 187 11.70 -31.06 -20.31
C ARG J 187 12.59 -30.01 -20.99
N PHE J 188 13.80 -29.81 -20.46
CA PHE J 188 14.83 -28.89 -21.00
C PHE J 188 15.65 -29.63 -22.05
N LEU J 189 15.93 -28.97 -23.19
CA LEU J 189 16.77 -29.50 -24.28
C LEU J 189 17.86 -28.46 -24.63
N SER J 190 19.09 -28.91 -24.83
CA SER J 190 20.17 -28.13 -25.48
C SER J 190 19.85 -28.03 -26.99
N ALA J 191 20.62 -27.23 -27.73
CA ALA J 191 20.48 -27.07 -29.20
C ALA J 191 20.59 -28.44 -29.88
N ASP J 192 21.63 -29.22 -29.54
CA ASP J 192 21.88 -30.58 -30.10
C ASP J 192 20.67 -31.48 -29.83
N GLU J 193 20.11 -31.43 -28.61
CA GLU J 193 18.98 -32.29 -28.18
C GLU J 193 17.70 -31.87 -28.92
N ALA J 194 17.53 -30.59 -29.21
CA ALA J 194 16.37 -30.02 -29.94
C ALA J 194 16.37 -30.55 -31.39
N VAL J 195 17.55 -30.69 -32.00
CA VAL J 195 17.73 -31.29 -33.37
C VAL J 195 17.34 -32.77 -33.31
N GLU J 196 17.90 -33.51 -32.34
CA GLU J 196 17.68 -34.98 -32.16
C GLU J 196 16.21 -35.27 -31.91
N TYR J 197 15.54 -34.44 -31.10
CA TYR J 197 14.09 -34.56 -30.77
C TYR J 197 13.24 -34.24 -32.01
N GLY J 198 13.71 -33.31 -32.84
CA GLY J 198 13.04 -32.89 -34.10
C GLY J 198 12.32 -31.57 -33.96
N LEU J 199 12.58 -30.82 -32.89
CA LEU J 199 12.00 -29.47 -32.63
C LEU J 199 12.58 -28.47 -33.63
N VAL J 200 13.88 -28.58 -33.93
CA VAL J 200 14.59 -27.78 -34.98
C VAL J 200 15.32 -28.75 -35.90
N ASP J 201 15.82 -28.25 -37.04
CA ASP J 201 16.42 -29.07 -38.13
C ASP J 201 17.95 -29.03 -38.04
N LYS J 202 18.53 -27.85 -37.76
CA LYS J 202 20.00 -27.60 -37.83
C LYS J 202 20.42 -26.54 -36.80
N ILE J 203 21.72 -26.43 -36.57
CA ILE J 203 22.36 -25.43 -35.66
C ILE J 203 23.27 -24.51 -36.49
N PHE J 204 23.09 -23.21 -36.35
CA PHE J 204 23.94 -22.15 -36.97
C PHE J 204 24.94 -21.65 -35.92
N THR J 205 26.24 -21.71 -36.24
CA THR J 205 27.35 -21.23 -35.37
C THR J 205 27.95 -19.97 -35.98
N HIS J 206 28.53 -20.10 -37.18
CA HIS J 206 29.10 -19.00 -38.01
C HIS J 206 28.34 -18.95 -39.34
N ARG J 207 28.32 -17.80 -40.02
CA ARG J 207 27.55 -17.61 -41.28
C ARG J 207 28.31 -18.26 -42.44
N LEU K 17 6.98 -0.76 -29.37
CA LEU K 17 7.38 -0.09 -30.64
C LEU K 17 6.65 -0.74 -31.82
N VAL K 18 5.95 0.05 -32.62
CA VAL K 18 5.32 -0.35 -33.92
C VAL K 18 6.22 0.14 -35.05
N PRO K 19 6.77 -0.74 -35.90
CA PRO K 19 7.73 -0.34 -36.93
C PRO K 19 7.07 0.45 -38.09
N MET K 20 7.87 1.27 -38.77
CA MET K 20 7.43 2.18 -39.88
C MET K 20 7.86 1.58 -41.22
N VAL K 21 7.19 2.00 -42.31
CA VAL K 21 7.48 1.62 -43.72
C VAL K 21 7.33 2.87 -44.61
N VAL K 22 8.06 2.92 -45.74
CA VAL K 22 8.03 4.04 -46.73
C VAL K 22 7.26 3.58 -47.97
N SER K 31 5.63 8.06 -45.10
CA SER K 31 6.00 6.96 -44.17
C SER K 31 4.79 6.56 -43.31
N TYR K 32 4.52 5.26 -43.22
CA TYR K 32 3.37 4.65 -42.50
C TYR K 32 3.88 3.75 -41.37
N ASP K 33 3.12 3.61 -40.29
CA ASP K 33 3.30 2.50 -39.31
C ASP K 33 2.68 1.25 -39.94
N ILE K 34 2.95 0.08 -39.38
CA ILE K 34 2.61 -1.24 -40.00
C ILE K 34 1.09 -1.38 -40.10
N TYR K 35 0.34 -0.88 -39.10
CA TYR K 35 -1.14 -1.00 -39.01
C TYR K 35 -1.81 -0.10 -40.06
N SER K 36 -1.26 1.11 -40.26
CA SER K 36 -1.68 2.07 -41.31
C SER K 36 -1.39 1.49 -42.71
N ARG K 37 -0.29 0.75 -42.85
CA ARG K 37 0.14 0.14 -44.13
C ARG K 37 -0.80 -1.01 -44.49
N LEU K 38 -1.22 -1.81 -43.50
CA LEU K 38 -2.17 -2.94 -43.69
C LEU K 38 -3.60 -2.41 -43.87
N LEU K 39 -3.87 -1.17 -43.44
CA LEU K 39 -5.19 -0.51 -43.62
C LEU K 39 -5.39 -0.16 -45.10
N LYS K 40 -4.31 0.03 -45.85
CA LYS K 40 -4.34 0.22 -47.33
C LYS K 40 -4.71 -1.10 -48.01
N GLU K 41 -4.45 -2.24 -47.36
CA GLU K 41 -4.91 -3.59 -47.81
C GLU K 41 -6.30 -3.89 -47.23
N ARG K 42 -6.96 -2.87 -46.63
CA ARG K 42 -8.33 -2.93 -46.08
C ARG K 42 -8.42 -3.99 -44.97
N ILE K 43 -7.38 -4.07 -44.13
CA ILE K 43 -7.30 -5.01 -42.97
C ILE K 43 -7.39 -4.20 -41.67
N ILE K 44 -8.35 -4.54 -40.81
CA ILE K 44 -8.52 -3.97 -39.44
C ILE K 44 -8.29 -5.09 -38.42
N PHE K 45 -7.65 -4.78 -37.29
CA PHE K 45 -7.37 -5.72 -36.18
C PHE K 45 -8.22 -5.35 -34.96
N LEU K 46 -8.97 -6.32 -34.44
CA LEU K 46 -9.68 -6.27 -33.13
C LEU K 46 -8.94 -7.20 -32.17
N THR K 47 -8.15 -6.63 -31.25
CA THR K 47 -7.19 -7.35 -30.38
C THR K 47 -7.43 -6.98 -28.91
N GLY K 48 -7.49 -7.99 -28.04
CA GLY K 48 -7.60 -7.82 -26.57
C GLY K 48 -9.02 -7.51 -26.13
N GLN K 49 -9.18 -7.04 -24.89
CA GLN K 49 -10.48 -6.74 -24.25
C GLN K 49 -11.22 -5.63 -25.03
N VAL K 50 -12.52 -5.83 -25.27
CA VAL K 50 -13.42 -4.86 -25.95
C VAL K 50 -13.84 -3.80 -24.93
N GLU K 51 -13.36 -2.56 -25.12
CA GLU K 51 -13.75 -1.38 -24.31
C GLU K 51 -13.90 -0.18 -25.26
N ASP K 52 -14.46 0.94 -24.76
CA ASP K 52 -14.98 2.08 -25.57
C ASP K 52 -13.93 2.56 -26.58
N HIS K 53 -12.69 2.76 -26.14
CA HIS K 53 -11.63 3.49 -26.90
C HIS K 53 -11.09 2.62 -28.06
N MET K 54 -10.73 1.36 -27.79
CA MET K 54 -10.24 0.42 -28.84
C MET K 54 -11.36 0.12 -29.84
N ALA K 55 -12.61 0.05 -29.35
CA ALA K 55 -13.82 -0.24 -30.16
C ALA K 55 -14.10 0.96 -31.08
N ASN K 56 -13.97 2.17 -30.56
CA ASN K 56 -14.11 3.44 -31.33
C ASN K 56 -13.11 3.44 -32.47
N LEU K 57 -11.88 3.01 -32.20
CA LEU K 57 -10.75 2.99 -33.18
C LEU K 57 -11.09 2.04 -34.34
N VAL K 58 -11.70 0.90 -34.06
CA VAL K 58 -12.16 -0.11 -35.06
C VAL K 58 -13.21 0.53 -35.98
N ALA K 59 -14.22 1.17 -35.38
CA ALA K 59 -15.38 1.77 -36.09
C ALA K 59 -14.92 2.96 -36.95
N ALA K 60 -13.94 3.73 -36.46
CA ALA K 60 -13.30 4.86 -37.18
C ALA K 60 -12.66 4.33 -38.46
N GLN K 61 -11.82 3.29 -38.34
CA GLN K 61 -11.16 2.60 -39.47
C GLN K 61 -12.21 2.12 -40.48
N MET K 62 -13.35 1.62 -40.01
CA MET K 62 -14.45 1.09 -40.86
C MET K 62 -15.10 2.23 -41.66
N LEU K 63 -15.30 3.39 -41.03
CA LEU K 63 -15.85 4.61 -41.71
C LEU K 63 -14.85 5.13 -42.73
N PHE K 64 -13.55 5.11 -42.39
CA PHE K 64 -12.44 5.58 -43.26
C PHE K 64 -12.38 4.73 -44.52
N LEU K 65 -12.38 3.39 -44.37
CA LEU K 65 -12.24 2.43 -45.50
C LEU K 65 -13.47 2.52 -46.42
N GLU K 66 -14.65 2.79 -45.86
CA GLU K 66 -15.92 2.97 -46.62
C GLU K 66 -15.78 4.19 -47.55
N ALA K 67 -15.34 5.33 -46.99
CA ALA K 67 -15.11 6.59 -47.71
C ALA K 67 -14.08 6.38 -48.83
N GLU K 68 -13.01 5.63 -48.55
CA GLU K 68 -11.91 5.34 -49.50
C GLU K 68 -12.44 4.55 -50.70
N ASN K 69 -13.25 3.52 -50.45
CA ASN K 69 -13.91 2.70 -51.50
C ASN K 69 -15.10 1.95 -50.89
N PRO K 70 -16.35 2.36 -51.16
CA PRO K 70 -17.53 1.77 -50.51
C PRO K 70 -18.05 0.46 -51.13
N GLU K 71 -17.29 -0.15 -52.05
CA GLU K 71 -17.69 -1.40 -52.76
C GLU K 71 -16.75 -2.56 -52.40
N LYS K 72 -15.47 -2.30 -52.14
CA LYS K 72 -14.45 -3.33 -51.81
C LYS K 72 -14.68 -3.85 -50.38
N ASP K 73 -14.45 -5.15 -50.18
CA ASP K 73 -14.62 -5.86 -48.87
C ASP K 73 -13.62 -5.29 -47.85
N ILE K 74 -14.02 -5.34 -46.57
CA ILE K 74 -13.14 -5.04 -45.40
C ILE K 74 -12.85 -6.36 -44.68
N PHE K 75 -11.63 -6.53 -44.18
CA PHE K 75 -11.16 -7.74 -43.46
C PHE K 75 -10.88 -7.37 -41.99
N LEU K 76 -11.69 -7.90 -41.08
CA LEU K 76 -11.56 -7.68 -39.61
C LEU K 76 -11.00 -8.94 -38.96
N TYR K 77 -9.72 -8.90 -38.57
CA TYR K 77 -9.04 -10.00 -37.82
C TYR K 77 -9.35 -9.86 -36.33
N ILE K 78 -10.07 -10.85 -35.76
CA ILE K 78 -10.56 -10.84 -34.36
C ILE K 78 -9.71 -11.79 -33.51
N ASN K 79 -9.06 -11.26 -32.46
CA ASN K 79 -8.43 -12.04 -31.38
C ASN K 79 -8.80 -11.37 -30.04
N SER K 80 -9.94 -11.78 -29.45
CA SER K 80 -10.56 -11.10 -28.29
C SER K 80 -11.23 -12.10 -27.35
N PRO K 81 -11.06 -11.94 -26.01
CA PRO K 81 -11.83 -12.70 -25.03
C PRO K 81 -13.20 -12.06 -24.71
N GLY K 82 -13.51 -10.94 -25.37
CA GLY K 82 -14.75 -10.17 -25.16
C GLY K 82 -14.49 -8.89 -24.39
N GLY K 83 -15.52 -8.37 -23.71
CA GLY K 83 -15.44 -7.12 -22.92
C GLY K 83 -16.80 -6.46 -22.77
N VAL K 84 -16.86 -5.14 -22.92
CA VAL K 84 -18.09 -4.32 -22.71
C VAL K 84 -19.00 -4.50 -23.93
N ILE K 85 -20.27 -4.83 -23.69
CA ILE K 85 -21.28 -5.15 -24.74
C ILE K 85 -21.55 -3.88 -25.57
N THR K 86 -21.86 -2.76 -24.92
CA THR K 86 -22.18 -1.47 -25.57
C THR K 86 -21.02 -1.08 -26.51
N ALA K 87 -19.77 -1.20 -26.04
CA ALA K 87 -18.55 -0.91 -26.82
C ALA K 87 -18.51 -1.79 -28.07
N GLY K 88 -18.82 -3.08 -27.92
CA GLY K 88 -18.89 -4.07 -29.01
C GLY K 88 -20.02 -3.77 -29.98
N MET K 89 -21.17 -3.33 -29.47
CA MET K 89 -22.37 -3.01 -30.31
C MET K 89 -22.08 -1.74 -31.16
N SER K 90 -21.16 -0.89 -30.72
CA SER K 90 -20.68 0.29 -31.50
C SER K 90 -19.98 -0.21 -32.78
N ILE K 91 -19.26 -1.33 -32.70
CA ILE K 91 -18.57 -1.97 -33.86
C ILE K 91 -19.63 -2.69 -34.72
N TYR K 92 -20.51 -3.48 -34.09
CA TYR K 92 -21.57 -4.29 -34.75
C TYR K 92 -22.44 -3.37 -35.63
N ASP K 93 -22.95 -2.28 -35.06
CA ASP K 93 -23.88 -1.34 -35.74
C ASP K 93 -23.13 -0.59 -36.86
N THR K 94 -21.83 -0.34 -36.69
CA THR K 94 -20.96 0.29 -37.73
C THR K 94 -20.75 -0.70 -38.87
N MET K 95 -20.53 -1.99 -38.56
CA MET K 95 -20.34 -3.08 -39.56
C MET K 95 -21.56 -3.15 -40.49
N GLN K 96 -22.77 -3.24 -39.91
CA GLN K 96 -24.04 -3.38 -40.67
C GLN K 96 -24.30 -2.12 -41.49
N PHE K 97 -24.00 -0.95 -40.93
CA PHE K 97 -24.35 0.38 -41.52
C PHE K 97 -23.55 0.64 -42.79
N ILE K 98 -22.23 0.46 -42.73
CA ILE K 98 -21.31 0.75 -43.88
C ILE K 98 -21.66 -0.18 -45.05
N LYS K 99 -21.55 0.33 -46.27
CA LYS K 99 -21.93 -0.38 -47.53
C LYS K 99 -21.03 -1.61 -47.72
N PRO K 100 -19.69 -1.50 -47.56
CA PRO K 100 -18.80 -2.64 -47.77
C PRO K 100 -19.12 -3.85 -46.87
N ASP K 101 -19.04 -5.06 -47.45
CA ASP K 101 -19.07 -6.34 -46.70
C ASP K 101 -17.86 -6.39 -45.76
N VAL K 102 -18.10 -6.74 -44.50
CA VAL K 102 -17.04 -6.94 -43.46
C VAL K 102 -16.83 -8.45 -43.30
N SER K 103 -15.71 -8.95 -43.81
CA SER K 103 -15.24 -10.35 -43.63
C SER K 103 -14.51 -10.46 -42.29
N THR K 104 -14.98 -11.34 -41.40
CA THR K 104 -14.41 -11.57 -40.04
C THR K 104 -13.56 -12.84 -40.05
N ILE K 105 -12.27 -12.71 -39.67
CA ILE K 105 -11.30 -13.84 -39.54
C ILE K 105 -10.91 -13.98 -38.06
N CYS K 106 -11.15 -15.14 -37.47
CA CYS K 106 -10.81 -15.46 -36.05
C CYS K 106 -9.35 -15.90 -35.96
N MET K 107 -8.50 -15.07 -35.34
CA MET K 107 -7.11 -15.39 -34.92
C MET K 107 -7.12 -15.80 -33.44
N GLY K 108 -6.40 -16.87 -33.09
CA GLY K 108 -6.18 -17.28 -31.68
C GLY K 108 -7.49 -17.68 -31.00
N GLN K 109 -8.37 -16.71 -30.70
CA GLN K 109 -9.70 -16.97 -30.10
C GLN K 109 -10.68 -15.82 -30.40
N ALA K 110 -11.96 -16.12 -30.24
CA ALA K 110 -13.09 -15.16 -30.31
C ALA K 110 -14.13 -15.62 -29.28
N CYS K 111 -14.14 -15.03 -28.10
CA CYS K 111 -15.09 -15.46 -27.05
C CYS K 111 -15.96 -14.30 -26.59
N SER K 112 -17.13 -14.61 -26.04
CA SER K 112 -18.07 -13.63 -25.52
C SER K 112 -18.46 -12.69 -26.63
N MET K 113 -18.20 -11.39 -26.45
CA MET K 113 -18.48 -10.33 -27.45
C MET K 113 -17.61 -10.56 -28.70
N GLY K 114 -16.41 -11.11 -28.55
CA GLY K 114 -15.53 -11.41 -29.69
C GLY K 114 -16.20 -12.40 -30.63
N ALA K 115 -16.86 -13.41 -30.08
CA ALA K 115 -17.60 -14.43 -30.87
C ALA K 115 -18.80 -13.78 -31.59
N PHE K 116 -19.47 -12.86 -30.92
CA PHE K 116 -20.66 -12.13 -31.41
C PHE K 116 -20.28 -11.32 -32.67
N LEU K 117 -19.16 -10.60 -32.61
CA LEU K 117 -18.65 -9.75 -33.73
C LEU K 117 -18.10 -10.65 -34.85
N LEU K 118 -17.62 -11.85 -34.53
CA LEU K 118 -17.17 -12.85 -35.53
C LEU K 118 -18.36 -13.32 -36.37
N THR K 119 -19.46 -13.72 -35.69
CA THR K 119 -20.68 -14.26 -36.34
C THR K 119 -21.47 -13.15 -37.01
N ALA K 120 -21.16 -11.88 -36.71
CA ALA K 120 -21.84 -10.67 -37.26
C ALA K 120 -21.32 -10.35 -38.68
N GLY K 121 -20.21 -10.96 -39.09
CA GLY K 121 -19.59 -10.74 -40.41
C GLY K 121 -20.54 -11.08 -41.55
N ALA K 122 -20.29 -10.55 -42.75
CA ALA K 122 -21.08 -10.78 -43.98
C ALA K 122 -21.13 -12.30 -44.24
N LYS K 123 -22.33 -12.84 -44.51
CA LYS K 123 -22.56 -14.30 -44.70
C LYS K 123 -21.71 -14.79 -45.88
N GLY K 124 -21.01 -15.91 -45.68
CA GLY K 124 -20.08 -16.51 -46.67
C GLY K 124 -18.67 -15.97 -46.54
N LYS K 125 -18.44 -15.02 -45.62
CA LYS K 125 -17.13 -14.34 -45.41
C LYS K 125 -16.76 -14.31 -43.92
N ARG K 126 -17.37 -15.19 -43.10
CA ARG K 126 -17.00 -15.39 -41.67
C ARG K 126 -16.08 -16.61 -41.58
N ILE K 127 -14.83 -16.39 -41.21
CA ILE K 127 -13.72 -17.39 -41.33
C ILE K 127 -13.13 -17.66 -39.95
N CYS K 128 -12.86 -18.94 -39.64
CA CYS K 128 -11.98 -19.40 -38.55
C CYS K 128 -10.67 -19.94 -39.16
N LEU K 129 -9.54 -19.66 -38.53
CA LEU K 129 -8.25 -20.36 -38.81
C LEU K 129 -8.28 -21.68 -38.04
N PRO K 130 -7.50 -22.70 -38.46
CA PRO K 130 -7.72 -24.08 -38.00
C PRO K 130 -7.74 -24.25 -36.47
N ASN K 131 -6.79 -23.61 -35.78
CA ASN K 131 -6.54 -23.82 -34.32
C ASN K 131 -7.05 -22.60 -33.53
N SER K 132 -7.89 -21.76 -34.14
CA SER K 132 -8.63 -20.67 -33.46
C SER K 132 -9.73 -21.30 -32.61
N ARG K 133 -10.02 -20.70 -31.44
CA ARG K 133 -11.06 -21.15 -30.49
C ARG K 133 -12.21 -20.15 -30.51
N VAL K 134 -13.45 -20.65 -30.40
CA VAL K 134 -14.68 -19.81 -30.27
C VAL K 134 -15.40 -20.22 -28.98
N MET K 135 -15.88 -19.25 -28.19
CA MET K 135 -16.65 -19.49 -26.94
C MET K 135 -17.79 -18.48 -26.84
N ILE K 136 -18.98 -18.96 -26.44
CA ILE K 136 -20.22 -18.14 -26.29
C ILE K 136 -20.79 -18.38 -24.89
N HIS K 137 -21.35 -17.35 -24.26
CA HIS K 137 -22.10 -17.42 -22.98
C HIS K 137 -22.90 -16.14 -22.77
N GLN K 138 -23.88 -16.18 -21.86
CA GLN K 138 -24.84 -15.09 -21.58
C GLN K 138 -24.10 -13.87 -21.02
N PRO K 139 -24.71 -12.66 -21.04
CA PRO K 139 -24.09 -11.47 -20.46
C PRO K 139 -23.79 -11.59 -18.96
N LEU K 140 -22.77 -10.85 -18.50
CA LEU K 140 -22.49 -10.58 -17.07
C LEU K 140 -23.00 -9.17 -16.74
N GLY K 141 -23.34 -8.93 -15.47
CA GLY K 141 -23.77 -7.61 -14.98
C GLY K 141 -23.46 -7.46 -13.50
N GLY K 142 -23.94 -6.37 -12.90
CA GLY K 142 -23.77 -6.10 -11.46
C GLY K 142 -24.18 -4.69 -11.10
N PHE K 143 -25.21 -4.56 -10.26
CA PHE K 143 -25.66 -3.28 -9.65
C PHE K 143 -25.74 -3.45 -8.13
N GLN K 144 -25.53 -2.36 -7.40
CA GLN K 144 -25.80 -2.24 -5.94
C GLN K 144 -26.55 -0.93 -5.67
N GLY K 145 -27.43 -0.92 -4.67
CA GLY K 145 -28.25 0.23 -4.28
C GLY K 145 -29.64 -0.17 -3.82
N GLN K 146 -30.58 0.75 -3.86
CA GLN K 146 -31.98 0.53 -3.39
C GLN K 146 -32.64 -0.57 -4.23
N ALA K 147 -33.55 -1.32 -3.61
CA ALA K 147 -34.27 -2.48 -4.19
C ALA K 147 -35.03 -2.07 -5.46
N THR K 148 -35.52 -0.83 -5.52
CA THR K 148 -36.22 -0.24 -6.69
C THR K 148 -35.24 -0.14 -7.87
N ASP K 149 -34.04 0.38 -7.63
CA ASP K 149 -32.98 0.56 -8.66
C ASP K 149 -32.50 -0.81 -9.14
N ILE K 150 -32.35 -1.77 -8.23
CA ILE K 150 -31.92 -3.18 -8.52
C ILE K 150 -32.90 -3.80 -9.52
N GLU K 151 -34.20 -3.53 -9.33
CA GLU K 151 -35.29 -4.06 -10.21
C GLU K 151 -35.14 -3.48 -11.62
N ILE K 152 -34.88 -2.17 -11.72
CA ILE K 152 -34.75 -1.44 -13.02
C ILE K 152 -33.54 -2.00 -13.80
N HIS K 153 -32.41 -2.23 -13.11
CA HIS K 153 -31.15 -2.70 -13.74
C HIS K 153 -31.24 -4.18 -14.12
N ALA K 154 -31.93 -4.98 -13.31
CA ALA K 154 -32.18 -6.42 -13.56
C ALA K 154 -33.01 -6.59 -14.85
N GLN K 155 -34.10 -5.82 -14.98
CA GLN K 155 -34.98 -5.77 -16.18
C GLN K 155 -34.13 -5.43 -17.42
N GLU K 156 -33.33 -4.37 -17.33
CA GLU K 156 -32.48 -3.87 -18.45
C GLU K 156 -31.53 -4.97 -18.91
N ILE K 157 -30.96 -5.75 -17.97
CA ILE K 157 -30.00 -6.86 -18.26
C ILE K 157 -30.73 -8.00 -18.98
N LEU K 158 -31.97 -8.30 -18.61
CA LEU K 158 -32.83 -9.33 -19.25
C LEU K 158 -33.17 -8.92 -20.69
N LYS K 159 -33.49 -7.64 -20.92
CA LYS K 159 -33.84 -7.11 -22.26
C LYS K 159 -32.63 -7.23 -23.19
N VAL K 160 -31.45 -6.82 -22.71
CA VAL K 160 -30.16 -6.93 -23.45
C VAL K 160 -29.88 -8.42 -23.76
N LYS K 161 -30.02 -9.29 -22.76
CA LYS K 161 -29.79 -10.76 -22.91
C LYS K 161 -30.67 -11.32 -24.02
N SER K 162 -31.97 -10.95 -24.04
CA SER K 162 -32.95 -11.34 -25.08
C SER K 162 -32.49 -10.86 -26.45
N ARG K 163 -32.15 -9.57 -26.55
CA ARG K 163 -31.73 -8.88 -27.81
C ARG K 163 -30.49 -9.57 -28.39
N MET K 164 -29.49 -9.87 -27.55
CA MET K 164 -28.21 -10.50 -27.96
C MET K 164 -28.49 -11.92 -28.49
N ASN K 165 -29.38 -12.67 -27.81
CA ASN K 165 -29.79 -14.05 -28.19
C ASN K 165 -30.52 -14.03 -29.55
N GLU K 166 -31.38 -13.02 -29.77
CA GLU K 166 -32.11 -12.81 -31.06
C GLU K 166 -31.08 -12.61 -32.19
N LEU K 167 -30.11 -11.72 -31.99
CA LEU K 167 -29.10 -11.35 -33.01
C LEU K 167 -28.18 -12.56 -33.30
N MET K 168 -27.83 -13.31 -32.25
CA MET K 168 -27.03 -14.57 -32.37
C MET K 168 -27.81 -15.60 -33.20
N ALA K 169 -29.12 -15.73 -32.93
CA ALA K 169 -30.05 -16.63 -33.64
C ALA K 169 -30.16 -16.23 -35.12
N LYS K 170 -30.26 -14.94 -35.39
CA LYS K 170 -30.37 -14.36 -36.77
C LYS K 170 -29.12 -14.70 -37.59
N HIS K 171 -27.93 -14.55 -37.00
CA HIS K 171 -26.61 -14.64 -37.68
C HIS K 171 -26.18 -16.11 -37.84
N THR K 172 -26.59 -16.99 -36.90
CA THR K 172 -26.23 -18.44 -36.90
C THR K 172 -27.29 -19.25 -37.67
N GLY K 173 -28.54 -18.80 -37.68
CA GLY K 173 -29.68 -19.51 -38.29
C GLY K 173 -30.24 -20.59 -37.38
N ARG K 174 -29.84 -20.59 -36.10
CA ARG K 174 -30.35 -21.51 -35.05
C ARG K 174 -31.47 -20.81 -34.29
N PRO K 175 -32.52 -21.54 -33.84
CA PRO K 175 -33.64 -20.91 -33.15
C PRO K 175 -33.21 -20.34 -31.79
N ILE K 176 -33.82 -19.21 -31.39
CA ILE K 176 -33.45 -18.40 -30.19
C ILE K 176 -33.45 -19.30 -28.94
N GLU K 177 -34.38 -20.25 -28.85
CA GLU K 177 -34.54 -21.17 -27.70
C GLU K 177 -33.28 -22.01 -27.52
N GLU K 178 -32.63 -22.40 -28.63
CA GLU K 178 -31.40 -23.23 -28.64
C GLU K 178 -30.20 -22.37 -28.22
N ILE K 179 -30.09 -21.14 -28.74
CA ILE K 179 -29.01 -20.17 -28.41
C ILE K 179 -29.05 -19.89 -26.91
N ALA K 180 -30.25 -19.73 -26.34
CA ALA K 180 -30.48 -19.45 -24.90
C ALA K 180 -29.97 -20.63 -24.06
N LYS K 181 -30.43 -21.85 -24.36
CA LYS K 181 -30.00 -23.11 -23.68
C LYS K 181 -28.47 -23.21 -23.70
N ASP K 182 -27.85 -22.99 -24.87
CA ASP K 182 -26.42 -23.28 -25.15
C ASP K 182 -25.50 -22.21 -24.55
N THR K 183 -26.02 -21.02 -24.20
CA THR K 183 -25.23 -19.89 -23.67
C THR K 183 -25.51 -19.67 -22.17
N GLU K 184 -26.40 -20.47 -21.56
CA GLU K 184 -26.68 -20.42 -20.10
C GLU K 184 -25.36 -20.58 -19.32
N ARG K 185 -24.46 -21.43 -19.83
CA ARG K 185 -23.09 -21.60 -19.30
C ARG K 185 -22.08 -21.53 -20.45
N ASP K 186 -20.79 -21.45 -20.14
CA ASP K 186 -19.69 -21.33 -21.13
C ASP K 186 -19.78 -22.54 -22.08
N ARG K 187 -19.77 -22.26 -23.39
CA ARG K 187 -19.82 -23.27 -24.47
C ARG K 187 -18.62 -23.02 -25.41
N PHE K 188 -17.62 -23.91 -25.37
CA PHE K 188 -16.37 -23.83 -26.18
C PHE K 188 -16.53 -24.65 -27.46
N LEU K 189 -16.23 -24.04 -28.60
CA LEU K 189 -16.29 -24.67 -29.95
C LEU K 189 -14.92 -24.58 -30.63
N SER K 190 -14.51 -25.66 -31.29
CA SER K 190 -13.36 -25.69 -32.23
C SER K 190 -13.78 -25.01 -33.54
N ALA K 191 -12.82 -24.77 -34.44
CA ALA K 191 -13.04 -24.22 -35.80
C ALA K 191 -14.14 -25.02 -36.51
N ASP K 192 -14.03 -26.35 -36.48
CA ASP K 192 -14.99 -27.29 -37.13
C ASP K 192 -16.38 -27.15 -36.47
N GLU K 193 -16.43 -27.12 -35.14
CA GLU K 193 -17.70 -27.00 -34.36
C GLU K 193 -18.35 -25.64 -34.63
N ALA K 194 -17.56 -24.59 -34.85
CA ALA K 194 -18.03 -23.22 -35.15
C ALA K 194 -18.70 -23.18 -36.52
N VAL K 195 -18.19 -23.95 -37.49
CA VAL K 195 -18.78 -24.09 -38.86
C VAL K 195 -20.12 -24.82 -38.75
N GLU K 196 -20.15 -25.94 -38.02
CA GLU K 196 -21.35 -26.80 -37.83
C GLU K 196 -22.47 -25.99 -37.14
N TYR K 197 -22.11 -25.18 -36.13
CA TYR K 197 -23.04 -24.37 -35.31
C TYR K 197 -23.58 -23.19 -36.14
N GLY K 198 -22.79 -22.72 -37.12
CA GLY K 198 -23.16 -21.62 -38.04
C GLY K 198 -22.64 -20.28 -37.56
N LEU K 199 -21.68 -20.27 -36.63
CA LEU K 199 -21.01 -19.04 -36.13
C LEU K 199 -20.07 -18.49 -37.22
N VAL K 200 -19.37 -19.38 -37.92
CA VAL K 200 -18.53 -19.04 -39.11
C VAL K 200 -18.98 -19.92 -40.28
N ASP K 201 -18.52 -19.61 -41.49
CA ASP K 201 -18.96 -20.25 -42.76
C ASP K 201 -17.96 -21.32 -43.18
N LYS K 202 -16.66 -21.03 -43.07
CA LYS K 202 -15.56 -21.86 -43.65
C LYS K 202 -14.31 -21.74 -42.79
N ILE K 203 -13.32 -22.62 -43.03
CA ILE K 203 -11.98 -22.62 -42.38
C ILE K 203 -10.92 -22.34 -43.45
N PHE K 204 -9.99 -21.43 -43.18
CA PHE K 204 -8.81 -21.10 -44.04
C PHE K 204 -7.56 -21.70 -43.39
N THR K 205 -6.84 -22.58 -44.10
CA THR K 205 -5.60 -23.24 -43.63
C THR K 205 -4.39 -22.60 -44.32
N HIS K 206 -4.28 -22.77 -45.64
CA HIS K 206 -3.23 -22.17 -46.52
C HIS K 206 -3.92 -21.25 -47.54
N ARG K 207 -3.24 -20.19 -47.97
CA ARG K 207 -3.74 -19.26 -49.02
C ARG K 207 -3.79 -20.01 -50.35
N ALA L 16 -0.91 7.70 -30.39
CA ALA L 16 -1.79 7.93 -31.57
C ALA L 16 -1.83 6.67 -32.44
N LEU L 17 -3.02 6.26 -32.88
CA LEU L 17 -3.31 4.91 -33.41
C LEU L 17 -3.74 4.98 -34.89
N VAL L 18 -3.08 4.18 -35.74
CA VAL L 18 -3.15 4.22 -37.23
C VAL L 18 -2.55 5.54 -37.73
N PRO L 19 -1.30 5.88 -37.35
CA PRO L 19 -0.65 7.10 -37.83
C PRO L 19 0.10 7.00 -39.17
N MET L 20 0.21 8.14 -39.86
CA MET L 20 1.19 8.41 -40.95
C MET L 20 1.76 9.83 -40.73
N VAL L 21 2.77 10.24 -41.50
CA VAL L 21 3.40 11.59 -41.42
C VAL L 21 3.87 12.00 -42.82
N SER L 31 1.66 13.18 -35.38
CA SER L 31 1.42 12.14 -36.41
C SER L 31 -0.06 12.08 -36.78
N TYR L 32 -0.37 11.89 -38.07
CA TYR L 32 -1.72 11.97 -38.67
C TYR L 32 -2.44 10.63 -38.48
N ASP L 33 -3.28 10.54 -37.44
CA ASP L 33 -3.99 9.30 -37.03
C ASP L 33 -5.35 9.21 -37.75
N ILE L 34 -6.13 8.18 -37.45
CA ILE L 34 -7.47 7.90 -38.04
C ILE L 34 -8.44 9.03 -37.68
N TYR L 35 -8.32 9.61 -36.49
CA TYR L 35 -9.23 10.67 -35.96
C TYR L 35 -8.95 11.99 -36.68
N SER L 36 -7.68 12.32 -36.93
CA SER L 36 -7.25 13.50 -37.72
C SER L 36 -7.80 13.42 -39.15
N ARG L 37 -7.86 12.20 -39.71
CA ARG L 37 -8.32 11.95 -41.09
C ARG L 37 -9.84 12.15 -41.17
N LEU L 38 -10.60 11.63 -40.21
CA LEU L 38 -12.08 11.73 -40.15
C LEU L 38 -12.51 13.14 -39.74
N LEU L 39 -11.62 13.92 -39.12
CA LEU L 39 -11.87 15.35 -38.79
C LEU L 39 -11.97 16.16 -40.08
N LYS L 40 -11.24 15.75 -41.13
CA LYS L 40 -11.28 16.37 -42.48
C LYS L 40 -12.66 16.16 -43.12
N GLU L 41 -13.37 15.10 -42.71
CA GLU L 41 -14.77 14.80 -43.13
C GLU L 41 -15.77 15.44 -42.15
N ARG L 42 -15.29 16.31 -41.25
CA ARG L 42 -16.08 17.03 -40.21
C ARG L 42 -16.73 16.04 -39.25
N ILE L 43 -16.00 14.98 -38.86
CA ILE L 43 -16.45 13.97 -37.86
C ILE L 43 -15.66 14.17 -36.57
N ILE L 44 -16.37 14.31 -35.44
CA ILE L 44 -15.79 14.43 -34.07
C ILE L 44 -16.33 13.26 -33.23
N PHE L 45 -15.47 12.64 -32.43
CA PHE L 45 -15.82 11.50 -31.54
C PHE L 45 -15.82 11.99 -30.09
N LEU L 46 -16.94 11.77 -29.40
CA LEU L 46 -17.07 11.92 -27.94
C LEU L 46 -17.17 10.51 -27.33
N THR L 47 -16.08 10.03 -26.75
CA THR L 47 -15.91 8.62 -26.31
C THR L 47 -15.56 8.58 -24.82
N GLY L 48 -16.26 7.75 -24.05
CA GLY L 48 -15.97 7.49 -22.62
C GLY L 48 -16.49 8.60 -21.74
N GLN L 49 -15.96 8.67 -20.50
CA GLN L 49 -16.46 9.55 -19.42
C GLN L 49 -16.25 11.01 -19.80
N VAL L 50 -17.26 11.85 -19.58
CA VAL L 50 -17.24 13.31 -19.86
C VAL L 50 -16.55 14.03 -18.69
N GLU L 51 -15.40 14.65 -18.95
CA GLU L 51 -14.64 15.48 -17.98
C GLU L 51 -13.95 16.62 -18.74
N ASP L 52 -13.36 17.57 -18.01
CA ASP L 52 -12.91 18.90 -18.51
C ASP L 52 -12.04 18.76 -19.76
N HIS L 53 -11.02 17.89 -19.72
CA HIS L 53 -9.93 17.82 -20.72
C HIS L 53 -10.41 17.21 -22.04
N MET L 54 -11.19 16.13 -21.99
CA MET L 54 -11.77 15.48 -23.22
C MET L 54 -12.86 16.40 -23.80
N ALA L 55 -13.64 17.06 -22.94
CA ALA L 55 -14.74 17.98 -23.32
C ALA L 55 -14.16 19.21 -24.03
N ASN L 56 -13.06 19.75 -23.52
CA ASN L 56 -12.31 20.88 -24.14
C ASN L 56 -11.85 20.49 -25.55
N LEU L 57 -11.43 19.24 -25.73
CA LEU L 57 -10.92 18.69 -27.02
C LEU L 57 -12.07 18.67 -28.05
N VAL L 58 -13.26 18.25 -27.63
CA VAL L 58 -14.49 18.19 -28.48
C VAL L 58 -14.87 19.62 -28.90
N ALA L 59 -14.90 20.56 -27.95
CA ALA L 59 -15.24 21.98 -28.18
C ALA L 59 -14.21 22.62 -29.13
N ALA L 60 -12.93 22.31 -28.94
CA ALA L 60 -11.79 22.80 -29.76
C ALA L 60 -11.98 22.36 -31.21
N GLN L 61 -12.34 21.09 -31.42
CA GLN L 61 -12.61 20.51 -32.77
C GLN L 61 -13.80 21.23 -33.40
N MET L 62 -14.83 21.55 -32.62
CA MET L 62 -16.07 22.22 -33.09
C MET L 62 -15.75 23.65 -33.55
N LEU L 63 -14.93 24.38 -32.78
CA LEU L 63 -14.51 25.77 -33.11
C LEU L 63 -13.64 25.77 -34.38
N PHE L 64 -12.74 24.79 -34.51
CA PHE L 64 -11.84 24.63 -35.69
C PHE L 64 -12.67 24.39 -36.96
N LEU L 65 -13.63 23.44 -36.90
CA LEU L 65 -14.47 23.03 -38.06
C LEU L 65 -15.37 24.19 -38.51
N GLU L 66 -15.80 25.05 -37.57
CA GLU L 66 -16.60 26.26 -37.88
C GLU L 66 -15.72 27.25 -38.66
N ALA L 67 -14.51 27.52 -38.17
CA ALA L 67 -13.53 28.46 -38.78
C ALA L 67 -13.19 28.00 -40.21
N GLU L 68 -13.10 26.69 -40.44
CA GLU L 68 -12.82 26.08 -41.76
C GLU L 68 -14.01 26.29 -42.70
N ASN L 69 -15.24 26.10 -42.21
CA ASN L 69 -16.49 26.24 -43.01
C ASN L 69 -17.68 26.35 -42.06
N PRO L 70 -18.21 27.57 -41.81
CA PRO L 70 -19.29 27.75 -40.83
C PRO L 70 -20.70 27.38 -41.34
N GLU L 71 -20.81 26.79 -42.54
CA GLU L 71 -22.10 26.48 -43.20
C GLU L 71 -22.33 24.96 -43.28
N LYS L 72 -21.27 24.17 -43.48
CA LYS L 72 -21.36 22.69 -43.55
C LYS L 72 -21.65 22.12 -42.16
N ASP L 73 -22.41 21.02 -42.10
CA ASP L 73 -22.78 20.31 -40.85
C ASP L 73 -21.53 19.73 -40.18
N ILE L 74 -21.62 19.47 -38.86
CA ILE L 74 -20.61 18.73 -38.06
C ILE L 74 -21.28 17.46 -37.51
N PHE L 75 -20.60 16.31 -37.61
CA PHE L 75 -21.11 14.99 -37.16
C PHE L 75 -20.40 14.60 -35.85
N LEU L 76 -21.16 14.63 -34.74
CA LEU L 76 -20.68 14.24 -33.38
C LEU L 76 -21.14 12.82 -33.07
N TYR L 77 -20.22 11.85 -33.16
CA TYR L 77 -20.45 10.45 -32.72
C TYR L 77 -20.31 10.39 -31.20
N ILE L 78 -21.35 9.90 -30.51
CA ILE L 78 -21.42 9.85 -29.01
C ILE L 78 -21.49 8.40 -28.57
N ASN L 79 -20.46 7.95 -27.84
CA ASN L 79 -20.43 6.66 -27.10
C ASN L 79 -19.90 6.95 -25.68
N SER L 80 -20.80 7.32 -24.76
CA SER L 80 -20.45 7.85 -23.41
C SER L 80 -21.45 7.39 -22.36
N PRO L 81 -20.99 6.96 -21.17
CA PRO L 81 -21.87 6.69 -20.03
C PRO L 81 -22.22 7.96 -19.23
N GLY L 82 -21.58 9.09 -19.58
CA GLY L 82 -21.79 10.40 -18.96
C GLY L 82 -20.55 10.88 -18.23
N GLY L 83 -20.73 11.74 -17.22
CA GLY L 83 -19.64 12.28 -16.38
C GLY L 83 -20.01 13.63 -15.80
N VAL L 84 -19.04 14.56 -15.79
CA VAL L 84 -19.14 15.90 -15.11
C VAL L 84 -20.10 16.77 -15.94
N ILE L 85 -21.15 17.29 -15.31
CA ILE L 85 -22.22 18.08 -15.98
C ILE L 85 -21.62 19.35 -16.60
N THR L 86 -20.89 20.17 -15.82
CA THR L 86 -20.27 21.44 -16.27
C THR L 86 -19.41 21.17 -17.51
N ALA L 87 -18.61 20.09 -17.48
CA ALA L 87 -17.77 19.65 -18.62
C ALA L 87 -18.65 19.43 -19.85
N GLY L 88 -19.76 18.70 -19.68
CA GLY L 88 -20.74 18.43 -20.74
C GLY L 88 -21.41 19.72 -21.22
N MET L 89 -21.69 20.65 -20.31
CA MET L 89 -22.38 21.93 -20.63
C MET L 89 -21.43 22.86 -21.40
N SER L 90 -20.12 22.68 -21.26
CA SER L 90 -19.10 23.38 -22.09
C SER L 90 -19.26 22.95 -23.55
N ILE L 91 -19.57 21.66 -23.80
CA ILE L 91 -19.83 21.10 -25.15
C ILE L 91 -21.19 21.58 -25.64
N TYR L 92 -22.24 21.48 -24.81
CA TYR L 92 -23.63 21.88 -25.15
C TYR L 92 -23.66 23.34 -25.62
N ASP L 93 -23.06 24.25 -24.84
CA ASP L 93 -23.06 25.71 -25.12
C ASP L 93 -22.28 25.98 -26.42
N THR L 94 -21.17 25.26 -26.66
CA THR L 94 -20.35 25.36 -27.89
C THR L 94 -21.20 24.92 -29.10
N MET L 95 -21.91 23.79 -28.98
CA MET L 95 -22.81 23.24 -30.02
C MET L 95 -23.84 24.30 -30.44
N GLN L 96 -24.52 24.93 -29.47
CA GLN L 96 -25.59 25.92 -29.72
C GLN L 96 -25.00 27.22 -30.28
N PHE L 97 -23.82 27.63 -29.81
CA PHE L 97 -23.17 28.93 -30.17
C PHE L 97 -22.74 28.92 -31.64
N ILE L 98 -21.95 27.93 -32.06
CA ILE L 98 -21.34 27.85 -33.43
C ILE L 98 -22.47 27.86 -34.46
N LYS L 99 -22.20 28.40 -35.65
CA LYS L 99 -23.18 28.55 -36.77
C LYS L 99 -23.55 27.17 -37.33
N PRO L 100 -22.57 26.27 -37.63
CA PRO L 100 -22.88 24.96 -38.17
C PRO L 100 -23.87 24.14 -37.34
N ASP L 101 -24.79 23.43 -38.00
CA ASP L 101 -25.67 22.42 -37.38
C ASP L 101 -24.79 21.25 -36.91
N VAL L 102 -24.95 20.81 -35.66
CA VAL L 102 -24.23 19.65 -35.08
C VAL L 102 -25.19 18.45 -35.08
N SER L 103 -24.98 17.50 -36.00
CA SER L 103 -25.70 16.21 -36.07
C SER L 103 -25.08 15.26 -35.04
N THR L 104 -25.89 14.71 -34.14
CA THR L 104 -25.46 13.76 -33.07
C THR L 104 -25.87 12.34 -33.47
N ILE L 105 -24.91 11.41 -33.50
CA ILE L 105 -25.12 9.96 -33.78
C ILE L 105 -24.72 9.18 -32.52
N CYS L 106 -25.59 8.30 -32.03
CA CYS L 106 -25.36 7.47 -30.82
C CYS L 106 -24.78 6.11 -31.22
N MET L 107 -23.51 5.88 -30.90
CA MET L 107 -22.79 4.59 -31.00
C MET L 107 -22.84 3.89 -29.64
N GLY L 108 -23.21 2.60 -29.62
CA GLY L 108 -23.13 1.77 -28.41
C GLY L 108 -24.08 2.23 -27.32
N GLN L 109 -23.79 3.38 -26.69
CA GLN L 109 -24.66 3.97 -25.64
C GLN L 109 -24.44 5.48 -25.54
N ALA L 110 -25.50 6.18 -25.15
CA ALA L 110 -25.49 7.59 -24.67
C ALA L 110 -26.33 7.66 -23.39
N CYS L 111 -25.66 7.65 -22.23
CA CYS L 111 -26.37 7.69 -20.93
C CYS L 111 -26.00 8.94 -20.15
N SER L 112 -26.91 9.40 -19.30
CA SER L 112 -26.68 10.55 -18.43
C SER L 112 -26.38 11.78 -19.26
N MET L 113 -25.21 12.38 -19.06
CA MET L 113 -24.77 13.56 -19.82
C MET L 113 -24.65 13.23 -21.32
N GLY L 114 -24.22 12.00 -21.66
CA GLY L 114 -24.15 11.62 -23.07
C GLY L 114 -25.52 11.68 -23.72
N ALA L 115 -26.57 11.24 -23.04
CA ALA L 115 -27.94 11.28 -23.60
C ALA L 115 -28.35 12.74 -23.81
N PHE L 116 -28.01 13.59 -22.86
CA PHE L 116 -28.27 15.05 -22.86
C PHE L 116 -27.64 15.68 -24.11
N LEU L 117 -26.38 15.33 -24.42
CA LEU L 117 -25.65 15.91 -25.57
C LEU L 117 -26.20 15.34 -26.89
N LEU L 118 -26.66 14.09 -26.87
CA LEU L 118 -27.33 13.41 -28.02
C LEU L 118 -28.60 14.19 -28.40
N THR L 119 -29.47 14.48 -27.43
CA THR L 119 -30.77 15.16 -27.64
C THR L 119 -30.55 16.65 -27.97
N ALA L 120 -29.37 17.19 -27.66
CA ALA L 120 -29.01 18.62 -27.85
C ALA L 120 -28.56 18.91 -29.29
N GLY L 121 -28.56 17.90 -30.17
CA GLY L 121 -28.23 18.05 -31.61
C GLY L 121 -29.30 18.83 -32.36
N ALA L 122 -28.96 19.35 -33.55
CA ALA L 122 -29.87 20.11 -34.44
C ALA L 122 -31.10 19.26 -34.74
N LYS L 123 -32.30 19.86 -34.77
CA LYS L 123 -33.57 19.12 -34.95
C LYS L 123 -33.60 18.48 -36.34
N GLY L 124 -33.99 17.19 -36.41
CA GLY L 124 -34.01 16.37 -37.63
C GLY L 124 -32.72 15.59 -37.84
N LYS L 125 -31.63 15.96 -37.16
CA LYS L 125 -30.26 15.42 -37.38
C LYS L 125 -29.72 14.75 -36.11
N ARG L 126 -30.61 14.31 -35.22
CA ARG L 126 -30.26 13.51 -34.01
C ARG L 126 -30.56 12.04 -34.33
N ILE L 127 -29.52 11.20 -34.39
CA ILE L 127 -29.58 9.81 -34.91
C ILE L 127 -29.13 8.83 -33.82
N CYS L 128 -29.85 7.71 -33.71
CA CYS L 128 -29.41 6.48 -32.99
C CYS L 128 -29.08 5.40 -34.02
N LEU L 129 -28.06 4.57 -33.75
CA LEU L 129 -27.83 3.31 -34.48
C LEU L 129 -28.75 2.24 -33.90
N PRO L 130 -29.11 1.18 -34.66
CA PRO L 130 -30.22 0.30 -34.31
C PRO L 130 -30.17 -0.24 -32.88
N ASN L 131 -28.99 -0.69 -32.44
CA ASN L 131 -28.78 -1.43 -31.16
C ASN L 131 -28.03 -0.56 -30.15
N SER L 132 -27.99 0.75 -30.36
CA SER L 132 -27.45 1.74 -29.37
C SER L 132 -28.44 1.84 -28.20
N ARG L 133 -27.93 2.15 -27.00
CA ARG L 133 -28.70 2.24 -25.74
C ARG L 133 -28.67 3.69 -25.21
N VAL L 134 -29.83 4.26 -24.92
CA VAL L 134 -29.99 5.62 -24.32
C VAL L 134 -30.56 5.47 -22.90
N MET L 135 -29.99 6.19 -21.93
CA MET L 135 -30.42 6.17 -20.51
C MET L 135 -30.36 7.59 -19.94
N ILE L 136 -31.42 8.01 -19.25
CA ILE L 136 -31.57 9.37 -18.65
C ILE L 136 -31.88 9.21 -17.15
N HIS L 137 -31.30 10.08 -16.32
CA HIS L 137 -31.59 10.15 -14.85
C HIS L 137 -31.11 11.49 -14.29
N GLN L 138 -31.63 11.86 -13.11
CA GLN L 138 -31.40 13.16 -12.44
C GLN L 138 -29.92 13.29 -12.08
N PRO L 139 -29.41 14.52 -11.83
CA PRO L 139 -28.01 14.72 -11.45
C PRO L 139 -27.64 14.04 -10.12
N LEU L 140 -26.37 13.65 -10.01
CA LEU L 140 -25.73 13.13 -8.77
C LEU L 140 -24.82 14.22 -8.20
N GLY L 141 -24.61 14.21 -6.88
CA GLY L 141 -23.76 15.18 -6.17
C GLY L 141 -23.19 14.59 -4.91
N GLY L 142 -22.34 15.36 -4.20
CA GLY L 142 -21.73 14.95 -2.92
C GLY L 142 -20.90 16.05 -2.31
N PHE L 143 -21.36 16.63 -1.19
CA PHE L 143 -20.62 17.61 -0.35
C PHE L 143 -20.51 17.09 1.08
N GLN L 144 -19.49 17.59 1.80
CA GLN L 144 -19.29 17.40 3.26
C GLN L 144 -18.78 18.72 3.86
N GLY L 145 -19.23 19.06 5.06
CA GLY L 145 -18.79 20.26 5.81
C GLY L 145 -19.89 20.82 6.68
N GLN L 146 -19.81 22.12 7.00
CA GLN L 146 -20.75 22.83 7.90
C GLN L 146 -22.17 22.76 7.31
N ALA L 147 -23.20 22.73 8.17
CA ALA L 147 -24.63 22.63 7.79
C ALA L 147 -25.01 23.79 6.86
N THR L 148 -24.46 24.99 7.11
CA THR L 148 -24.70 26.21 6.29
C THR L 148 -24.22 25.98 4.85
N ASP L 149 -23.05 25.36 4.66
CA ASP L 149 -22.43 25.08 3.33
C ASP L 149 -23.24 23.99 2.63
N ILE L 150 -23.70 22.98 3.37
CA ILE L 150 -24.55 21.86 2.87
C ILE L 150 -25.83 22.45 2.25
N GLU L 151 -26.43 23.45 2.90
CA GLU L 151 -27.68 24.10 2.43
C GLU L 151 -27.41 24.83 1.10
N ILE L 152 -26.29 25.56 1.00
CA ILE L 152 -25.87 26.31 -0.22
C ILE L 152 -25.71 25.32 -1.39
N HIS L 153 -24.99 24.22 -1.17
CA HIS L 153 -24.68 23.19 -2.20
C HIS L 153 -25.95 22.42 -2.57
N ALA L 154 -26.80 22.11 -1.59
CA ALA L 154 -28.12 21.46 -1.78
C ALA L 154 -29.00 22.33 -2.70
N GLN L 155 -29.05 23.64 -2.44
CA GLN L 155 -29.81 24.62 -3.26
C GLN L 155 -29.24 24.64 -4.69
N GLU L 156 -27.91 24.60 -4.83
CA GLU L 156 -27.20 24.70 -6.13
C GLU L 156 -27.54 23.49 -7.01
N ILE L 157 -27.59 22.29 -6.44
CA ILE L 157 -27.90 21.02 -7.18
C ILE L 157 -29.36 21.04 -7.66
N LEU L 158 -30.29 21.59 -6.86
CA LEU L 158 -31.73 21.71 -7.22
C LEU L 158 -31.88 22.68 -8.41
N LYS L 159 -31.12 23.78 -8.42
CA LYS L 159 -31.13 24.78 -9.51
C LYS L 159 -30.61 24.13 -10.80
N VAL L 160 -29.52 23.38 -10.72
CA VAL L 160 -28.93 22.64 -11.88
C VAL L 160 -29.96 21.61 -12.37
N LYS L 161 -30.53 20.82 -11.44
CA LYS L 161 -31.55 19.79 -11.76
C LYS L 161 -32.71 20.40 -12.54
N SER L 162 -33.22 21.55 -12.09
CA SER L 162 -34.33 22.31 -12.74
C SER L 162 -33.93 22.73 -14.15
N ARG L 163 -32.74 23.32 -14.29
CA ARG L 163 -32.18 23.83 -15.58
C ARG L 163 -32.05 22.66 -16.58
N MET L 164 -31.47 21.53 -16.14
CA MET L 164 -31.24 20.32 -16.99
C MET L 164 -32.59 19.74 -17.44
N ASN L 165 -33.61 19.76 -16.57
CA ASN L 165 -34.97 19.27 -16.87
C ASN L 165 -35.64 20.18 -17.91
N GLU L 166 -35.46 21.50 -17.78
CA GLU L 166 -36.00 22.52 -18.73
C GLU L 166 -35.42 22.28 -20.13
N LEU L 167 -34.10 22.14 -20.23
CA LEU L 167 -33.38 21.97 -21.53
C LEU L 167 -33.78 20.65 -22.18
N MET L 168 -33.95 19.58 -21.40
CA MET L 168 -34.42 18.26 -21.89
C MET L 168 -35.85 18.40 -22.44
N ALA L 169 -36.73 19.11 -21.73
CA ALA L 169 -38.13 19.39 -22.12
C ALA L 169 -38.16 20.13 -23.45
N LYS L 170 -37.31 21.16 -23.59
CA LYS L 170 -37.18 22.02 -24.80
C LYS L 170 -36.81 21.16 -26.02
N HIS L 171 -35.79 20.31 -25.89
CA HIS L 171 -35.18 19.52 -27.00
C HIS L 171 -36.04 18.30 -27.35
N THR L 172 -36.74 17.72 -26.39
CA THR L 172 -37.62 16.52 -26.58
C THR L 172 -39.03 16.95 -27.00
N GLY L 173 -39.49 18.12 -26.53
CA GLY L 173 -40.86 18.63 -26.77
C GLY L 173 -41.85 18.05 -25.79
N ARG L 174 -41.38 17.32 -24.77
CA ARG L 174 -42.21 16.78 -23.66
C ARG L 174 -42.27 17.83 -22.55
N PRO L 175 -43.36 17.89 -21.75
CA PRO L 175 -43.46 18.85 -20.66
C PRO L 175 -42.44 18.55 -19.54
N ILE L 176 -41.96 19.59 -18.86
CA ILE L 176 -40.91 19.51 -17.79
C ILE L 176 -41.36 18.56 -16.67
N GLU L 177 -42.67 18.51 -16.39
CA GLU L 177 -43.26 17.66 -15.32
C GLU L 177 -43.01 16.18 -15.64
N GLU L 178 -43.14 15.79 -16.91
CA GLU L 178 -42.96 14.39 -17.38
C GLU L 178 -41.48 14.02 -17.39
N ILE L 179 -40.61 14.93 -17.85
CA ILE L 179 -39.12 14.75 -17.86
C ILE L 179 -38.66 14.49 -16.42
N ALA L 180 -39.15 15.28 -15.47
CA ALA L 180 -38.82 15.21 -14.03
C ALA L 180 -39.21 13.83 -13.47
N LYS L 181 -40.48 13.43 -13.64
CA LYS L 181 -41.01 12.11 -13.19
C LYS L 181 -40.13 10.98 -13.74
N ASP L 182 -39.80 11.03 -15.04
CA ASP L 182 -39.15 9.92 -15.79
C ASP L 182 -37.66 9.83 -15.45
N THR L 183 -37.05 10.90 -14.89
CA THR L 183 -35.60 10.95 -14.59
C THR L 183 -35.34 10.87 -13.07
N GLU L 184 -36.38 10.64 -12.25
CA GLU L 184 -36.23 10.45 -10.79
C GLU L 184 -35.37 9.21 -10.54
N ARG L 185 -35.61 8.14 -11.31
CA ARG L 185 -34.79 6.90 -11.31
C ARG L 185 -34.29 6.63 -12.73
N ASP L 186 -33.30 5.76 -12.87
CA ASP L 186 -32.67 5.41 -14.17
C ASP L 186 -33.77 4.91 -15.12
N ARG L 187 -33.84 5.48 -16.32
CA ARG L 187 -34.82 5.13 -17.38
C ARG L 187 -34.04 4.74 -18.64
N PHE L 188 -33.99 3.44 -18.95
CA PHE L 188 -33.32 2.86 -20.14
C PHE L 188 -34.29 2.88 -21.33
N LEU L 189 -33.81 3.32 -22.49
CA LEU L 189 -34.59 3.37 -23.77
C LEU L 189 -33.78 2.70 -24.88
N SER L 190 -34.43 1.82 -25.65
CA SER L 190 -33.94 1.32 -26.97
C SER L 190 -33.96 2.48 -27.97
N ALA L 191 -33.25 2.33 -29.09
CA ALA L 191 -33.22 3.31 -30.21
C ALA L 191 -34.66 3.68 -30.59
N ASP L 192 -35.56 2.70 -30.72
CA ASP L 192 -37.00 2.88 -31.06
C ASP L 192 -37.67 3.77 -30.01
N GLU L 193 -37.49 3.46 -28.72
CA GLU L 193 -38.11 4.19 -27.58
C GLU L 193 -37.58 5.63 -27.52
N ALA L 194 -36.31 5.84 -27.90
CA ALA L 194 -35.63 7.16 -27.94
C ALA L 194 -36.27 8.06 -29.01
N VAL L 195 -36.66 7.49 -30.16
CA VAL L 195 -37.38 8.22 -31.25
C VAL L 195 -38.78 8.60 -30.73
N GLU L 196 -39.46 7.66 -30.09
CA GLU L 196 -40.84 7.83 -29.52
C GLU L 196 -40.83 8.93 -28.45
N TYR L 197 -39.81 8.93 -27.59
CA TYR L 197 -39.68 9.87 -26.43
C TYR L 197 -39.30 11.27 -26.95
N GLY L 198 -38.62 11.33 -28.10
CA GLY L 198 -38.22 12.59 -28.76
C GLY L 198 -36.78 12.97 -28.46
N LEU L 199 -35.98 12.04 -27.95
CA LEU L 199 -34.53 12.27 -27.64
C LEU L 199 -33.75 12.33 -28.96
N VAL L 200 -34.08 11.45 -29.91
CA VAL L 200 -33.52 11.44 -31.30
C VAL L 200 -34.68 11.49 -32.30
N ASP L 201 -34.38 11.76 -33.57
CA ASP L 201 -35.37 11.99 -34.64
C ASP L 201 -35.58 10.70 -35.45
N LYS L 202 -34.49 9.99 -35.78
CA LYS L 202 -34.52 8.84 -36.71
C LYS L 202 -33.42 7.84 -36.37
N ILE L 203 -33.48 6.66 -36.97
CA ILE L 203 -32.51 5.53 -36.81
C ILE L 203 -31.86 5.25 -38.17
N PHE L 204 -30.55 5.03 -38.19
CA PHE L 204 -29.72 4.69 -39.38
C PHE L 204 -29.23 3.25 -39.26
N THR L 205 -29.74 2.35 -40.12
CA THR L 205 -29.45 0.88 -40.08
C THR L 205 -28.41 0.54 -41.15
N HIS L 206 -28.70 0.86 -42.42
CA HIS L 206 -27.79 0.73 -43.59
C HIS L 206 -27.77 2.04 -44.38
N ARG L 207 -26.71 2.30 -45.13
CA ARG L 207 -26.56 3.52 -45.98
C ARG L 207 -27.38 3.33 -47.27
N LEU M 17 -5.17 12.06 -26.93
CA LEU M 17 -4.91 12.09 -28.40
C LEU M 17 -5.37 13.45 -28.96
N VAL M 18 -4.43 14.28 -29.43
CA VAL M 18 -4.69 15.64 -29.99
C VAL M 18 -4.70 15.55 -31.51
N PRO M 19 -5.84 15.85 -32.18
CA PRO M 19 -5.96 15.65 -33.62
C PRO M 19 -5.19 16.69 -34.45
N MET M 20 -4.53 16.22 -35.51
CA MET M 20 -3.66 17.02 -36.42
C MET M 20 -4.47 17.46 -37.66
N VAL M 21 -3.99 18.49 -38.36
CA VAL M 21 -4.54 18.95 -39.67
C VAL M 21 -3.35 19.23 -40.60
N VAL M 22 -3.46 18.83 -41.88
CA VAL M 22 -2.38 18.94 -42.91
C VAL M 22 -2.60 20.22 -43.72
N TYR M 32 0.00 21.02 -38.21
CA TYR M 32 -0.64 21.71 -37.06
C TYR M 32 -1.42 20.72 -36.21
N ASP M 33 -1.32 20.85 -34.87
CA ASP M 33 -2.30 20.27 -33.91
C ASP M 33 -3.43 21.30 -33.72
N ILE M 34 -4.61 20.83 -33.30
CA ILE M 34 -5.88 21.61 -33.28
C ILE M 34 -5.70 22.88 -32.44
N TYR M 35 -4.96 22.81 -31.33
CA TYR M 35 -4.77 23.91 -30.36
C TYR M 35 -3.81 24.97 -30.95
N SER M 36 -2.74 24.55 -31.63
CA SER M 36 -1.78 25.43 -32.34
C SER M 36 -2.50 26.18 -33.47
N ARG M 37 -3.48 25.52 -34.09
CA ARG M 37 -4.29 26.08 -35.20
C ARG M 37 -5.24 27.16 -34.66
N LEU M 38 -5.85 26.92 -33.49
CA LEU M 38 -6.76 27.88 -32.82
C LEU M 38 -5.95 29.02 -32.16
N LEU M 39 -4.65 28.82 -31.94
CA LEU M 39 -3.74 29.86 -31.40
C LEU M 39 -3.47 30.92 -32.49
N LYS M 40 -3.48 30.54 -33.77
CA LYS M 40 -3.41 31.46 -34.93
C LYS M 40 -4.64 32.39 -34.93
N GLU M 41 -5.80 31.88 -34.52
CA GLU M 41 -7.08 32.64 -34.38
C GLU M 41 -7.07 33.41 -33.06
N ARG M 42 -5.95 33.39 -32.32
CA ARG M 42 -5.71 34.12 -31.04
C ARG M 42 -6.67 33.62 -29.97
N ILE M 43 -6.88 32.31 -29.91
CA ILE M 43 -7.72 31.61 -28.89
C ILE M 43 -6.78 30.81 -27.97
N ILE M 44 -6.78 31.14 -26.68
CA ILE M 44 -6.09 30.38 -25.59
C ILE M 44 -7.17 29.69 -24.74
N PHE M 45 -6.88 28.48 -24.25
CA PHE M 45 -7.77 27.68 -23.37
C PHE M 45 -7.16 27.61 -21.97
N LEU M 46 -7.97 27.93 -20.95
CA LEU M 46 -7.65 27.76 -19.50
C LEU M 46 -8.59 26.68 -18.95
N THR M 47 -8.10 25.44 -18.85
CA THR M 47 -8.90 24.22 -18.53
C THR M 47 -8.37 23.57 -17.25
N GLY M 48 -9.29 23.05 -16.42
CA GLY M 48 -8.98 22.26 -15.21
C GLY M 48 -8.36 23.11 -14.11
N GLN M 49 -7.65 22.48 -13.19
CA GLN M 49 -7.09 23.12 -11.96
C GLN M 49 -5.97 24.09 -12.35
N VAL M 50 -5.99 25.29 -11.78
CA VAL M 50 -4.95 26.35 -11.96
C VAL M 50 -3.73 25.97 -11.11
N GLU M 51 -2.56 25.83 -11.73
CA GLU M 51 -1.26 25.54 -11.04
C GLU M 51 -0.12 26.11 -11.90
N ASP M 52 1.10 26.09 -11.37
CA ASP M 52 2.27 26.86 -11.88
C ASP M 52 2.50 26.57 -13.37
N HIS M 53 2.51 25.30 -13.78
CA HIS M 53 2.96 24.84 -15.12
C HIS M 53 1.93 25.20 -16.21
N MET M 54 0.64 24.92 -15.99
CA MET M 54 -0.44 25.23 -16.97
C MET M 54 -0.64 26.75 -17.05
N ALA M 55 -0.47 27.47 -15.94
CA ALA M 55 -0.59 28.95 -15.86
C ALA M 55 0.58 29.61 -16.60
N ASN M 56 1.77 29.03 -16.52
CA ASN M 56 3.00 29.49 -17.24
C ASN M 56 2.77 29.35 -18.75
N LEU M 57 2.07 28.29 -19.17
CA LEU M 57 1.76 27.98 -20.58
C LEU M 57 0.79 29.06 -21.13
N VAL M 58 -0.20 29.45 -20.34
CA VAL M 58 -1.22 30.49 -20.69
C VAL M 58 -0.51 31.84 -20.84
N ALA M 59 0.29 32.23 -19.83
CA ALA M 59 1.06 33.49 -19.82
C ALA M 59 1.97 33.56 -21.04
N ALA M 60 2.67 32.46 -21.36
CA ALA M 60 3.60 32.32 -22.50
C ALA M 60 2.83 32.53 -23.81
N GLN M 61 1.64 31.95 -23.93
CA GLN M 61 0.76 32.08 -25.13
C GLN M 61 0.37 33.56 -25.32
N MET M 62 0.05 34.26 -24.23
CA MET M 62 -0.37 35.69 -24.24
C MET M 62 0.81 36.56 -24.67
N LEU M 63 2.02 36.30 -24.14
CA LEU M 63 3.26 37.04 -24.50
C LEU M 63 3.55 36.85 -26.00
N PHE M 64 3.38 35.62 -26.51
CA PHE M 64 3.61 35.28 -27.94
C PHE M 64 2.63 36.04 -28.83
N LEU M 65 1.33 35.96 -28.53
CA LEU M 65 0.23 36.57 -29.33
C LEU M 65 0.41 38.10 -29.39
N GLU M 66 0.91 38.71 -28.32
CA GLU M 66 1.19 40.16 -28.23
C GLU M 66 2.32 40.53 -29.19
N ALA M 67 3.40 39.75 -29.19
CA ALA M 67 4.59 39.95 -30.07
C ALA M 67 4.18 39.82 -31.54
N GLU M 68 3.31 38.86 -31.86
CA GLU M 68 2.76 38.63 -33.23
C GLU M 68 1.94 39.85 -33.67
N ASN M 69 1.06 40.36 -32.81
CA ASN M 69 0.17 41.51 -33.12
C ASN M 69 -0.36 42.13 -31.83
N PRO M 70 0.20 43.26 -31.36
CA PRO M 70 -0.24 43.89 -30.11
C PRO M 70 -1.55 44.69 -30.22
N GLU M 71 -2.25 44.61 -31.35
CA GLU M 71 -3.48 45.40 -31.65
C GLU M 71 -4.74 44.52 -31.69
N LYS M 72 -4.60 43.22 -31.94
CA LYS M 72 -5.75 42.27 -32.08
C LYS M 72 -6.09 41.70 -30.70
N ASP M 73 -7.39 41.51 -30.43
CA ASP M 73 -7.92 40.93 -29.18
C ASP M 73 -7.45 39.48 -29.04
N ILE M 74 -7.18 39.06 -27.79
CA ILE M 74 -6.94 37.64 -27.40
C ILE M 74 -8.21 37.11 -26.73
N PHE M 75 -8.57 35.86 -27.04
CA PHE M 75 -9.80 35.19 -26.53
C PHE M 75 -9.40 34.05 -25.59
N LEU M 76 -9.59 34.27 -24.28
CA LEU M 76 -9.30 33.27 -23.21
C LEU M 76 -10.59 32.53 -22.84
N TYR M 77 -10.72 31.27 -23.27
CA TYR M 77 -11.81 30.34 -22.90
C TYR M 77 -11.47 29.71 -21.54
N ILE M 78 -12.32 29.94 -20.53
CA ILE M 78 -12.10 29.51 -19.12
C ILE M 78 -13.13 28.42 -18.77
N ASN M 79 -12.65 27.20 -18.48
CA ASN M 79 -13.42 26.11 -17.83
C ASN M 79 -12.57 25.55 -16.68
N SER M 80 -12.74 26.09 -15.47
CA SER M 80 -11.84 25.85 -14.32
C SER M 80 -12.62 25.90 -13.00
N PRO M 81 -12.34 24.98 -12.05
CA PRO M 81 -12.84 25.09 -10.69
C PRO M 81 -11.97 26.01 -9.80
N GLY M 82 -10.80 26.42 -10.31
CA GLY M 82 -9.84 27.29 -9.61
C GLY M 82 -8.51 26.59 -9.38
N GLY M 83 -7.84 26.91 -8.26
CA GLY M 83 -6.56 26.31 -7.85
C GLY M 83 -5.66 27.32 -7.15
N VAL M 84 -4.36 27.27 -7.43
CA VAL M 84 -3.30 28.02 -6.69
C VAL M 84 -3.40 29.51 -7.08
N ILE M 85 -3.55 30.38 -6.10
CA ILE M 85 -3.80 31.85 -6.27
C ILE M 85 -2.59 32.50 -6.97
N THR M 86 -1.36 32.24 -6.51
CA THR M 86 -0.12 32.84 -7.08
C THR M 86 0.00 32.50 -8.57
N ALA M 87 -0.34 31.26 -8.96
CA ALA M 87 -0.30 30.78 -10.37
C ALA M 87 -1.30 31.57 -11.21
N GLY M 88 -2.53 31.72 -10.72
CA GLY M 88 -3.59 32.54 -11.34
C GLY M 88 -3.21 34.00 -11.42
N MET M 89 -2.48 34.52 -10.43
CA MET M 89 -2.04 35.94 -10.38
C MET M 89 -0.93 36.18 -11.40
N SER M 90 -0.18 35.14 -11.79
CA SER M 90 0.84 35.20 -12.88
C SER M 90 0.13 35.42 -14.22
N ILE M 91 -1.05 34.82 -14.40
CA ILE M 91 -1.93 35.03 -15.59
C ILE M 91 -2.51 36.45 -15.54
N TYR M 92 -3.07 36.84 -14.38
CA TYR M 92 -3.76 38.14 -14.15
C TYR M 92 -2.82 39.29 -14.50
N ASP M 93 -1.62 39.33 -13.92
CA ASP M 93 -0.63 40.43 -14.11
C ASP M 93 -0.15 40.43 -15.56
N THR M 94 -0.09 39.27 -16.23
CA THR M 94 0.26 39.15 -17.67
C THR M 94 -0.88 39.74 -18.52
N MET M 95 -2.14 39.43 -18.18
CA MET M 95 -3.34 39.93 -18.89
C MET M 95 -3.36 41.46 -18.87
N GLN M 96 -3.09 42.07 -17.71
CA GLN M 96 -3.13 43.54 -17.50
C GLN M 96 -1.95 44.19 -18.23
N PHE M 97 -0.77 43.56 -18.16
CA PHE M 97 0.51 44.13 -18.67
C PHE M 97 0.47 44.26 -20.19
N ILE M 98 0.15 43.17 -20.90
CA ILE M 98 0.22 43.10 -22.39
C ILE M 98 -0.74 44.15 -22.98
N LYS M 99 -0.38 44.70 -24.14
CA LYS M 99 -1.15 45.78 -24.83
C LYS M 99 -2.51 45.24 -25.29
N PRO M 100 -2.59 44.06 -25.94
CA PRO M 100 -3.87 43.54 -26.42
C PRO M 100 -4.91 43.40 -25.31
N ASP M 101 -6.16 43.75 -25.61
CA ASP M 101 -7.34 43.40 -24.77
C ASP M 101 -7.41 41.87 -24.71
N VAL M 102 -7.68 41.32 -23.53
CA VAL M 102 -7.92 39.86 -23.31
C VAL M 102 -9.42 39.69 -23.01
N SER M 103 -10.18 39.23 -24.01
CA SER M 103 -11.61 38.83 -23.85
C SER M 103 -11.66 37.47 -23.16
N THR M 104 -12.40 37.37 -22.04
CA THR M 104 -12.59 36.12 -21.27
C THR M 104 -13.98 35.54 -21.55
N ILE M 105 -14.05 34.29 -22.01
CA ILE M 105 -15.32 33.54 -22.26
C ILE M 105 -15.39 32.36 -21.30
N CYS M 106 -16.45 32.29 -20.49
CA CYS M 106 -16.71 31.18 -19.54
C CYS M 106 -17.40 30.02 -20.28
N MET M 107 -16.72 28.87 -20.33
CA MET M 107 -17.23 27.57 -20.84
C MET M 107 -17.42 26.62 -19.65
N GLY M 108 -18.56 25.93 -19.58
CA GLY M 108 -18.86 24.97 -18.49
C GLY M 108 -19.00 25.66 -17.15
N GLN M 109 -17.87 26.07 -16.54
CA GLN M 109 -17.84 26.78 -15.24
C GLN M 109 -16.58 27.64 -15.08
N ALA M 110 -16.68 28.66 -14.24
CA ALA M 110 -15.54 29.47 -13.78
C ALA M 110 -15.70 29.63 -12.26
N CYS M 111 -14.91 28.94 -11.46
CA CYS M 111 -15.10 29.00 -9.99
C CYS M 111 -13.80 29.41 -9.33
N SER M 112 -13.91 30.03 -8.16
CA SER M 112 -12.76 30.41 -7.36
C SER M 112 -11.86 31.27 -8.19
N MET M 113 -10.63 30.82 -8.39
CA MET M 113 -9.62 31.53 -9.21
C MET M 113 -10.12 31.67 -10.66
N GLY M 114 -10.83 30.69 -11.20
CA GLY M 114 -11.37 30.82 -12.56
C GLY M 114 -12.32 31.99 -12.69
N ALA M 115 -13.17 32.21 -11.69
CA ALA M 115 -14.13 33.35 -11.69
C ALA M 115 -13.35 34.67 -11.61
N PHE M 116 -12.27 34.68 -10.86
CA PHE M 116 -11.43 35.89 -10.70
C PHE M 116 -10.77 36.28 -12.03
N LEU M 117 -10.30 35.30 -12.78
CA LEU M 117 -9.64 35.51 -14.09
C LEU M 117 -10.68 35.88 -15.16
N LEU M 118 -11.89 35.31 -15.07
CA LEU M 118 -13.04 35.67 -15.95
C LEU M 118 -13.32 37.17 -15.82
N THR M 119 -13.47 37.67 -14.59
CA THR M 119 -13.88 39.07 -14.29
C THR M 119 -12.71 40.03 -14.55
N ALA M 120 -11.48 39.52 -14.73
CA ALA M 120 -10.25 40.30 -14.94
C ALA M 120 -10.10 40.70 -16.41
N GLY M 121 -10.94 40.15 -17.31
CA GLY M 121 -10.93 40.46 -18.75
C GLY M 121 -11.21 41.93 -19.01
N ALA M 122 -10.87 42.41 -20.22
CA ALA M 122 -11.11 43.79 -20.68
C ALA M 122 -12.60 44.11 -20.55
N LYS M 123 -12.94 45.33 -20.12
CA LYS M 123 -14.35 45.75 -19.87
C LYS M 123 -15.12 45.75 -21.20
N GLY M 124 -16.33 45.19 -21.19
CA GLY M 124 -17.20 45.02 -22.38
C GLY M 124 -17.01 43.68 -23.06
N LYS M 125 -15.90 42.97 -22.80
CA LYS M 125 -15.50 41.74 -23.53
C LYS M 125 -15.38 40.55 -22.57
N ARG M 126 -16.02 40.62 -21.41
CA ARG M 126 -16.18 39.46 -20.47
C ARG M 126 -17.53 38.81 -20.76
N ILE M 127 -17.53 37.51 -21.10
CA ILE M 127 -18.69 36.80 -21.69
C ILE M 127 -18.93 35.48 -20.93
N CYS M 128 -20.19 35.21 -20.57
CA CYS M 128 -20.70 33.88 -20.14
C CYS M 128 -21.52 33.27 -21.26
N LEU M 129 -21.36 31.97 -21.52
CA LEU M 129 -22.30 31.17 -22.35
C LEU M 129 -23.53 30.87 -21.50
N PRO M 130 -24.72 30.65 -22.11
CA PRO M 130 -25.99 30.72 -21.38
C PRO M 130 -26.13 29.76 -20.19
N ASN M 131 -25.47 28.60 -20.23
CA ASN M 131 -25.61 27.52 -19.22
C ASN M 131 -24.29 27.31 -18.45
N SER M 132 -23.33 28.23 -18.61
CA SER M 132 -22.08 28.24 -17.81
C SER M 132 -22.43 28.66 -16.37
N ARG M 133 -21.64 28.19 -15.40
CA ARG M 133 -21.81 28.46 -13.95
C ARG M 133 -20.61 29.27 -13.46
N VAL M 134 -20.85 30.30 -12.63
CA VAL M 134 -19.79 31.10 -11.96
C VAL M 134 -19.98 30.97 -10.44
N MET M 135 -18.88 30.82 -9.71
CA MET M 135 -18.89 30.69 -8.23
C MET M 135 -17.67 31.42 -7.63
N ILE M 136 -17.91 32.25 -6.61
CA ILE M 136 -16.87 33.06 -5.92
C ILE M 136 -16.89 32.71 -4.42
N HIS M 137 -15.72 32.63 -3.80
CA HIS M 137 -15.57 32.44 -2.33
C HIS M 137 -14.16 32.83 -1.91
N GLN M 138 -13.97 33.11 -0.61
CA GLN M 138 -12.72 33.62 0.00
C GLN M 138 -11.61 32.57 -0.17
N PRO M 139 -10.33 32.97 -0.04
CA PRO M 139 -9.21 32.03 -0.17
C PRO M 139 -9.22 30.91 0.89
N LEU M 140 -8.59 29.79 0.55
CA LEU M 140 -8.28 28.65 1.46
C LEU M 140 -6.79 28.69 1.78
N GLY M 141 -6.39 28.11 2.90
CA GLY M 141 -4.99 28.03 3.34
C GLY M 141 -4.80 26.92 4.35
N GLY M 142 -3.60 26.81 4.91
CA GLY M 142 -3.28 25.82 5.96
C GLY M 142 -1.79 25.76 6.25
N PHE M 143 -1.38 26.12 7.46
CA PHE M 143 0.01 25.96 7.95
C PHE M 143 0.02 25.01 9.16
N GLN M 144 1.19 24.46 9.47
CA GLN M 144 1.47 23.74 10.74
C GLN M 144 2.88 24.13 11.21
N GLY M 145 3.09 24.20 12.52
CA GLY M 145 4.38 24.53 13.15
C GLY M 145 4.20 25.42 14.37
N GLN M 146 5.24 26.18 14.71
CA GLN M 146 5.28 27.05 15.91
C GLN M 146 4.20 28.14 15.81
N ALA M 147 3.65 28.56 16.95
CA ALA M 147 2.59 29.59 17.06
C ALA M 147 3.05 30.91 16.42
N THR M 148 4.33 31.27 16.58
CA THR M 148 4.94 32.50 15.99
C THR M 148 4.84 32.44 14.45
N ASP M 149 5.12 31.29 13.84
CA ASP M 149 5.06 31.07 12.38
C ASP M 149 3.59 31.06 11.92
N ILE M 150 2.70 30.43 12.71
CA ILE M 150 1.24 30.36 12.42
C ILE M 150 0.68 31.80 12.34
N GLU M 151 1.16 32.69 13.21
CA GLU M 151 0.75 34.12 13.26
C GLU M 151 1.17 34.81 11.96
N ILE M 152 2.40 34.56 11.49
CA ILE M 152 2.96 35.18 10.26
C ILE M 152 2.13 34.75 9.05
N HIS M 153 1.81 33.46 8.95
CA HIS M 153 1.07 32.87 7.79
C HIS M 153 -0.41 33.29 7.85
N ALA M 154 -0.97 33.43 9.04
CA ALA M 154 -2.35 33.95 9.25
C ALA M 154 -2.43 35.38 8.71
N GLN M 155 -1.47 36.24 9.07
CA GLN M 155 -1.37 37.66 8.63
C GLN M 155 -1.23 37.72 7.11
N GLU M 156 -0.45 36.81 6.51
CA GLU M 156 -0.21 36.75 5.04
C GLU M 156 -1.53 36.40 4.34
N ILE M 157 -2.29 35.42 4.87
CA ILE M 157 -3.58 34.94 4.29
C ILE M 157 -4.61 36.08 4.31
N LEU M 158 -4.66 36.87 5.38
CA LEU M 158 -5.57 38.04 5.51
C LEU M 158 -5.21 39.12 4.48
N LYS M 159 -3.92 39.41 4.31
CA LYS M 159 -3.41 40.44 3.34
C LYS M 159 -3.81 40.02 1.92
N VAL M 160 -3.65 38.74 1.58
CA VAL M 160 -4.03 38.17 0.25
C VAL M 160 -5.55 38.24 0.11
N LYS M 161 -6.30 37.93 1.16
CA LYS M 161 -7.79 37.98 1.16
C LYS M 161 -8.25 39.41 0.84
N SER M 162 -7.67 40.41 1.52
CA SER M 162 -7.96 41.86 1.32
C SER M 162 -7.70 42.24 -0.14
N ARG M 163 -6.50 41.92 -0.64
CA ARG M 163 -6.02 42.26 -2.01
C ARG M 163 -6.98 41.66 -3.03
N MET M 164 -7.31 40.37 -2.91
CA MET M 164 -8.19 39.64 -3.86
C MET M 164 -9.60 40.27 -3.84
N ASN M 165 -10.07 40.73 -2.67
CA ASN M 165 -11.38 41.41 -2.51
C ASN M 165 -11.35 42.79 -3.19
N GLU M 166 -10.25 43.53 -3.05
CA GLU M 166 -10.04 44.87 -3.68
C GLU M 166 -10.15 44.75 -5.20
N LEU M 167 -9.39 43.82 -5.78
CA LEU M 167 -9.31 43.61 -7.26
C LEU M 167 -10.67 43.17 -7.80
N MET M 168 -11.37 42.28 -7.09
CA MET M 168 -12.76 41.86 -7.41
C MET M 168 -13.68 43.08 -7.41
N ALA M 169 -13.56 43.94 -6.38
CA ALA M 169 -14.35 45.19 -6.23
C ALA M 169 -14.13 46.09 -7.47
N LYS M 170 -12.87 46.31 -7.85
CA LYS M 170 -12.46 47.18 -8.99
C LYS M 170 -13.12 46.68 -10.28
N HIS M 171 -13.04 45.37 -10.56
CA HIS M 171 -13.47 44.75 -11.84
C HIS M 171 -15.00 44.61 -11.89
N THR M 172 -15.67 44.39 -10.75
CA THR M 172 -17.15 44.23 -10.66
C THR M 172 -17.84 45.59 -10.49
N GLY M 173 -17.11 46.60 -9.98
CA GLY M 173 -17.65 47.93 -9.67
C GLY M 173 -18.46 47.95 -8.39
N ARG M 174 -18.58 46.80 -7.70
CA ARG M 174 -19.27 46.67 -6.39
C ARG M 174 -18.30 47.09 -5.30
N PRO M 175 -18.78 47.65 -4.17
CA PRO M 175 -17.89 48.08 -3.08
C PRO M 175 -17.24 46.87 -2.39
N ILE M 176 -16.03 47.05 -1.84
CA ILE M 176 -15.20 45.96 -1.24
C ILE M 176 -15.98 45.28 -0.11
N GLU M 177 -16.75 46.04 0.67
CA GLU M 177 -17.53 45.53 1.84
C GLU M 177 -18.52 44.47 1.38
N GLU M 178 -19.13 44.66 0.21
CA GLU M 178 -20.17 43.75 -0.36
C GLU M 178 -19.52 42.50 -0.96
N ILE M 179 -18.32 42.64 -1.55
CA ILE M 179 -17.51 41.51 -2.12
C ILE M 179 -17.07 40.59 -0.97
N ALA M 180 -16.64 41.18 0.15
CA ALA M 180 -16.20 40.46 1.37
C ALA M 180 -17.36 39.63 1.94
N LYS M 181 -18.50 40.26 2.21
CA LYS M 181 -19.73 39.62 2.76
C LYS M 181 -20.13 38.41 1.89
N ASP M 182 -20.16 38.61 0.57
CA ASP M 182 -20.75 37.66 -0.41
C ASP M 182 -19.82 36.47 -0.64
N THR M 183 -18.51 36.60 -0.37
CA THR M 183 -17.49 35.55 -0.62
C THR M 183 -17.09 34.84 0.68
N GLU M 184 -17.69 35.20 1.82
CA GLU M 184 -17.46 34.53 3.13
C GLU M 184 -17.78 33.03 2.97
N ARG M 185 -18.89 32.73 2.30
CA ARG M 185 -19.30 31.34 1.93
C ARG M 185 -19.48 31.26 0.40
N ASP M 186 -19.53 30.03 -0.13
CA ASP M 186 -19.67 29.76 -1.59
C ASP M 186 -20.91 30.47 -2.13
N ARG M 187 -20.73 31.28 -3.18
CA ARG M 187 -21.81 32.07 -3.84
C ARG M 187 -21.86 31.66 -5.32
N PHE M 188 -22.83 30.82 -5.68
CA PHE M 188 -23.07 30.33 -7.07
C PHE M 188 -23.90 31.37 -7.83
N LEU M 189 -23.53 31.66 -9.08
CA LEU M 189 -24.24 32.59 -9.98
C LEU M 189 -24.51 31.90 -11.32
N SER M 190 -25.71 32.08 -11.86
CA SER M 190 -26.06 31.77 -13.28
C SER M 190 -25.44 32.84 -14.18
N ALA M 191 -25.46 32.62 -15.50
CA ALA M 191 -24.95 33.57 -16.52
C ALA M 191 -25.63 34.93 -16.35
N ASP M 192 -26.95 34.93 -16.16
CA ASP M 192 -27.77 36.17 -15.96
C ASP M 192 -27.31 36.87 -14.67
N GLU M 193 -27.15 36.13 -13.57
CA GLU M 193 -26.75 36.66 -12.24
C GLU M 193 -25.33 37.24 -12.30
N ALA M 194 -24.45 36.65 -13.12
CA ALA M 194 -23.05 37.08 -13.30
C ALA M 194 -23.00 38.46 -13.99
N VAL M 195 -23.91 38.70 -14.93
CA VAL M 195 -24.08 40.02 -15.63
C VAL M 195 -24.61 41.04 -14.60
N GLU M 196 -25.64 40.67 -13.83
CA GLU M 196 -26.28 41.51 -12.79
C GLU M 196 -25.24 41.91 -11.73
N TYR M 197 -24.39 40.98 -11.30
CA TYR M 197 -23.34 41.17 -10.27
C TYR M 197 -22.20 42.03 -10.84
N GLY M 198 -21.94 41.89 -12.14
CA GLY M 198 -20.88 42.63 -12.87
C GLY M 198 -19.60 41.82 -13.00
N LEU M 199 -19.67 40.49 -12.89
CA LEU M 199 -18.51 39.58 -13.09
C LEU M 199 -18.21 39.48 -14.58
N VAL M 200 -19.24 39.45 -15.42
CA VAL M 200 -19.16 39.45 -16.91
C VAL M 200 -20.06 40.56 -17.46
N ASP M 201 -19.93 40.88 -18.74
CA ASP M 201 -20.56 42.06 -19.39
C ASP M 201 -21.81 41.65 -20.17
N LYS M 202 -21.77 40.51 -20.86
CA LYS M 202 -22.89 40.04 -21.74
C LYS M 202 -22.90 38.51 -21.83
N ILE M 203 -23.95 37.96 -22.46
CA ILE M 203 -24.15 36.50 -22.69
C ILE M 203 -24.22 36.24 -24.19
N PHE M 204 -23.38 35.34 -24.69
CA PHE M 204 -23.35 34.86 -26.10
C PHE M 204 -24.12 33.53 -26.17
N THR M 205 -25.19 33.48 -26.98
CA THR M 205 -26.07 32.28 -27.16
C THR M 205 -25.79 31.67 -28.53
N HIS M 206 -25.96 32.45 -29.61
CA HIS M 206 -25.71 32.06 -31.03
C HIS M 206 -24.76 33.07 -31.68
N ARG M 207 -23.98 32.62 -32.67
CA ARG M 207 -23.16 33.53 -33.53
C ARG M 207 -24.04 34.01 -34.69
N LEU N 17 0.45 19.50 -22.86
CA LEU N 17 0.43 19.61 -24.35
C LEU N 17 0.83 21.04 -24.76
N VAL N 18 2.07 21.23 -25.19
CA VAL N 18 2.69 22.56 -25.49
C VAL N 18 2.39 22.92 -26.95
N PRO N 19 1.79 24.10 -27.22
CA PRO N 19 1.40 24.47 -28.58
C PRO N 19 2.58 24.85 -29.48
N MET N 20 2.37 24.76 -30.80
CA MET N 20 3.35 25.09 -31.87
C MET N 20 2.93 26.40 -32.56
N VAL N 21 3.81 26.96 -33.41
CA VAL N 21 3.58 28.24 -34.13
C VAL N 21 4.08 28.10 -35.58
N SER N 31 6.66 24.78 -36.63
CA SER N 31 8.11 25.08 -36.77
C SER N 31 8.79 25.15 -35.39
N TYR N 32 8.16 25.85 -34.43
CA TYR N 32 8.65 26.01 -33.04
C TYR N 32 7.58 25.59 -32.03
N ASP N 33 8.00 25.13 -30.84
CA ASP N 33 7.15 25.07 -29.62
C ASP N 33 7.19 26.47 -28.97
N ILE N 34 6.19 26.80 -28.16
CA ILE N 34 5.93 28.19 -27.67
C ILE N 34 7.14 28.69 -26.88
N TYR N 35 7.76 27.83 -26.05
CA TYR N 35 8.90 28.18 -25.17
C TYR N 35 10.16 28.41 -26.01
N SER N 36 10.37 27.58 -27.03
CA SER N 36 11.49 27.68 -28.00
C SER N 36 11.36 28.97 -28.82
N ARG N 37 10.13 29.36 -29.17
CA ARG N 37 9.84 30.60 -29.93
C ARG N 37 10.20 31.82 -29.07
N LEU N 38 9.84 31.79 -27.78
CA LEU N 38 10.14 32.89 -26.82
C LEU N 38 11.63 32.89 -26.47
N LEU N 39 12.32 31.75 -26.62
CA LEU N 39 13.79 31.65 -26.43
C LEU N 39 14.53 32.43 -27.52
N LYS N 40 13.93 32.57 -28.71
CA LYS N 40 14.47 33.45 -29.80
C LYS N 40 14.35 34.92 -29.38
N GLU N 41 13.34 35.27 -28.58
CA GLU N 41 13.13 36.64 -28.03
C GLU N 41 13.98 36.83 -26.77
N ARG N 42 14.85 35.85 -26.45
CA ARG N 42 15.80 35.84 -25.31
C ARG N 42 15.04 35.78 -23.98
N ILE N 43 13.92 35.05 -23.95
CA ILE N 43 13.07 34.83 -22.74
C ILE N 43 13.27 33.39 -22.23
N ILE N 44 13.72 33.25 -20.99
CA ILE N 44 13.83 31.96 -20.24
C ILE N 44 12.79 31.98 -19.11
N PHE N 45 12.17 30.83 -18.83
CA PHE N 45 11.19 30.66 -17.73
C PHE N 45 11.80 29.75 -16.65
N LEU N 46 11.80 30.23 -15.40
CA LEU N 46 12.10 29.45 -14.17
C LEU N 46 10.76 29.25 -13.43
N THR N 47 10.16 28.06 -13.56
CA THR N 47 8.80 27.75 -13.05
C THR N 47 8.87 26.54 -12.12
N GLY N 48 8.28 26.64 -10.92
CA GLY N 48 8.11 25.53 -9.96
C GLY N 48 9.32 25.33 -9.06
N GLN N 49 9.42 24.17 -8.42
CA GLN N 49 10.48 23.82 -7.45
C GLN N 49 11.85 23.84 -8.15
N VAL N 50 12.83 24.49 -7.53
CA VAL N 50 14.25 24.55 -7.99
C VAL N 50 14.92 23.22 -7.62
N GLU N 51 15.37 22.47 -8.63
CA GLU N 51 16.14 21.19 -8.46
C GLU N 51 17.15 21.09 -9.61
N ASP N 52 18.11 20.16 -9.48
CA ASP N 52 19.35 20.10 -10.31
C ASP N 52 19.01 20.16 -11.82
N HIS N 53 18.02 19.38 -12.27
CA HIS N 53 17.74 19.16 -13.71
C HIS N 53 17.12 20.43 -14.34
N MET N 54 16.05 20.97 -13.77
CA MET N 54 15.35 22.19 -14.30
C MET N 54 16.29 23.40 -14.19
N ALA N 55 17.14 23.45 -13.17
CA ALA N 55 18.13 24.53 -12.93
C ALA N 55 19.21 24.48 -14.00
N ASN N 56 19.71 23.28 -14.32
CA ASN N 56 20.71 23.06 -15.40
C ASN N 56 20.15 23.55 -16.73
N LEU N 57 18.87 23.28 -17.00
CA LEU N 57 18.15 23.66 -18.24
C LEU N 57 18.16 25.18 -18.40
N VAL N 58 17.96 25.92 -17.30
CA VAL N 58 17.97 27.42 -17.27
C VAL N 58 19.39 27.90 -17.61
N ALA N 59 20.40 27.40 -16.88
CA ALA N 59 21.84 27.73 -17.06
C ALA N 59 22.28 27.46 -18.50
N ALA N 60 21.76 26.39 -19.11
CA ALA N 60 22.07 25.98 -20.51
C ALA N 60 21.49 27.01 -21.49
N GLN N 61 20.25 27.44 -21.26
CA GLN N 61 19.56 28.47 -22.08
C GLN N 61 20.33 29.80 -22.00
N MET N 62 20.90 30.11 -20.84
CA MET N 62 21.68 31.36 -20.60
C MET N 62 22.98 31.31 -21.40
N LEU N 63 23.72 30.20 -21.31
CA LEU N 63 25.00 29.97 -22.05
C LEU N 63 24.72 30.03 -23.56
N PHE N 64 23.61 29.45 -24.02
CA PHE N 64 23.16 29.44 -25.44
C PHE N 64 22.94 30.88 -25.90
N LEU N 65 22.17 31.66 -25.15
CA LEU N 65 21.77 33.06 -25.50
C LEU N 65 23.02 33.95 -25.52
N GLU N 66 24.00 33.67 -24.66
CA GLU N 66 25.30 34.39 -24.61
C GLU N 66 26.07 34.15 -25.92
N ALA N 67 26.18 32.90 -26.34
CA ALA N 67 26.86 32.47 -27.59
C ALA N 67 26.15 33.11 -28.80
N GLU N 68 24.82 33.19 -28.78
CA GLU N 68 23.99 33.77 -29.86
C GLU N 68 24.29 35.27 -29.98
N ASN N 69 24.33 35.98 -28.85
CA ASN N 69 24.64 37.44 -28.78
C ASN N 69 25.04 37.78 -27.35
N PRO N 70 26.34 38.01 -27.07
CA PRO N 70 26.80 38.25 -25.71
C PRO N 70 26.62 39.69 -25.19
N GLU N 71 25.83 40.52 -25.89
CA GLU N 71 25.63 41.96 -25.54
C GLU N 71 24.14 42.27 -25.31
N LYS N 72 23.23 41.60 -26.02
CA LYS N 72 21.76 41.75 -25.84
C LYS N 72 21.35 41.20 -24.46
N ASP N 73 20.36 41.84 -23.82
CA ASP N 73 19.81 41.44 -22.50
C ASP N 73 19.12 40.08 -22.60
N ILE N 74 19.12 39.33 -21.49
CA ILE N 74 18.32 38.09 -21.28
C ILE N 74 17.23 38.41 -20.24
N PHE N 75 16.03 37.88 -20.43
CA PHE N 75 14.85 38.06 -19.54
C PHE N 75 14.52 36.71 -18.88
N LEU N 76 14.66 36.64 -17.55
CA LEU N 76 14.37 35.44 -16.72
C LEU N 76 13.08 35.68 -15.92
N TYR N 77 11.96 35.14 -16.40
CA TYR N 77 10.65 35.15 -15.71
C TYR N 77 10.65 34.10 -14.59
N ILE N 78 10.47 34.54 -13.33
CA ILE N 78 10.56 33.66 -12.12
C ILE N 78 9.17 33.51 -11.48
N ASN N 79 8.67 32.27 -11.44
CA ASN N 79 7.46 31.84 -10.67
C ASN N 79 7.82 30.56 -9.90
N SER N 80 8.38 30.71 -8.70
CA SER N 80 9.04 29.60 -7.95
C SER N 80 8.83 29.77 -6.46
N PRO N 81 8.47 28.68 -5.72
CA PRO N 81 8.46 28.69 -4.26
C PRO N 81 9.86 28.44 -3.66
N GLY N 82 10.85 28.16 -4.51
CA GLY N 82 12.25 27.90 -4.13
C GLY N 82 12.62 26.44 -4.36
N GLY N 83 13.58 25.93 -3.59
CA GLY N 83 13.98 24.50 -3.62
C GLY N 83 15.41 24.30 -3.17
N VAL N 84 16.18 23.51 -3.94
CA VAL N 84 17.58 23.11 -3.60
C VAL N 84 18.50 24.31 -3.83
N ILE N 85 19.24 24.72 -2.81
CA ILE N 85 20.10 25.94 -2.82
C ILE N 85 21.19 25.77 -3.89
N THR N 86 21.97 24.69 -3.83
CA THR N 86 23.10 24.41 -4.75
C THR N 86 22.62 24.47 -6.21
N ALA N 87 21.43 23.91 -6.49
CA ALA N 87 20.77 23.95 -7.82
C ALA N 87 20.55 25.42 -8.21
N GLY N 88 20.05 26.23 -7.27
CA GLY N 88 19.85 27.68 -7.46
C GLY N 88 21.16 28.42 -7.69
N MET N 89 22.22 28.01 -6.98
CA MET N 89 23.56 28.67 -7.04
C MET N 89 24.26 28.34 -8.38
N SER N 90 23.87 27.25 -9.04
CA SER N 90 24.33 26.89 -10.41
C SER N 90 23.79 27.95 -11.40
N ILE N 91 22.55 28.40 -11.20
CA ILE N 91 21.91 29.48 -12.00
C ILE N 91 22.57 30.81 -11.65
N TYR N 92 22.67 31.15 -10.35
CA TYR N 92 23.22 32.43 -9.84
C TYR N 92 24.61 32.67 -10.45
N ASP N 93 25.52 31.70 -10.31
CA ASP N 93 26.93 31.80 -10.78
C ASP N 93 26.96 31.90 -12.31
N THR N 94 26.04 31.22 -13.02
CA THR N 94 25.90 31.32 -14.50
C THR N 94 25.47 32.74 -14.88
N MET N 95 24.51 33.32 -14.14
CA MET N 95 23.99 34.71 -14.35
C MET N 95 25.14 35.72 -14.23
N GLN N 96 25.98 35.60 -13.19
CA GLN N 96 27.10 36.54 -12.89
C GLN N 96 28.21 36.38 -13.93
N PHE N 97 28.47 35.15 -14.39
CA PHE N 97 29.60 34.81 -15.29
C PHE N 97 29.34 35.34 -16.70
N ILE N 98 28.19 35.02 -17.28
CA ILE N 98 27.84 35.38 -18.69
C ILE N 98 27.88 36.90 -18.84
N LYS N 99 28.29 37.39 -20.01
CA LYS N 99 28.48 38.84 -20.31
C LYS N 99 27.12 39.55 -20.37
N PRO N 100 26.07 38.97 -20.99
CA PRO N 100 24.75 39.60 -21.02
C PRO N 100 24.20 39.94 -19.63
N ASP N 101 23.52 41.09 -19.51
CA ASP N 101 22.71 41.46 -18.31
C ASP N 101 21.49 40.55 -18.27
N VAL N 102 21.24 39.90 -17.13
CA VAL N 102 20.05 39.04 -16.89
C VAL N 102 19.00 39.87 -16.13
N SER N 103 17.99 40.37 -16.84
CA SER N 103 16.79 41.02 -16.26
C SER N 103 15.88 39.94 -15.67
N THR N 104 15.51 40.08 -14.40
CA THR N 104 14.62 39.14 -13.68
C THR N 104 13.22 39.77 -13.55
N ILE N 105 12.18 39.02 -13.93
CA ILE N 105 10.74 39.43 -13.80
C ILE N 105 10.04 38.42 -12.90
N CYS N 106 9.41 38.89 -11.82
CA CYS N 106 8.65 38.05 -10.85
C CYS N 106 7.19 37.92 -11.31
N MET N 107 6.81 36.72 -11.75
CA MET N 107 5.41 36.34 -12.10
C MET N 107 4.85 35.46 -10.98
N GLY N 108 3.65 35.79 -10.49
CA GLY N 108 2.95 34.99 -9.47
C GLY N 108 3.62 35.07 -8.10
N GLN N 109 4.79 34.44 -7.96
CA GLN N 109 5.60 34.52 -6.70
C GLN N 109 7.07 34.22 -6.97
N ALA N 110 7.93 34.66 -6.05
CA ALA N 110 9.37 34.35 -5.96
C ALA N 110 9.73 34.21 -4.48
N CYS N 111 9.76 32.99 -3.95
CA CYS N 111 10.04 32.79 -2.51
C CYS N 111 11.30 31.96 -2.29
N SER N 112 11.95 32.15 -1.16
CA SER N 112 13.12 31.40 -0.77
C SER N 112 14.15 31.61 -1.87
N MET N 113 14.61 30.52 -2.48
CA MET N 113 15.63 30.59 -3.55
C MET N 113 15.11 31.39 -4.75
N GLY N 114 13.82 31.31 -5.07
CA GLY N 114 13.26 32.11 -6.16
C GLY N 114 13.44 33.60 -5.91
N ALA N 115 13.26 34.05 -4.67
CA ALA N 115 13.46 35.47 -4.30
C ALA N 115 14.93 35.86 -4.45
N PHE N 116 15.82 34.94 -4.08
CA PHE N 116 17.29 35.15 -4.13
C PHE N 116 17.75 35.37 -5.58
N LEU N 117 17.21 34.59 -6.50
CA LEU N 117 17.55 34.66 -7.96
C LEU N 117 16.93 35.91 -8.57
N LEU N 118 15.76 36.35 -8.08
CA LEU N 118 15.08 37.61 -8.48
C LEU N 118 15.98 38.81 -8.16
N THR N 119 16.53 38.87 -6.94
CA THR N 119 17.36 39.99 -6.43
C THR N 119 18.75 39.95 -7.09
N ALA N 120 19.14 38.81 -7.67
CA ALA N 120 20.48 38.58 -8.29
C ALA N 120 20.53 39.14 -9.71
N GLY N 121 19.40 39.60 -10.27
CA GLY N 121 19.33 40.21 -11.61
C GLY N 121 20.21 41.45 -11.74
N ALA N 122 20.45 41.91 -12.97
CA ALA N 122 21.22 43.13 -13.28
C ALA N 122 20.53 44.34 -12.67
N LYS N 123 21.26 45.17 -11.90
CA LYS N 123 20.72 46.36 -11.20
C LYS N 123 20.05 47.28 -12.22
N GLY N 124 18.87 47.80 -11.88
CA GLY N 124 18.01 48.62 -12.77
C GLY N 124 16.98 47.78 -13.51
N LYS N 125 17.16 46.46 -13.58
CA LYS N 125 16.38 45.55 -14.47
C LYS N 125 15.77 44.38 -13.69
N ARG N 126 15.65 44.51 -12.36
CA ARG N 126 14.90 43.54 -11.50
C ARG N 126 13.47 44.06 -11.32
N ILE N 127 12.47 43.28 -11.77
CA ILE N 127 11.06 43.72 -11.95
C ILE N 127 10.11 42.77 -11.21
N CYS N 128 9.20 43.33 -10.42
CA CYS N 128 7.98 42.64 -9.89
C CYS N 128 6.76 43.13 -10.67
N LEU N 129 5.85 42.21 -11.01
CA LEU N 129 4.49 42.57 -11.51
C LEU N 129 3.63 42.91 -10.30
N PRO N 130 2.57 43.73 -10.47
CA PRO N 130 1.95 44.44 -9.35
C PRO N 130 1.44 43.52 -8.22
N ASN N 131 0.93 42.33 -8.56
CA ASN N 131 0.28 41.38 -7.62
C ASN N 131 1.16 40.15 -7.40
N SER N 132 2.43 40.21 -7.80
CA SER N 132 3.45 39.17 -7.51
C SER N 132 3.77 39.20 -6.00
N ARG N 133 4.09 38.05 -5.42
CA ARG N 133 4.41 37.91 -3.97
C ARG N 133 5.87 37.48 -3.81
N VAL N 134 6.63 38.20 -2.99
CA VAL N 134 8.04 37.85 -2.64
C VAL N 134 8.05 37.39 -1.18
N MET N 135 8.90 36.41 -0.85
CA MET N 135 9.10 35.90 0.53
C MET N 135 10.55 35.42 0.68
N ILE N 136 11.17 35.74 1.81
CA ILE N 136 12.58 35.37 2.14
C ILE N 136 12.59 34.72 3.53
N HIS N 137 13.41 33.68 3.71
CA HIS N 137 13.70 33.05 5.03
C HIS N 137 15.01 32.25 4.95
N GLN N 138 15.56 31.92 6.11
CA GLN N 138 16.88 31.25 6.27
C GLN N 138 16.82 29.83 5.70
N PRO N 139 17.98 29.24 5.34
CA PRO N 139 18.02 27.87 4.82
C PRO N 139 17.38 26.82 5.73
N LEU N 140 16.85 25.75 5.12
CA LEU N 140 16.45 24.49 5.82
C LEU N 140 17.51 23.43 5.54
N GLY N 141 17.56 22.41 6.41
CA GLY N 141 18.50 21.28 6.29
C GLY N 141 17.99 20.08 7.06
N GLY N 142 18.74 18.98 7.03
CA GLY N 142 18.38 17.73 7.73
C GLY N 142 19.44 16.66 7.54
N PHE N 143 20.17 16.34 8.62
CA PHE N 143 21.12 15.21 8.69
C PHE N 143 20.72 14.29 9.84
N GLN N 144 21.10 13.00 9.74
CA GLN N 144 21.01 12.01 10.83
C GLN N 144 22.29 11.15 10.79
N GLY N 145 22.70 10.63 11.96
CA GLY N 145 23.90 9.79 12.10
C GLY N 145 24.70 10.18 13.33
N GLN N 146 25.99 9.82 13.34
CA GLN N 146 26.91 10.00 14.49
C GLN N 146 27.01 11.48 14.84
N ALA N 147 27.17 11.80 16.13
CA ALA N 147 27.24 13.16 16.68
C ALA N 147 28.36 13.95 15.98
N THR N 148 29.50 13.30 15.71
CA THR N 148 30.67 13.91 15.01
C THR N 148 30.25 14.43 13.63
N ASP N 149 29.49 13.63 12.87
CA ASP N 149 29.04 13.95 11.49
C ASP N 149 28.00 15.07 11.55
N ILE N 150 27.10 15.04 12.54
CA ILE N 150 26.06 16.08 12.77
C ILE N 150 26.75 17.44 12.96
N GLU N 151 27.85 17.47 13.74
CA GLU N 151 28.63 18.70 14.02
C GLU N 151 29.21 19.25 12.71
N ILE N 152 29.77 18.38 11.86
CA ILE N 152 30.35 18.74 10.53
C ILE N 152 29.25 19.35 9.65
N HIS N 153 28.06 18.72 9.63
CA HIS N 153 26.92 19.10 8.74
C HIS N 153 26.26 20.39 9.26
N ALA N 154 26.19 20.57 10.58
CA ALA N 154 25.67 21.79 11.24
C ALA N 154 26.57 22.99 10.90
N GLN N 155 27.90 22.80 10.98
CA GLN N 155 28.91 23.84 10.67
C GLN N 155 28.80 24.24 9.19
N GLU N 156 28.54 23.28 8.30
CA GLU N 156 28.40 23.52 6.84
C GLU N 156 27.15 24.36 6.58
N ILE N 157 26.04 24.05 7.25
CA ILE N 157 24.72 24.74 7.08
C ILE N 157 24.87 26.21 7.52
N LEU N 158 25.61 26.47 8.62
CA LEU N 158 25.87 27.83 9.14
C LEU N 158 26.70 28.64 8.13
N LYS N 159 27.72 28.02 7.54
CA LYS N 159 28.61 28.66 6.53
C LYS N 159 27.79 29.06 5.30
N VAL N 160 26.86 28.19 4.86
CA VAL N 160 25.94 28.44 3.71
C VAL N 160 25.01 29.61 4.08
N LYS N 161 24.42 29.58 5.27
CA LYS N 161 23.51 30.64 5.77
C LYS N 161 24.23 32.00 5.76
N SER N 162 25.46 32.06 6.28
CA SER N 162 26.33 33.26 6.32
C SER N 162 26.57 33.79 4.91
N ARG N 163 26.93 32.89 3.97
CA ARG N 163 27.23 33.21 2.56
C ARG N 163 25.97 33.74 1.86
N MET N 164 24.82 33.08 2.05
CA MET N 164 23.53 33.45 1.42
C MET N 164 23.13 34.86 1.89
N ASN N 165 23.32 35.15 3.19
CA ASN N 165 23.01 36.47 3.80
C ASN N 165 23.91 37.55 3.18
N GLU N 166 25.21 37.25 3.02
CA GLU N 166 26.22 38.18 2.44
C GLU N 166 25.81 38.58 1.02
N LEU N 167 25.42 37.60 0.20
CA LEU N 167 25.02 37.81 -1.22
C LEU N 167 23.71 38.62 -1.27
N MET N 168 22.78 38.33 -0.36
CA MET N 168 21.49 39.07 -0.25
C MET N 168 21.77 40.53 0.14
N ALA N 169 22.68 40.74 1.10
CA ALA N 169 23.14 42.08 1.55
C ALA N 169 23.75 42.86 0.38
N LYS N 170 24.54 42.17 -0.46
CA LYS N 170 25.27 42.77 -1.61
C LYS N 170 24.29 43.27 -2.67
N HIS N 171 23.21 42.50 -2.94
CA HIS N 171 22.26 42.75 -4.06
C HIS N 171 21.11 43.68 -3.62
N THR N 172 20.73 43.67 -2.34
CA THR N 172 19.66 44.53 -1.78
C THR N 172 20.22 45.88 -1.37
N GLY N 173 21.49 45.91 -0.91
CA GLY N 173 22.15 47.13 -0.38
C GLY N 173 21.89 47.31 1.10
N ARG N 174 21.15 46.38 1.74
CA ARG N 174 20.90 46.36 3.20
C ARG N 174 22.06 45.64 3.88
N PRO N 175 22.44 46.01 5.13
CA PRO N 175 23.54 45.34 5.82
C PRO N 175 23.16 43.90 6.22
N ILE N 176 24.17 43.04 6.36
CA ILE N 176 24.02 41.58 6.63
C ILE N 176 23.25 41.36 7.94
N GLU N 177 23.43 42.23 8.94
CA GLU N 177 22.79 42.13 10.28
C GLU N 177 21.26 42.22 10.14
N GLU N 178 20.78 43.08 9.25
CA GLU N 178 19.32 43.33 9.01
C GLU N 178 18.73 42.19 8.17
N ILE N 179 19.48 41.70 7.17
CA ILE N 179 19.08 40.54 6.32
C ILE N 179 18.92 39.30 7.23
N ALA N 180 19.86 39.11 8.16
CA ALA N 180 19.88 37.98 9.12
C ALA N 180 18.63 38.01 10.01
N LYS N 181 18.37 39.14 10.67
CA LYS N 181 17.21 39.33 11.58
C LYS N 181 15.91 39.03 10.84
N ASP N 182 15.78 39.54 9.60
CA ASP N 182 14.52 39.53 8.81
C ASP N 182 14.23 38.13 8.26
N THR N 183 15.26 37.29 8.09
CA THR N 183 15.13 35.95 7.45
C THR N 183 15.16 34.83 8.51
N GLU N 184 15.22 35.16 9.80
CA GLU N 184 15.12 34.18 10.91
C GLU N 184 13.80 33.42 10.78
N ARG N 185 12.71 34.15 10.47
CA ARG N 185 11.37 33.57 10.20
C ARG N 185 10.87 34.08 8.84
N ASP N 186 9.84 33.43 8.30
CA ASP N 186 9.23 33.75 6.98
C ASP N 186 8.85 35.24 6.96
N ARG N 187 9.39 35.98 5.99
CA ARG N 187 9.11 37.43 5.77
C ARG N 187 8.49 37.59 4.37
N PHE N 188 7.19 37.87 4.32
CA PHE N 188 6.40 38.10 3.09
C PHE N 188 6.45 39.59 2.72
N LEU N 189 6.67 39.88 1.43
CA LEU N 189 6.69 41.26 0.89
C LEU N 189 5.74 41.34 -0.31
N SER N 190 4.98 42.45 -0.40
CA SER N 190 4.26 42.88 -1.63
C SER N 190 5.29 43.45 -2.62
N ALA N 191 4.86 43.70 -3.86
CA ALA N 191 5.69 44.29 -4.94
C ALA N 191 6.30 45.62 -4.45
N ASP N 192 5.46 46.50 -3.87
CA ASP N 192 5.86 47.81 -3.30
C ASP N 192 6.93 47.60 -2.22
N GLU N 193 6.72 46.63 -1.33
CA GLU N 193 7.62 46.32 -0.18
C GLU N 193 8.94 45.75 -0.68
N ALA N 194 8.92 44.98 -1.78
CA ALA N 194 10.11 44.37 -2.41
C ALA N 194 11.02 45.45 -3.00
N VAL N 195 10.42 46.51 -3.58
CA VAL N 195 11.13 47.70 -4.13
C VAL N 195 11.75 48.48 -2.95
N GLU N 196 11.00 48.67 -1.87
CA GLU N 196 11.44 49.38 -0.63
C GLU N 196 12.61 48.62 0.01
N TYR N 197 12.53 47.27 0.04
CA TYR N 197 13.56 46.39 0.64
C TYR N 197 14.81 46.34 -0.27
N GLY N 198 14.63 46.60 -1.57
CA GLY N 198 15.71 46.64 -2.58
C GLY N 198 15.92 45.30 -3.27
N LEU N 199 14.97 44.36 -3.13
CA LEU N 199 14.99 43.03 -3.79
C LEU N 199 14.80 43.23 -5.30
N VAL N 200 13.94 44.16 -5.69
CA VAL N 200 13.70 44.55 -7.12
C VAL N 200 13.85 46.07 -7.23
N ASP N 201 13.93 46.57 -8.47
CA ASP N 201 14.22 48.01 -8.78
C ASP N 201 12.92 48.77 -9.11
N LYS N 202 11.95 48.10 -9.73
CA LYS N 202 10.74 48.76 -10.29
C LYS N 202 9.57 47.77 -10.39
N ILE N 203 8.36 48.29 -10.63
CA ILE N 203 7.11 47.52 -10.87
C ILE N 203 6.59 47.87 -12.27
N PHE N 204 6.30 46.86 -13.09
CA PHE N 204 5.65 46.98 -14.42
C PHE N 204 4.18 46.61 -14.29
N THR N 205 3.28 47.54 -14.66
CA THR N 205 1.80 47.37 -14.60
C THR N 205 1.24 47.24 -16.02
N HIS N 206 1.59 48.19 -16.90
CA HIS N 206 1.21 48.19 -18.35
C HIS N 206 2.46 48.48 -19.19
N ARG N 207 2.47 48.01 -20.44
CA ARG N 207 3.56 48.27 -21.42
C ARG N 207 3.37 49.70 -21.98
#